data_6L0R
#
_entry.id   6L0R
#
_cell.length_a   74.460
_cell.length_b   74.460
_cell.length_c   275.770
_cell.angle_alpha   90.000
_cell.angle_beta   90.000
_cell.angle_gamma   90.000
#
_symmetry.space_group_name_H-M   'P 43'
#
loop_
_entity.id
_entity.type
_entity.pdbx_description
1 polymer 'Protein CysO'
2 non-polymer '(2S)-3-acetyloxy-2-[(E)-[2-methyl-3-oxidanyl-5-(phosphonooxymethyl)pyridin-4-yl]methylideneamino]propanoic acid'
3 non-polymer (4S)-2-METHYL-2,4-PENTANEDIOL
4 water water
#
_entity_poly.entity_id   1
_entity_poly.type   'polypeptide(L)'
_entity_poly.pdbx_seq_one_letter_code
;MALADISGYLDVLDSVRGFSYLENAREVLRSGEARCLGNPRSEPEYVKALYVIGASRIPVGDGCSHTLEELGVFDISVPG
EMVFPSPLDFFERGKPTPLVRSRLQLPNGVRVWLKLEWYNPFSLSVADRPAVEIISRLSRRVEKGSLVADATSSNFGVAL
SAVARLYGYRARVYLPGAAEEFGKLLPRLLGAQVIVDPEAPSTVHLLPRVMKDSKNEGFVHVNQYYNDANFEAHMRGTAR
EIFVQSRRGGLALRGVAGSLGTSGHMSAAAFYLQSVDPSIRAVLVQPAQGDSIPGIARVETGMLWINMLDISYTLAEVTL
EEAMEAVVEVARSDGLVIGPSGGAAVKALAKKAAEGDLEPGDYVVVVPDTGFKYLSLVQNALEGAGDSV
;
_entity_poly.pdbx_strand_id   A,B,C,D
#
# COMPACT_ATOMS: atom_id res chain seq x y z
N ALA A 2 8.24 11.71 15.91
CA ALA A 2 8.12 11.44 14.43
C ALA A 2 7.32 10.17 14.12
N LEU A 3 6.49 10.20 13.09
CA LEU A 3 5.62 9.07 12.73
C LEU A 3 6.24 8.27 11.56
N ALA A 4 6.25 6.93 11.69
CA ALA A 4 6.67 6.03 10.61
C ALA A 4 5.70 4.85 10.45
N ASP A 5 5.80 4.21 9.29
CA ASP A 5 4.83 3.22 8.84
C ASP A 5 5.00 1.94 9.63
N ILE A 6 3.90 1.33 10.09
CA ILE A 6 3.98 0.11 10.92
C ILE A 6 4.17 -1.17 10.09
N SER A 7 3.75 -1.17 8.83
CA SER A 7 3.90 -2.37 8.00
C SER A 7 5.34 -2.90 8.03
N GLY A 8 6.32 -2.02 7.84
CA GLY A 8 7.74 -2.42 7.85
C GLY A 8 8.20 -3.19 9.07
N TYR A 9 7.63 -2.87 10.24
CA TYR A 9 8.00 -3.46 11.52
C TYR A 9 7.06 -4.60 11.97
N LEU A 10 6.42 -5.30 11.02
CA LEU A 10 5.48 -6.40 11.34
C LEU A 10 6.11 -7.80 11.37
N ASP A 11 7.44 -7.87 11.40
CA ASP A 11 8.16 -9.08 11.85
C ASP A 11 7.98 -9.34 13.35
N VAL A 12 7.61 -8.32 14.13
CA VAL A 12 7.32 -8.51 15.56
C VAL A 12 6.17 -9.47 15.80
N LEU A 13 5.30 -9.63 14.80
CA LEU A 13 4.26 -10.67 14.77
C LEU A 13 4.86 -12.11 14.73
N ASP A 14 6.05 -12.27 14.13
CA ASP A 14 6.79 -13.55 14.14
C ASP A 14 7.96 -13.58 15.15
N SER A 15 7.80 -12.98 16.33
CA SER A 15 8.90 -12.88 17.30
C SER A 15 8.41 -12.63 18.71
N VAL A 16 7.53 -11.64 18.90
CA VAL A 16 6.91 -11.48 20.21
C VAL A 16 6.05 -12.70 20.46
N ARG A 17 6.23 -13.27 21.64
CA ARG A 17 5.33 -14.30 22.13
C ARG A 17 4.76 -13.78 23.43
N GLY A 18 3.80 -14.51 23.99
CA GLY A 18 3.26 -14.20 25.31
C GLY A 18 2.23 -13.09 25.29
N PHE A 19 1.76 -12.74 26.48
CA PHE A 19 0.77 -11.67 26.69
C PHE A 19 1.29 -10.45 27.44
N SER A 20 2.53 -10.51 27.96
CA SER A 20 3.16 -9.37 28.68
C SER A 20 3.13 -8.06 27.86
N TYR A 21 3.23 -8.19 26.54
CA TYR A 21 3.12 -7.04 25.61
C TYR A 21 1.81 -6.26 25.73
N LEU A 22 0.72 -6.92 26.14
CA LEU A 22 -0.58 -6.24 26.33
C LEU A 22 -0.59 -5.17 27.42
N GLU A 23 0.32 -5.29 28.40
CA GLU A 23 0.54 -4.22 29.40
C GLU A 23 0.82 -2.89 28.70
N ASN A 24 1.56 -2.96 27.59
CA ASN A 24 1.84 -1.77 26.77
C ASN A 24 0.55 -1.25 26.13
N ALA A 25 -0.28 -2.17 25.62
CA ALA A 25 -1.57 -1.79 25.00
C ALA A 25 -2.44 -1.02 25.99
N ARG A 26 -2.66 -1.62 27.17
CA ARG A 26 -3.52 -1.01 28.19
C ARG A 26 -3.07 0.41 28.52
N GLU A 27 -1.76 0.62 28.68
CA GLU A 27 -1.31 1.96 29.06
C GLU A 27 -1.48 2.96 27.93
N VAL A 28 -1.13 2.56 26.71
CA VAL A 28 -1.31 3.47 25.56
C VAL A 28 -2.77 3.88 25.38
N LEU A 29 -3.68 2.91 25.48
CA LEU A 29 -5.12 3.13 25.35
C LEU A 29 -5.67 4.00 26.49
N ARG A 30 -5.36 3.63 27.73
CA ARG A 30 -5.82 4.37 28.90
C ARG A 30 -5.30 5.81 28.90
N SER A 31 -4.03 6.00 28.55
CA SER A 31 -3.45 7.34 28.46
C SER A 31 -3.93 8.07 27.21
N GLY A 32 -4.18 7.30 26.14
CA GLY A 32 -4.49 7.90 24.83
C GLY A 32 -3.25 8.43 24.13
N GLU A 33 -2.08 7.97 24.54
CA GLU A 33 -0.87 8.25 23.80
C GLU A 33 0.18 7.17 24.03
N ALA A 34 1.27 7.28 23.28
CA ALA A 34 2.35 6.32 23.29
C ALA A 34 3.66 7.09 23.17
N ARG A 35 4.71 6.57 23.79
CA ARG A 35 6.01 7.25 23.86
C ARG A 35 6.80 6.97 22.58
N CYS A 36 7.51 7.99 22.07
CA CYS A 36 8.39 7.80 20.91
C CYS A 36 9.52 6.85 21.27
N LEU A 37 9.80 5.91 20.35
CA LEU A 37 10.88 4.94 20.46
C LEU A 37 12.13 5.39 19.69
N GLY A 38 13.26 5.54 20.39
CA GLY A 38 14.52 5.87 19.74
C GLY A 38 14.97 4.77 18.79
N ASN A 39 14.82 3.53 19.24
CA ASN A 39 15.21 2.36 18.48
C ASN A 39 14.00 1.42 18.43
N PRO A 40 13.11 1.60 17.44
CA PRO A 40 11.94 0.73 17.24
C PRO A 40 12.19 -0.78 17.36
N ARG A 41 13.36 -1.23 16.92
CA ARG A 41 13.74 -2.65 16.96
C ARG A 41 14.08 -3.19 18.36
N SER A 42 14.48 -2.31 19.28
CA SER A 42 14.76 -2.72 20.65
C SER A 42 13.49 -2.85 21.52
N GLU A 43 12.31 -2.57 20.94
CA GLU A 43 11.05 -2.51 21.70
C GLU A 43 9.95 -3.38 21.08
N PRO A 44 10.26 -4.67 20.81
CA PRO A 44 9.30 -5.52 20.08
C PRO A 44 7.92 -5.57 20.74
N GLU A 45 7.89 -5.55 22.07
CA GLU A 45 6.64 -5.60 22.85
C GLU A 45 5.80 -4.37 22.57
N TYR A 46 6.44 -3.21 22.50
CA TYR A 46 5.76 -1.96 22.32
C TYR A 46 5.23 -1.87 20.90
N VAL A 47 6.07 -2.17 19.91
CA VAL A 47 5.60 -2.11 18.58
C VAL A 47 4.38 -3.03 18.42
N LYS A 48 4.43 -4.24 18.96
CA LYS A 48 3.32 -5.16 18.74
C LYS A 48 2.06 -4.60 19.36
N ALA A 49 2.15 -4.14 20.59
CA ALA A 49 0.98 -3.52 21.24
C ALA A 49 0.33 -2.47 20.34
N LEU A 50 1.11 -1.58 19.71
CA LEU A 50 0.55 -0.55 18.88
C LEU A 50 -0.24 -1.13 17.68
N TYR A 51 0.27 -2.17 17.06
CA TYR A 51 -0.43 -2.80 15.94
C TYR A 51 -1.74 -3.46 16.38
N VAL A 52 -1.72 -4.03 17.57
CA VAL A 52 -2.83 -4.82 18.18
C VAL A 52 -4.01 -3.93 18.59
N ILE A 53 -3.73 -2.71 19.04
CA ILE A 53 -4.76 -1.71 19.26
C ILE A 53 -5.27 -1.00 18.01
N GLY A 54 -4.72 -1.32 16.82
CA GLY A 54 -5.10 -0.73 15.57
C GLY A 54 -4.32 0.49 15.10
N ALA A 55 -3.10 0.71 15.58
CA ALA A 55 -2.23 1.77 15.02
C ALA A 55 -1.84 1.40 13.61
N SER A 56 -1.64 2.39 12.74
CA SER A 56 -1.15 2.19 11.37
C SER A 56 0.27 2.71 11.24
N ARG A 57 0.69 3.49 12.26
CA ARG A 57 1.97 4.16 12.30
C ARG A 57 2.58 3.92 13.68
N ILE A 58 3.88 4.18 13.82
CA ILE A 58 4.54 4.06 15.11
C ILE A 58 5.37 5.30 15.45
N PRO A 59 5.42 5.65 16.74
CA PRO A 59 6.11 6.87 17.15
C PRO A 59 7.62 6.63 17.35
N VAL A 60 8.43 7.40 16.61
CA VAL A 60 9.86 7.17 16.50
C VAL A 60 10.60 8.47 16.76
N GLY A 61 11.69 8.40 17.53
CA GLY A 61 12.49 9.58 17.88
C GLY A 61 12.81 9.59 19.36
N ASP A 62 13.28 10.75 19.83
CA ASP A 62 13.97 10.86 21.11
C ASP A 62 13.17 11.74 22.11
N GLY A 63 12.33 11.10 22.92
CA GLY A 63 11.60 11.79 24.00
C GLY A 63 10.14 12.18 23.75
N CYS A 64 9.73 12.27 22.48
CA CYS A 64 8.34 12.68 22.14
C CYS A 64 7.29 11.61 22.44
N SER A 65 6.03 11.97 22.20
CA SER A 65 4.90 11.02 22.22
C SER A 65 3.92 11.39 21.12
N HIS A 66 3.07 10.42 20.75
CA HIS A 66 2.00 10.64 19.78
C HIS A 66 0.68 10.06 20.27
N THR A 67 -0.39 10.78 19.94
CA THR A 67 -1.75 10.42 20.31
C THR A 67 -2.27 9.28 19.45
N LEU A 68 -3.38 8.68 19.89
CA LEU A 68 -4.01 7.56 19.18
C LEU A 68 -4.41 7.94 17.75
N GLU A 69 -4.90 9.18 17.58
CA GLU A 69 -5.28 9.72 16.27
C GLU A 69 -4.04 9.93 15.39
N GLU A 70 -2.97 10.48 15.96
CA GLU A 70 -1.70 10.57 15.21
C GLU A 70 -1.22 9.18 14.77
N LEU A 71 -1.31 8.20 15.68
CA LEU A 71 -0.91 6.82 15.38
C LEU A 71 -1.77 6.09 14.35
N GLY A 72 -3.01 6.56 14.15
CA GLY A 72 -3.92 5.95 13.17
C GLY A 72 -4.96 4.99 13.68
N VAL A 73 -5.13 4.90 14.99
CA VAL A 73 -6.26 4.15 15.62
C VAL A 73 -7.61 4.67 15.10
N PHE A 74 -7.73 5.99 14.92
CA PHE A 74 -8.94 6.59 14.42
C PHE A 74 -8.96 6.86 12.90
N ASP A 75 -8.02 6.34 12.13
CA ASP A 75 -8.06 6.57 10.68
C ASP A 75 -9.33 5.97 10.09
N ILE A 76 -9.95 6.69 9.16
CA ILE A 76 -11.09 6.15 8.40
C ILE A 76 -10.44 5.38 7.26
N SER A 77 -10.76 4.10 7.16
CA SER A 77 -10.31 3.24 6.07
C SER A 77 -11.23 3.23 4.84
N VAL A 78 -12.53 3.42 5.04
CA VAL A 78 -13.52 2.99 4.02
C VAL A 78 -13.60 4.02 2.89
N PRO A 79 -13.60 3.55 1.63
CA PRO A 79 -13.87 4.54 0.59
C PRO A 79 -15.34 4.96 0.64
N GLY A 80 -15.59 6.27 0.72
CA GLY A 80 -16.94 6.83 0.70
C GLY A 80 -17.83 6.14 -0.32
N GLU A 81 -17.26 5.93 -1.49
CA GLU A 81 -17.90 5.26 -2.62
C GLU A 81 -18.07 3.73 -2.55
N MET A 82 -17.45 3.05 -1.57
CA MET A 82 -17.49 1.58 -1.48
C MET A 82 -17.02 0.86 -2.75
N VAL A 83 -15.96 1.38 -3.35
CA VAL A 83 -15.34 0.69 -4.46
C VAL A 83 -13.99 0.12 -4.03
N PHE A 84 -13.77 -1.18 -4.31
CA PHE A 84 -12.61 -1.91 -3.80
C PHE A 84 -11.97 -2.69 -4.97
N PRO A 85 -10.61 -2.65 -5.13
CA PRO A 85 -9.99 -3.41 -6.23
C PRO A 85 -9.94 -4.91 -6.04
N SER A 86 -10.29 -5.41 -4.87
CA SER A 86 -10.35 -6.85 -4.66
C SER A 86 -11.16 -7.18 -3.41
N PRO A 87 -11.70 -8.41 -3.36
CA PRO A 87 -12.41 -8.88 -2.15
C PRO A 87 -11.58 -8.81 -0.85
N LEU A 88 -10.33 -9.28 -0.87
CA LEU A 88 -9.46 -9.25 0.32
C LEU A 88 -9.29 -7.81 0.83
N ASP A 89 -9.04 -6.88 -0.09
CA ASP A 89 -9.05 -5.45 0.24
C ASP A 89 -10.41 -4.92 0.72
N PHE A 90 -11.50 -5.58 0.32
CA PHE A 90 -12.85 -5.22 0.76
C PHE A 90 -13.07 -5.64 2.21
N PHE A 91 -12.65 -6.86 2.55
CA PHE A 91 -12.58 -7.24 3.97
C PHE A 91 -11.75 -6.23 4.79
N GLU A 92 -10.57 -5.88 4.27
CA GLU A 92 -9.63 -5.01 4.97
C GLU A 92 -10.13 -3.59 5.17
N ARG A 93 -10.47 -2.91 4.08
CA ARG A 93 -10.82 -1.49 4.16
C ARG A 93 -12.31 -1.17 4.31
N GLY A 94 -13.21 -2.09 3.98
CA GLY A 94 -14.63 -1.84 4.13
C GLY A 94 -14.94 -2.20 5.57
N LYS A 95 -14.65 -1.26 6.47
CA LYS A 95 -14.82 -1.43 7.91
C LYS A 95 -14.97 -0.01 8.49
N PRO A 96 -15.62 0.16 9.62
CA PRO A 96 -16.21 -0.89 10.50
C PRO A 96 -17.41 -1.65 9.92
N THR A 97 -17.65 -2.88 10.38
CA THR A 97 -18.94 -3.49 10.21
C THR A 97 -19.96 -2.53 10.89
N PRO A 98 -21.19 -2.44 10.36
CA PRO A 98 -22.25 -1.52 10.82
C PRO A 98 -22.53 -1.63 12.32
N LEU A 99 -22.65 -0.49 13.03
CA LEU A 99 -23.26 -0.47 14.38
C LEU A 99 -24.68 0.15 14.24
N VAL A 100 -25.71 -0.67 14.47
CA VAL A 100 -27.10 -0.22 14.28
C VAL A 100 -27.87 -0.11 15.63
N ARG A 101 -28.39 1.07 15.95
CA ARG A 101 -29.19 1.25 17.17
C ARG A 101 -30.56 0.60 17.00
N SER A 102 -30.85 -0.38 17.84
CA SER A 102 -32.09 -1.14 17.79
C SER A 102 -33.26 -0.37 18.40
N ARG A 103 -34.44 -0.62 17.84
CA ARG A 103 -35.73 -0.17 18.42
C ARG A 103 -36.14 -1.02 19.64
N LEU A 104 -35.53 -2.20 19.79
CA LEU A 104 -35.69 -3.04 20.99
C LEU A 104 -35.44 -2.20 22.24
N GLN A 105 -36.41 -2.20 23.15
CA GLN A 105 -36.30 -1.45 24.41
C GLN A 105 -36.11 -2.44 25.55
N LEU A 106 -35.06 -2.21 26.34
CA LEU A 106 -34.80 -2.96 27.56
C LEU A 106 -35.08 -2.04 28.76
N PRO A 107 -35.35 -2.63 29.94
CA PRO A 107 -35.61 -1.82 31.13
C PRO A 107 -34.39 -1.07 31.66
N ASN A 108 -34.67 -0.14 32.59
CA ASN A 108 -33.65 0.64 33.33
C ASN A 108 -32.78 1.54 32.44
N GLY A 109 -33.30 1.93 31.28
CA GLY A 109 -32.54 2.74 30.33
C GLY A 109 -31.30 2.05 29.77
N VAL A 110 -31.43 0.75 29.49
CA VAL A 110 -30.39 -0.02 28.80
C VAL A 110 -30.69 0.03 27.31
N ARG A 111 -29.84 0.75 26.55
CA ARG A 111 -30.06 1.01 25.11
C ARG A 111 -29.24 0.04 24.26
N VAL A 112 -29.93 -0.70 23.38
CA VAL A 112 -29.35 -1.80 22.63
C VAL A 112 -28.86 -1.30 21.30
N TRP A 113 -27.60 -1.60 21.01
CA TRP A 113 -26.98 -1.32 19.69
C TRP A 113 -26.49 -2.65 19.17
N LEU A 114 -26.49 -2.87 17.85
CA LEU A 114 -26.23 -4.18 17.26
C LEU A 114 -25.12 -4.09 16.21
N LYS A 115 -24.01 -4.78 16.49
CA LYS A 115 -22.80 -4.78 15.66
C LYS A 115 -22.93 -6.03 14.79
N LEU A 116 -23.06 -5.79 13.50
CA LEU A 116 -23.61 -6.77 12.57
C LEU A 116 -22.42 -7.38 11.84
N GLU A 117 -21.90 -8.46 12.41
CA GLU A 117 -20.70 -9.14 11.89
C GLU A 117 -20.95 -10.05 10.69
N TRP A 118 -22.21 -10.21 10.27
CA TRP A 118 -22.51 -10.84 8.99
C TRP A 118 -22.09 -9.97 7.80
N TYR A 119 -21.86 -8.68 8.02
CA TYR A 119 -21.23 -7.80 7.01
C TYR A 119 -19.72 -8.07 6.79
N ASN A 120 -19.35 -9.35 6.74
CA ASN A 120 -18.02 -9.80 6.39
C ASN A 120 -18.19 -10.59 5.07
N PRO A 121 -17.31 -10.34 4.09
CA PRO A 121 -17.58 -10.82 2.74
C PRO A 121 -17.53 -12.36 2.50
N PHE A 122 -16.74 -13.12 3.26
CA PHE A 122 -16.47 -14.55 2.96
C PHE A 122 -17.39 -15.55 3.66
N SER A 123 -17.56 -15.38 4.97
CA SER A 123 -18.42 -16.25 5.78
C SER A 123 -19.69 -15.54 6.26
N LEU A 124 -19.88 -14.27 5.91
CA LEU A 124 -21.03 -13.54 6.41
C LEU A 124 -21.17 -13.88 7.90
N SER A 125 -20.03 -13.79 8.58
CA SER A 125 -19.91 -13.97 10.02
C SER A 125 -18.61 -13.37 10.54
N VAL A 126 -18.60 -13.05 11.82
CA VAL A 126 -17.36 -12.63 12.53
C VAL A 126 -16.09 -13.49 12.23
N ALA A 127 -16.24 -14.80 12.10
CA ALA A 127 -15.08 -15.70 11.86
C ALA A 127 -14.11 -15.30 10.68
N ASP A 128 -14.57 -14.47 9.75
CA ASP A 128 -13.66 -13.88 8.74
C ASP A 128 -12.47 -13.20 9.34
N ARG A 129 -12.64 -12.45 10.43
CA ARG A 129 -11.53 -11.64 10.86
C ARG A 129 -10.31 -12.45 11.36
N PRO A 130 -10.52 -13.51 12.19
CA PRO A 130 -9.39 -14.33 12.54
C PRO A 130 -8.82 -15.02 11.32
N ALA A 131 -9.66 -15.34 10.34
CA ALA A 131 -9.24 -16.23 9.23
C ALA A 131 -8.29 -15.58 8.25
N VAL A 132 -8.50 -14.27 8.04
CA VAL A 132 -7.59 -13.40 7.29
C VAL A 132 -6.30 -13.07 8.07
N GLU A 133 -6.41 -12.81 9.38
CA GLU A 133 -5.24 -12.55 10.21
C GLU A 133 -4.25 -13.74 10.33
N ILE A 134 -4.76 -14.90 10.73
CA ILE A 134 -4.04 -16.16 10.79
C ILE A 134 -3.41 -16.48 9.42
N ILE A 135 -4.22 -16.52 8.36
CA ILE A 135 -3.69 -16.92 7.04
C ILE A 135 -2.69 -15.89 6.49
N SER A 136 -2.84 -14.62 6.86
CA SER A 136 -1.96 -13.54 6.37
C SER A 136 -0.52 -13.68 6.90
N ARG A 137 -0.41 -13.89 8.21
CA ARG A 137 0.84 -14.25 8.87
C ARG A 137 1.41 -15.56 8.31
N LEU A 138 0.53 -16.49 8.00
CA LEU A 138 0.94 -17.81 7.51
C LEU A 138 1.65 -17.72 6.16
N SER A 139 1.12 -16.87 5.29
CA SER A 139 1.75 -16.55 4.01
C SER A 139 3.25 -16.16 4.07
N ARG A 140 3.67 -15.64 5.22
CA ARG A 140 5.07 -15.32 5.51
C ARG A 140 6.00 -16.55 5.54
N ARG A 141 5.48 -17.65 6.09
CA ARG A 141 6.26 -18.84 6.47
C ARG A 141 6.01 -20.06 5.58
N VAL A 142 4.74 -20.46 5.45
CA VAL A 142 4.36 -21.75 4.84
C VAL A 142 4.26 -21.58 3.33
N GLU A 143 4.89 -22.50 2.59
CA GLU A 143 4.86 -22.49 1.12
C GLU A 143 3.42 -22.59 0.55
N LYS A 144 3.20 -21.90 -0.56
CA LYS A 144 1.93 -21.97 -1.29
C LYS A 144 1.67 -23.39 -1.84
N GLY A 145 0.40 -23.76 -1.93
CA GLY A 145 0.00 -25.15 -2.23
C GLY A 145 -0.16 -26.05 -1.01
N SER A 146 0.29 -25.58 0.15
CA SER A 146 0.21 -26.35 1.39
C SER A 146 -1.27 -26.50 1.83
N LEU A 147 -1.56 -27.56 2.59
CA LEU A 147 -2.92 -27.77 3.10
C LEU A 147 -3.02 -27.11 4.48
N VAL A 148 -4.01 -26.25 4.68
CA VAL A 148 -4.28 -25.71 6.04
C VAL A 148 -5.62 -26.18 6.53
N ALA A 149 -5.76 -26.39 7.81
CA ALA A 149 -6.89 -27.13 8.25
C ALA A 149 -7.21 -26.78 9.67
N ASP A 150 -8.44 -27.10 10.09
CA ASP A 150 -8.91 -26.92 11.47
C ASP A 150 -10.31 -27.53 11.64
N ALA A 151 -10.75 -27.64 12.90
CA ALA A 151 -12.12 -27.93 13.26
C ALA A 151 -12.92 -26.62 13.38
N THR A 152 -14.22 -26.73 13.12
CA THR A 152 -15.18 -25.61 13.15
C THR A 152 -16.61 -26.07 13.46
N SER A 153 -17.37 -25.24 14.17
CA SER A 153 -18.84 -25.37 14.17
C SER A 153 -19.44 -25.11 12.77
N SER A 154 -18.84 -24.16 12.01
CA SER A 154 -19.23 -23.84 10.62
C SER A 154 -18.54 -22.56 10.07
N ASN A 155 -18.61 -21.46 10.82
CA ASN A 155 -18.26 -20.16 10.21
C ASN A 155 -16.79 -20.07 9.82
N PHE A 156 -15.90 -20.44 10.73
CA PHE A 156 -14.45 -20.37 10.48
C PHE A 156 -13.96 -21.27 9.33
N GLY A 157 -14.52 -22.48 9.21
CA GLY A 157 -14.27 -23.37 8.06
C GLY A 157 -14.61 -22.85 6.68
N VAL A 158 -15.68 -22.06 6.62
CA VAL A 158 -16.05 -21.32 5.42
C VAL A 158 -15.08 -20.16 5.23
N ALA A 159 -14.85 -19.41 6.29
CA ALA A 159 -13.87 -18.29 6.20
C ALA A 159 -12.43 -18.76 5.85
N LEU A 160 -12.02 -19.86 6.46
CA LEU A 160 -10.73 -20.48 6.24
C LEU A 160 -10.63 -20.96 4.79
N SER A 161 -11.67 -21.61 4.30
CA SER A 161 -11.67 -22.17 2.93
C SER A 161 -11.51 -21.06 1.88
N ALA A 162 -12.29 -19.98 1.95
CA ALA A 162 -12.25 -18.91 0.94
C ALA A 162 -10.91 -18.16 0.99
N VAL A 163 -10.49 -17.81 2.21
CA VAL A 163 -9.24 -17.08 2.44
C VAL A 163 -7.99 -17.93 2.18
N ALA A 164 -8.06 -19.20 2.55
CA ALA A 164 -6.94 -20.11 2.24
C ALA A 164 -6.70 -20.06 0.74
N ARG A 165 -7.78 -20.21 -0.02
CA ARG A 165 -7.72 -20.28 -1.47
C ARG A 165 -7.36 -18.96 -2.16
N LEU A 166 -7.72 -17.82 -1.56
CA LEU A 166 -7.17 -16.53 -2.01
C LEU A 166 -5.66 -16.35 -1.74
N TYR A 167 -5.11 -17.11 -0.80
CA TYR A 167 -3.68 -17.04 -0.44
C TYR A 167 -2.83 -18.17 -1.05
N GLY A 168 -3.41 -18.94 -1.97
CA GLY A 168 -2.71 -20.05 -2.63
C GLY A 168 -2.73 -21.40 -1.89
N TYR A 169 -3.30 -21.41 -0.68
CA TYR A 169 -3.33 -22.61 0.17
C TYR A 169 -4.58 -23.44 0.02
N ARG A 170 -4.41 -24.72 0.33
CA ARG A 170 -5.47 -25.73 0.21
C ARG A 170 -6.13 -25.81 1.54
N ALA A 171 -7.37 -26.27 1.59
CA ALA A 171 -8.10 -26.18 2.84
C ALA A 171 -8.78 -27.50 3.15
N ARG A 172 -8.73 -27.88 4.43
CA ARG A 172 -9.51 -29.00 4.95
C ARG A 172 -10.21 -28.46 6.18
N VAL A 173 -11.49 -28.71 6.29
CA VAL A 173 -12.25 -28.33 7.48
C VAL A 173 -12.85 -29.60 8.08
N TYR A 174 -12.94 -29.69 9.41
CA TYR A 174 -13.52 -30.85 10.13
C TYR A 174 -14.72 -30.36 10.95
N LEU A 175 -15.89 -30.96 10.75
CA LEU A 175 -17.14 -30.49 11.38
C LEU A 175 -17.81 -31.58 12.22
N PRO A 176 -18.44 -31.20 13.36
CA PRO A 176 -19.31 -32.19 14.02
C PRO A 176 -20.61 -32.41 13.24
N GLY A 177 -21.15 -33.63 13.28
CA GLY A 177 -22.42 -34.00 12.64
C GLY A 177 -23.57 -33.05 12.88
N ALA A 178 -23.66 -32.52 14.10
CA ALA A 178 -24.72 -31.58 14.48
C ALA A 178 -24.60 -30.14 13.90
N ALA A 179 -23.51 -29.83 13.21
CA ALA A 179 -23.34 -28.51 12.55
C ALA A 179 -24.34 -28.29 11.40
N GLU A 180 -24.52 -27.03 10.99
CA GLU A 180 -25.44 -26.69 9.88
C GLU A 180 -24.89 -27.08 8.53
N GLU A 181 -25.80 -27.22 7.56
CA GLU A 181 -25.47 -27.70 6.22
C GLU A 181 -24.62 -26.69 5.45
N PHE A 182 -24.78 -25.40 5.72
CA PHE A 182 -23.93 -24.42 5.06
C PHE A 182 -22.44 -24.67 5.36
N GLY A 183 -22.13 -25.10 6.59
CA GLY A 183 -20.76 -25.39 6.99
C GLY A 183 -20.15 -26.57 6.28
N LYS A 184 -20.98 -27.57 6.03
CA LYS A 184 -20.54 -28.82 5.46
C LYS A 184 -20.42 -28.68 3.96
N LEU A 185 -21.24 -27.79 3.39
CA LEU A 185 -21.36 -27.62 1.96
C LEU A 185 -20.52 -26.46 1.41
N LEU A 186 -20.57 -25.31 2.06
CA LEU A 186 -19.93 -24.15 1.47
C LEU A 186 -18.42 -24.30 1.21
N PRO A 187 -17.62 -24.85 2.17
CA PRO A 187 -16.21 -25.09 1.92
C PRO A 187 -15.95 -25.87 0.63
N ARG A 188 -16.71 -26.94 0.39
CA ARG A 188 -16.60 -27.67 -0.88
C ARG A 188 -16.85 -26.78 -2.09
N LEU A 189 -17.87 -25.92 -2.04
CA LEU A 189 -18.09 -24.95 -3.14
C LEU A 189 -16.83 -24.10 -3.33
N LEU A 190 -16.25 -23.67 -2.21
CA LEU A 190 -14.99 -22.93 -2.20
C LEU A 190 -13.68 -23.76 -2.41
N GLY A 191 -13.78 -25.04 -2.80
CA GLY A 191 -12.63 -25.87 -3.10
C GLY A 191 -11.89 -26.60 -1.97
N ALA A 192 -12.39 -26.51 -0.74
CA ALA A 192 -11.87 -27.33 0.33
C ALA A 192 -12.40 -28.77 0.32
N GLN A 193 -11.67 -29.63 1.02
CA GLN A 193 -12.12 -30.95 1.46
C GLN A 193 -12.85 -30.67 2.78
N VAL A 194 -13.92 -31.41 3.06
CA VAL A 194 -14.69 -31.33 4.30
C VAL A 194 -14.89 -32.72 4.91
N ILE A 195 -14.62 -32.84 6.21
CA ILE A 195 -14.80 -34.11 6.93
C ILE A 195 -15.74 -33.91 8.11
N VAL A 196 -16.73 -34.80 8.23
CA VAL A 196 -17.83 -34.67 9.17
C VAL A 196 -17.84 -35.90 10.08
N ASP A 197 -17.73 -35.66 11.39
CA ASP A 197 -17.64 -36.76 12.35
C ASP A 197 -19.03 -36.89 13.00
N PRO A 198 -19.78 -37.94 12.60
CA PRO A 198 -21.12 -38.15 13.20
C PRO A 198 -21.09 -38.27 14.72
N GLU A 199 -20.07 -38.93 15.25
CA GLU A 199 -19.95 -39.17 16.70
C GLU A 199 -19.45 -37.96 17.52
N ALA A 200 -18.74 -37.03 16.89
CA ALA A 200 -18.20 -35.85 17.61
C ALA A 200 -19.34 -34.92 18.05
N PRO A 201 -19.65 -34.87 19.36
CA PRO A 201 -20.82 -34.09 19.75
C PRO A 201 -20.63 -32.56 19.68
N SER A 202 -19.38 -32.09 19.68
CA SER A 202 -19.03 -30.66 19.77
C SER A 202 -17.72 -30.41 19.04
N THR A 203 -17.46 -29.15 18.67
CA THR A 203 -16.25 -28.85 17.88
C THR A 203 -14.96 -29.07 18.67
N VAL A 204 -14.88 -28.61 19.91
CA VAL A 204 -13.68 -28.89 20.75
C VAL A 204 -13.31 -30.37 20.81
N HIS A 205 -14.32 -31.26 20.88
CA HIS A 205 -14.09 -32.72 20.86
C HIS A 205 -13.42 -33.26 19.58
N LEU A 206 -13.53 -32.54 18.46
CA LEU A 206 -12.83 -32.92 17.24
C LEU A 206 -11.33 -32.63 17.30
N LEU A 207 -10.87 -31.78 18.21
CA LEU A 207 -9.46 -31.36 18.24
C LEU A 207 -8.42 -32.49 18.19
N PRO A 208 -8.58 -33.56 19.03
CA PRO A 208 -7.60 -34.65 19.01
C PRO A 208 -7.45 -35.29 17.64
N ARG A 209 -8.58 -35.56 16.97
CA ARG A 209 -8.58 -36.04 15.59
C ARG A 209 -7.80 -35.12 14.63
N VAL A 210 -7.96 -33.82 14.77
CA VAL A 210 -7.27 -32.87 13.85
C VAL A 210 -5.77 -32.86 14.11
N MET A 211 -5.40 -32.96 15.38
CA MET A 211 -3.99 -33.07 15.79
C MET A 211 -3.33 -34.38 15.34
N LYS A 212 -4.02 -35.49 15.54
CA LYS A 212 -3.50 -36.79 15.11
C LYS A 212 -3.18 -36.74 13.60
N ASP A 213 -4.17 -36.40 12.78
CA ASP A 213 -4.07 -36.36 11.29
C ASP A 213 -2.99 -35.37 10.85
N SER A 214 -2.87 -34.25 11.57
CA SER A 214 -1.80 -33.29 11.29
C SER A 214 -0.43 -33.96 11.47
N LYS A 215 -0.25 -34.70 12.58
CA LYS A 215 0.99 -35.45 12.84
C LYS A 215 1.30 -36.48 11.75
N ASN A 216 0.27 -37.20 11.28
CA ASN A 216 0.41 -38.18 10.20
C ASN A 216 0.63 -37.54 8.83
N GLU A 217 -0.09 -36.46 8.52
CA GLU A 217 -0.19 -35.97 7.15
C GLU A 217 0.67 -34.80 6.77
N GLY A 218 1.08 -33.99 7.76
CA GLY A 218 1.92 -32.83 7.53
C GLY A 218 1.23 -31.54 7.12
N PHE A 219 -0.11 -31.51 7.18
CA PHE A 219 -0.82 -30.27 6.97
C PHE A 219 -0.60 -29.40 8.20
N VAL A 220 -0.87 -28.12 8.03
CA VAL A 220 -0.69 -27.10 9.06
C VAL A 220 -2.02 -26.98 9.75
N HIS A 221 -2.08 -27.28 11.05
CA HIS A 221 -3.31 -27.16 11.77
C HIS A 221 -3.29 -25.75 12.34
N VAL A 222 -4.13 -24.83 11.82
CA VAL A 222 -4.02 -23.38 12.08
C VAL A 222 -4.58 -23.03 13.48
N ASN A 223 -5.40 -23.92 14.00
CA ASN A 223 -5.77 -24.00 15.42
C ASN A 223 -6.33 -22.71 16.04
N GLN A 224 -7.54 -22.34 15.61
CA GLN A 224 -8.24 -21.12 16.07
C GLN A 224 -8.40 -20.99 17.61
N TYR A 225 -8.54 -22.11 18.30
CA TYR A 225 -8.65 -22.07 19.77
C TYR A 225 -7.43 -21.50 20.47
N TYR A 226 -6.24 -21.80 19.92
CA TYR A 226 -4.96 -21.47 20.54
C TYR A 226 -4.15 -20.40 19.79
N ASN A 227 -4.52 -20.09 18.56
CA ASN A 227 -3.66 -19.28 17.68
C ASN A 227 -3.86 -17.79 17.96
N ASP A 228 -2.84 -17.16 18.54
CA ASP A 228 -2.99 -15.80 19.08
C ASP A 228 -3.47 -14.71 18.13
N ALA A 229 -3.29 -14.89 16.80
CA ALA A 229 -3.90 -14.07 15.78
C ALA A 229 -5.39 -13.93 15.90
N ASN A 230 -6.09 -14.96 16.36
CA ASN A 230 -7.52 -14.86 16.45
C ASN A 230 -7.89 -13.74 17.44
N PHE A 231 -7.23 -13.69 18.60
CA PHE A 231 -7.46 -12.61 19.60
C PHE A 231 -6.96 -11.26 19.05
N GLU A 232 -5.89 -11.28 18.26
CA GLU A 232 -5.26 -10.02 17.79
C GLU A 232 -6.04 -9.33 16.66
N ALA A 233 -6.62 -10.13 15.75
CA ALA A 233 -7.64 -9.65 14.78
C ALA A 233 -8.75 -8.83 15.36
N HIS A 234 -9.32 -9.36 16.45
CA HIS A 234 -10.46 -8.75 17.08
C HIS A 234 -10.10 -7.56 17.96
N MET A 235 -8.81 -7.44 18.29
CA MET A 235 -8.24 -6.28 18.98
C MET A 235 -8.11 -5.08 18.04
N ARG A 236 -7.47 -5.27 16.89
CA ARG A 236 -7.31 -4.20 15.91
C ARG A 236 -8.53 -3.96 14.99
N GLY A 237 -9.41 -4.99 14.82
CA GLY A 237 -10.67 -4.92 14.20
C GLY A 237 -11.88 -4.83 15.16
N THR A 238 -12.54 -5.95 15.46
CA THR A 238 -13.82 -5.89 16.12
C THR A 238 -13.96 -5.00 17.37
N ALA A 239 -12.97 -5.08 18.22
CA ALA A 239 -12.90 -4.31 19.47
C ALA A 239 -12.64 -2.87 19.14
N ARG A 240 -11.56 -2.65 18.40
CA ARG A 240 -11.16 -1.26 18.10
C ARG A 240 -12.36 -0.48 17.53
N GLU A 241 -13.05 -1.10 16.58
CA GLU A 241 -14.24 -0.52 15.99
C GLU A 241 -15.28 -0.08 17.06
N ILE A 242 -15.53 -0.89 18.08
CA ILE A 242 -16.47 -0.49 19.14
C ILE A 242 -15.99 0.78 19.83
N PHE A 243 -14.68 0.83 20.09
CA PHE A 243 -14.01 1.98 20.71
C PHE A 243 -14.29 3.16 19.83
N VAL A 244 -13.73 3.18 18.61
CA VAL A 244 -13.97 4.28 17.66
C VAL A 244 -15.46 4.64 17.37
N GLN A 245 -16.38 3.65 17.21
CA GLN A 245 -17.68 3.99 16.83
C GLN A 245 -18.40 4.64 17.96
N SER A 246 -18.17 4.12 19.17
CA SER A 246 -18.76 4.68 20.38
C SER A 246 -18.44 6.16 20.47
N ARG A 247 -17.18 6.52 20.33
CA ARG A 247 -16.76 7.92 20.42
C ARG A 247 -17.37 8.78 19.31
N ARG A 248 -17.17 8.36 18.06
CA ARG A 248 -17.73 9.08 16.91
C ARG A 248 -19.27 9.10 16.87
N GLY A 249 -19.91 8.04 17.35
CA GLY A 249 -21.36 7.97 17.43
C GLY A 249 -22.00 8.81 18.54
N GLY A 250 -21.20 9.32 19.47
CA GLY A 250 -21.69 10.03 20.66
C GLY A 250 -22.14 9.14 21.79
N LEU A 251 -21.87 7.83 21.68
CA LEU A 251 -22.42 6.86 22.62
C LEU A 251 -21.83 7.04 24.01
N ALA A 252 -22.71 6.98 25.00
CA ALA A 252 -22.31 6.76 26.39
C ALA A 252 -22.19 5.25 26.51
N LEU A 253 -21.04 4.73 26.08
CA LEU A 253 -20.77 3.30 26.17
C LEU A 253 -20.60 2.89 27.62
N ARG A 254 -21.39 1.90 28.05
CA ARG A 254 -21.31 1.35 29.40
C ARG A 254 -21.13 -0.17 29.44
N GLY A 255 -21.07 -0.83 28.29
CA GLY A 255 -20.90 -2.27 28.29
C GLY A 255 -20.90 -2.88 26.91
N VAL A 256 -20.47 -4.15 26.84
CA VAL A 256 -20.64 -5.01 25.67
C VAL A 256 -21.35 -6.32 26.05
N ALA A 257 -22.00 -6.91 25.07
CA ALA A 257 -22.68 -8.19 25.21
C ALA A 257 -22.28 -9.08 24.06
N GLY A 258 -22.04 -10.36 24.36
CA GLY A 258 -21.61 -11.29 23.30
C GLY A 258 -21.71 -12.70 23.72
N SER A 259 -21.21 -13.57 22.83
CA SER A 259 -21.26 -15.01 22.97
C SER A 259 -19.83 -15.60 22.79
N LEU A 260 -19.61 -16.82 23.27
CA LEU A 260 -18.27 -17.43 23.36
C LEU A 260 -18.18 -18.79 22.64
N GLY A 261 -17.27 -18.88 21.67
CA GLY A 261 -16.91 -20.15 21.02
C GLY A 261 -15.50 -20.50 21.43
N THR A 262 -14.53 -19.90 20.74
CA THR A 262 -13.12 -19.92 21.16
C THR A 262 -12.89 -18.87 22.24
N SER A 263 -13.71 -17.83 22.21
CA SER A 263 -13.67 -16.67 23.11
C SER A 263 -12.89 -15.49 22.51
N GLY A 264 -12.32 -15.66 21.32
CA GLY A 264 -11.58 -14.57 20.61
C GLY A 264 -12.19 -13.17 20.57
N HIS A 265 -13.45 -13.02 20.15
CA HIS A 265 -14.01 -11.67 19.92
C HIS A 265 -14.46 -10.94 21.18
N MET A 266 -15.11 -11.62 22.13
CA MET A 266 -15.49 -10.88 23.35
C MET A 266 -14.32 -10.67 24.32
N SER A 267 -13.36 -11.59 24.34
CA SER A 267 -12.07 -11.35 25.04
C SER A 267 -11.41 -10.09 24.52
N ALA A 268 -11.26 -9.98 23.20
CA ALA A 268 -10.71 -8.72 22.63
C ALA A 268 -11.59 -7.48 22.89
N ALA A 269 -12.90 -7.58 22.75
CA ALA A 269 -13.75 -6.41 22.96
C ALA A 269 -13.60 -5.94 24.40
N ALA A 270 -13.79 -6.88 25.32
CA ALA A 270 -13.74 -6.59 26.76
C ALA A 270 -12.42 -5.99 27.20
N PHE A 271 -11.30 -6.60 26.81
CA PHE A 271 -9.97 -6.15 27.18
C PHE A 271 -9.66 -4.75 26.64
N TYR A 272 -9.92 -4.58 25.35
CA TYR A 272 -9.65 -3.29 24.70
C TYR A 272 -10.48 -2.23 25.40
N LEU A 273 -11.78 -2.50 25.52
CA LEU A 273 -12.71 -1.51 26.09
C LEU A 273 -12.38 -1.26 27.55
N GLN A 274 -12.14 -2.33 28.30
CA GLN A 274 -11.77 -2.18 29.72
C GLN A 274 -10.39 -1.58 30.03
N SER A 275 -9.50 -1.53 29.03
CA SER A 275 -8.31 -0.68 29.08
C SER A 275 -8.64 0.79 29.06
N VAL A 276 -9.58 1.18 28.19
CA VAL A 276 -9.98 2.57 28.02
C VAL A 276 -10.75 3.01 29.26
N ASP A 277 -11.61 2.14 29.77
CA ASP A 277 -12.49 2.47 30.89
C ASP A 277 -12.88 1.16 31.57
N PRO A 278 -12.24 0.86 32.72
CA PRO A 278 -12.47 -0.39 33.47
C PRO A 278 -13.88 -0.71 33.92
N SER A 279 -14.76 0.29 34.08
CA SER A 279 -16.17 0.05 34.47
C SER A 279 -17.00 -0.73 33.42
N ILE A 280 -16.61 -0.65 32.15
CA ILE A 280 -17.41 -1.19 31.07
C ILE A 280 -17.61 -2.68 31.34
N ARG A 281 -18.87 -3.12 31.35
CA ARG A 281 -19.20 -4.50 31.65
C ARG A 281 -19.00 -5.30 30.38
N ALA A 282 -18.61 -6.55 30.50
CA ALA A 282 -18.77 -7.51 29.42
C ALA A 282 -19.76 -8.54 29.92
N VAL A 283 -21.00 -8.46 29.41
CA VAL A 283 -22.04 -9.46 29.64
C VAL A 283 -21.88 -10.55 28.61
N LEU A 284 -21.58 -11.76 29.07
CA LEU A 284 -21.30 -12.89 28.20
C LEU A 284 -22.37 -13.93 28.44
N VAL A 285 -22.53 -14.84 27.47
CA VAL A 285 -23.56 -15.86 27.51
C VAL A 285 -22.94 -17.20 27.89
N GLN A 286 -23.59 -17.89 28.82
CA GLN A 286 -23.37 -19.31 29.09
C GLN A 286 -24.55 -20.06 28.49
N PRO A 287 -24.34 -20.79 27.38
CA PRO A 287 -25.45 -21.65 26.95
C PRO A 287 -25.91 -22.55 28.09
N ALA A 288 -27.22 -22.67 28.30
CA ALA A 288 -27.78 -23.52 29.37
C ALA A 288 -27.46 -24.99 29.14
N GLN A 289 -27.44 -25.74 30.25
CA GLN A 289 -26.97 -27.12 30.29
C GLN A 289 -27.92 -28.04 29.50
N GLY A 290 -27.35 -28.98 28.75
CA GLY A 290 -28.11 -29.80 27.81
C GLY A 290 -28.27 -29.20 26.42
N ASP A 291 -28.51 -27.88 26.36
CA ASP A 291 -28.83 -27.21 25.09
C ASP A 291 -27.61 -26.94 24.22
N SER A 292 -27.86 -26.83 22.92
CA SER A 292 -26.86 -26.52 21.93
C SER A 292 -27.30 -25.28 21.20
N ILE A 293 -26.44 -24.26 21.20
CA ILE A 293 -26.64 -23.04 20.41
C ILE A 293 -25.48 -23.03 19.41
N PRO A 294 -25.78 -23.08 18.09
CA PRO A 294 -24.71 -23.32 17.09
C PRO A 294 -23.75 -22.16 17.04
N GLY A 295 -22.45 -22.46 17.08
CA GLY A 295 -21.40 -21.43 17.12
C GLY A 295 -20.76 -21.19 18.47
N ILE A 296 -21.44 -21.56 19.56
CA ILE A 296 -21.00 -21.20 20.91
C ILE A 296 -21.09 -22.30 21.97
N ALA A 297 -20.50 -22.05 23.14
CA ALA A 297 -20.37 -23.06 24.20
C ALA A 297 -20.18 -22.46 25.58
N ARG A 298 -20.24 -23.32 26.59
CA ARG A 298 -19.98 -22.95 27.98
C ARG A 298 -18.48 -22.72 28.17
N VAL A 299 -18.13 -21.74 29.02
CA VAL A 299 -16.72 -21.37 29.29
C VAL A 299 -15.87 -22.57 29.76
N GLU A 300 -16.40 -23.34 30.70
CA GLU A 300 -15.63 -24.44 31.32
C GLU A 300 -15.36 -25.65 30.43
N THR A 301 -15.85 -25.66 29.18
CA THR A 301 -15.37 -26.62 28.17
C THR A 301 -14.00 -26.22 27.58
N GLY A 302 -13.46 -25.06 27.99
CA GLY A 302 -12.08 -24.70 27.71
C GLY A 302 -11.96 -23.59 26.70
N MET A 303 -11.53 -22.42 27.16
CA MET A 303 -11.36 -21.23 26.31
C MET A 303 -10.05 -20.57 26.70
N LEU A 304 -9.29 -20.08 25.73
CA LEU A 304 -7.98 -19.52 26.04
C LEU A 304 -8.13 -18.14 26.69
N TRP A 305 -8.49 -17.12 25.91
CA TRP A 305 -8.25 -15.73 26.31
C TRP A 305 -9.21 -15.24 27.39
N ILE A 306 -10.46 -15.66 27.33
CA ILE A 306 -11.47 -15.23 28.32
C ILE A 306 -11.08 -15.63 29.76
N ASN A 307 -10.35 -16.74 29.89
CA ASN A 307 -9.76 -17.15 31.17
C ASN A 307 -8.50 -16.35 31.53
N MET A 308 -7.47 -16.47 30.70
CA MET A 308 -6.11 -16.06 31.08
C MET A 308 -5.88 -14.56 31.08
N LEU A 309 -6.57 -13.81 30.24
CA LEU A 309 -6.40 -12.36 30.19
C LEU A 309 -7.21 -11.77 31.33
N ASP A 310 -6.86 -10.55 31.73
CA ASP A 310 -7.41 -9.91 32.94
C ASP A 310 -8.65 -9.06 32.61
N ILE A 311 -9.78 -9.76 32.55
CA ILE A 311 -11.01 -9.31 31.95
C ILE A 311 -12.12 -9.43 32.98
N SER A 312 -12.82 -8.33 33.30
CA SER A 312 -14.05 -8.38 34.11
C SER A 312 -15.26 -8.72 33.24
N TYR A 313 -15.93 -9.83 33.57
CA TYR A 313 -17.10 -10.25 32.83
C TYR A 313 -18.14 -10.93 33.71
N THR A 314 -19.40 -10.79 33.29
CA THR A 314 -20.56 -11.43 33.91
C THR A 314 -21.09 -12.49 32.96
N LEU A 315 -21.67 -13.56 33.50
CA LEU A 315 -22.36 -14.55 32.69
C LEU A 315 -23.84 -14.49 32.94
N ALA A 316 -24.61 -14.87 31.93
CA ALA A 316 -26.05 -15.03 32.03
C ALA A 316 -26.39 -16.33 31.32
N GLU A 317 -27.19 -17.16 31.97
CA GLU A 317 -27.63 -18.43 31.38
C GLU A 317 -28.73 -18.15 30.34
N VAL A 318 -28.67 -18.84 29.20
CA VAL A 318 -29.64 -18.67 28.10
C VAL A 318 -29.87 -20.02 27.42
N THR A 319 -31.13 -20.47 27.38
CA THR A 319 -31.51 -21.68 26.63
C THR A 319 -31.63 -21.37 25.15
N LEU A 320 -31.63 -22.41 24.33
CA LEU A 320 -31.76 -22.25 22.87
C LEU A 320 -33.11 -21.59 22.57
N GLU A 321 -34.17 -22.23 23.06
CA GLU A 321 -35.52 -21.68 23.01
C GLU A 321 -35.57 -20.18 23.36
N GLU A 322 -34.82 -19.75 24.38
CA GLU A 322 -34.71 -18.32 24.75
C GLU A 322 -33.92 -17.49 23.74
N ALA A 323 -32.83 -18.04 23.22
CA ALA A 323 -32.09 -17.39 22.14
C ALA A 323 -32.98 -17.22 20.89
N MET A 324 -33.86 -18.19 20.63
CA MET A 324 -34.72 -18.12 19.45
C MET A 324 -35.88 -17.14 19.60
N GLU A 325 -36.47 -17.09 20.79
CA GLU A 325 -37.42 -16.05 21.18
C GLU A 325 -36.89 -14.65 20.81
N ALA A 326 -35.63 -14.40 21.18
CA ALA A 326 -34.96 -13.11 20.95
C ALA A 326 -34.66 -12.85 19.47
N VAL A 327 -34.27 -13.86 18.71
CA VAL A 327 -34.22 -13.74 17.23
C VAL A 327 -35.55 -13.16 16.76
N VAL A 328 -36.65 -13.87 17.07
CA VAL A 328 -37.97 -13.48 16.65
C VAL A 328 -38.34 -12.00 16.93
N GLU A 329 -37.96 -11.49 18.12
CA GLU A 329 -38.34 -10.15 18.58
C GLU A 329 -37.46 -9.02 18.02
N VAL A 330 -36.20 -9.32 17.77
CA VAL A 330 -35.30 -8.39 17.04
C VAL A 330 -35.76 -8.31 15.60
N ALA A 331 -36.20 -9.44 15.04
CA ALA A 331 -36.74 -9.46 13.69
C ALA A 331 -38.06 -8.68 13.56
N ARG A 332 -38.90 -8.73 14.59
CA ARG A 332 -40.11 -7.91 14.65
C ARG A 332 -39.88 -6.46 15.04
N SER A 333 -38.83 -6.18 15.81
CA SER A 333 -38.55 -4.82 16.19
C SER A 333 -37.86 -4.13 15.02
N ASP A 334 -36.71 -4.66 14.62
CA ASP A 334 -35.82 -4.00 13.67
C ASP A 334 -35.95 -4.52 12.24
N GLY A 335 -36.65 -5.64 12.04
CA GLY A 335 -36.70 -6.29 10.74
C GLY A 335 -35.37 -6.88 10.29
N LEU A 336 -34.37 -6.89 11.18
CA LEU A 336 -33.08 -7.54 10.96
C LEU A 336 -33.12 -8.95 11.52
N VAL A 337 -32.61 -9.91 10.75
CA VAL A 337 -32.70 -11.33 11.08
C VAL A 337 -31.33 -11.81 11.57
N ILE A 338 -31.21 -12.02 12.88
CA ILE A 338 -29.94 -12.42 13.51
C ILE A 338 -29.82 -13.95 13.67
N GLY A 339 -28.58 -14.42 13.81
CA GLY A 339 -28.31 -15.82 14.09
C GLY A 339 -28.65 -16.20 15.51
N PRO A 340 -28.74 -17.51 15.79
CA PRO A 340 -29.02 -17.98 17.16
C PRO A 340 -28.10 -17.40 18.24
N SER A 341 -26.80 -17.31 17.96
CA SER A 341 -25.81 -16.78 18.93
C SER A 341 -25.93 -15.27 19.26
N GLY A 342 -26.28 -14.47 18.25
CA GLY A 342 -26.70 -13.07 18.42
C GLY A 342 -27.90 -12.88 19.35
N GLY A 343 -28.91 -13.74 19.18
CA GLY A 343 -30.10 -13.71 20.04
C GLY A 343 -29.84 -14.15 21.48
N ALA A 344 -28.87 -15.03 21.62
CA ALA A 344 -28.36 -15.42 22.91
C ALA A 344 -27.68 -14.26 23.66
N ALA A 345 -26.99 -13.37 22.94
CA ALA A 345 -26.36 -12.19 23.55
C ALA A 345 -27.35 -11.03 23.78
N VAL A 346 -28.36 -10.91 22.92
CA VAL A 346 -29.44 -9.94 23.13
C VAL A 346 -30.17 -10.33 24.41
N LYS A 347 -30.59 -11.58 24.49
CA LYS A 347 -31.28 -12.14 25.64
C LYS A 347 -30.51 -11.93 26.93
N ALA A 348 -29.23 -12.33 26.90
CA ALA A 348 -28.35 -12.27 28.08
C ALA A 348 -28.16 -10.84 28.60
N LEU A 349 -28.13 -9.88 27.68
CA LEU A 349 -28.16 -8.47 28.08
C LEU A 349 -29.53 -8.08 28.66
N ALA A 350 -30.59 -8.51 27.99
CA ALA A 350 -31.95 -8.21 28.46
C ALA A 350 -32.22 -8.75 29.88
N LYS A 351 -31.55 -9.84 30.27
CA LYS A 351 -31.65 -10.35 31.65
C LYS A 351 -30.95 -9.48 32.66
N LYS A 352 -29.68 -9.15 32.42
CA LYS A 352 -28.95 -8.31 33.38
C LYS A 352 -29.65 -6.95 33.50
N ALA A 353 -30.17 -6.45 32.38
CA ALA A 353 -30.99 -5.23 32.34
C ALA A 353 -32.23 -5.38 33.22
N ALA A 354 -32.96 -6.48 33.03
CA ALA A 354 -34.14 -6.76 33.85
C ALA A 354 -33.76 -6.85 35.34
N GLU A 355 -32.70 -7.60 35.64
CA GLU A 355 -32.19 -7.78 37.02
C GLU A 355 -31.88 -6.48 37.77
N GLY A 356 -31.44 -5.45 37.05
CA GLY A 356 -30.99 -4.19 37.64
C GLY A 356 -29.49 -4.14 37.89
N ASP A 357 -28.77 -5.08 37.28
CA ASP A 357 -27.32 -5.20 37.42
C ASP A 357 -26.56 -4.23 36.50
N LEU A 358 -27.25 -3.55 35.59
CA LEU A 358 -26.61 -2.69 34.58
C LEU A 358 -26.93 -1.21 34.71
N GLU A 359 -25.91 -0.37 34.55
CA GLU A 359 -26.09 1.09 34.57
C GLU A 359 -26.94 1.56 33.37
N PRO A 360 -27.55 2.77 33.47
CA PRO A 360 -28.19 3.30 32.28
C PRO A 360 -27.18 3.80 31.23
N GLY A 361 -27.40 3.41 29.98
CA GLY A 361 -26.59 3.91 28.88
C GLY A 361 -26.57 2.98 27.70
N ASP A 362 -25.57 3.16 26.86
CA ASP A 362 -25.45 2.41 25.59
C ASP A 362 -24.64 1.14 25.76
N TYR A 363 -25.19 0.04 25.25
CA TYR A 363 -24.50 -1.23 25.27
C TYR A 363 -24.37 -1.61 23.81
N VAL A 364 -23.24 -2.19 23.46
CA VAL A 364 -23.04 -2.74 22.11
C VAL A 364 -23.05 -4.26 22.24
N VAL A 365 -23.96 -4.91 21.51
CA VAL A 365 -24.02 -6.33 21.40
C VAL A 365 -23.36 -6.66 20.07
N VAL A 366 -22.60 -7.77 20.05
CA VAL A 366 -21.87 -8.17 18.86
C VAL A 366 -22.63 -9.37 18.35
N VAL A 367 -23.18 -9.25 17.14
CA VAL A 367 -24.09 -10.22 16.53
C VAL A 367 -23.24 -10.95 15.50
N PRO A 368 -22.98 -12.23 15.72
CA PRO A 368 -21.93 -12.91 14.96
C PRO A 368 -22.27 -13.32 13.53
N ASP A 369 -23.55 -13.54 13.23
CA ASP A 369 -23.99 -13.92 11.89
C ASP A 369 -25.50 -13.69 11.62
N THR A 370 -25.90 -14.02 10.39
CA THR A 370 -27.24 -13.85 9.84
C THR A 370 -28.07 -15.07 10.19
N GLY A 371 -29.31 -14.81 10.61
CA GLY A 371 -30.36 -15.82 10.78
C GLY A 371 -30.76 -16.60 9.54
N PHE A 372 -30.38 -16.10 8.36
CA PHE A 372 -30.73 -16.74 7.09
C PHE A 372 -30.08 -18.12 6.93
N LYS A 373 -29.06 -18.40 7.76
CA LYS A 373 -28.32 -19.65 7.72
C LYS A 373 -28.85 -20.67 8.74
N TYR A 374 -30.01 -20.39 9.33
CA TYR A 374 -30.51 -21.13 10.50
C TYR A 374 -32.00 -21.42 10.36
N LEU A 375 -32.39 -21.89 9.19
CA LEU A 375 -33.81 -22.02 8.88
C LEU A 375 -34.53 -23.02 9.81
N SER A 376 -33.87 -24.14 10.14
CA SER A 376 -34.45 -25.16 11.05
C SER A 376 -34.80 -24.58 12.42
N LEU A 377 -33.89 -23.78 12.97
CA LEU A 377 -34.09 -23.19 14.30
C LEU A 377 -35.05 -22.01 14.26
N VAL A 378 -35.18 -21.38 13.08
CA VAL A 378 -36.27 -20.44 12.82
C VAL A 378 -37.59 -21.20 12.84
N GLN A 379 -37.73 -22.17 11.94
CA GLN A 379 -38.96 -22.97 11.81
C GLN A 379 -39.44 -23.53 13.15
N ASN A 380 -38.51 -24.12 13.92
CA ASN A 380 -38.84 -24.76 15.20
C ASN A 380 -39.33 -23.77 16.27
N ALA A 381 -38.75 -22.56 16.23
CA ALA A 381 -39.08 -21.47 17.18
C ALA A 381 -40.41 -20.76 16.89
N LEU A 382 -40.98 -20.96 15.72
CA LEU A 382 -42.30 -20.45 15.41
C LEU A 382 -43.43 -21.44 15.80
N GLU A 383 -43.09 -22.71 16.01
CA GLU A 383 -44.06 -23.79 16.24
C GLU A 383 -43.81 -24.52 17.57
N ALA B 2 -29.41 29.57 -7.19
CA ALA B 2 -29.09 29.05 -5.83
C ALA B 2 -29.68 27.66 -5.63
N LEU B 3 -29.40 27.04 -4.49
CA LEU B 3 -29.82 25.67 -4.23
C LEU B 3 -30.67 25.61 -2.99
N ALA B 4 -31.71 24.78 -3.04
CA ALA B 4 -32.61 24.58 -1.92
C ALA B 4 -32.76 23.09 -1.65
N ASP B 5 -32.63 22.72 -0.37
CA ASP B 5 -32.91 21.38 0.16
C ASP B 5 -34.17 20.80 -0.53
N ILE B 6 -34.01 19.73 -1.30
CA ILE B 6 -35.14 19.17 -2.06
C ILE B 6 -36.26 18.59 -1.18
N SER B 7 -35.94 18.18 0.04
CA SER B 7 -36.99 17.64 0.97
C SER B 7 -38.24 18.53 1.06
N GLY B 8 -38.04 19.84 0.92
CA GLY B 8 -39.10 20.83 0.96
C GLY B 8 -40.03 20.91 -0.25
N TYR B 9 -39.76 20.12 -1.29
CA TYR B 9 -40.58 20.05 -2.49
C TYR B 9 -41.17 18.66 -2.76
N LEU B 10 -40.87 17.70 -1.89
CA LEU B 10 -41.14 16.29 -2.23
C LEU B 10 -42.61 15.91 -2.31
N ASP B 11 -43.52 16.83 -2.00
CA ASP B 11 -44.94 16.61 -2.34
C ASP B 11 -45.20 16.27 -3.82
N VAL B 12 -44.32 16.72 -4.73
CA VAL B 12 -44.39 16.31 -6.13
C VAL B 12 -44.49 14.78 -6.31
N LEU B 13 -43.87 14.02 -5.42
CA LEU B 13 -43.97 12.55 -5.44
C LEU B 13 -45.42 12.07 -5.47
N ASP B 14 -46.28 12.69 -4.67
CA ASP B 14 -47.70 12.30 -4.60
C ASP B 14 -48.56 12.72 -5.79
N SER B 15 -48.24 13.82 -6.47
CA SER B 15 -49.07 14.35 -7.57
C SER B 15 -48.59 13.99 -8.97
N VAL B 16 -47.29 13.74 -9.16
CA VAL B 16 -46.74 13.56 -10.51
C VAL B 16 -46.91 12.12 -10.97
N ARG B 17 -47.48 11.96 -12.16
CA ARG B 17 -47.81 10.67 -12.70
C ARG B 17 -47.22 10.59 -14.10
N GLY B 18 -47.16 9.37 -14.62
CA GLY B 18 -46.73 9.16 -15.98
C GLY B 18 -45.23 9.14 -16.07
N PHE B 19 -44.71 8.84 -17.27
CA PHE B 19 -43.28 8.73 -17.51
C PHE B 19 -42.71 9.91 -18.28
N SER B 20 -43.48 10.97 -18.51
CA SER B 20 -42.93 12.07 -19.32
C SER B 20 -41.82 12.77 -18.52
N TYR B 21 -41.91 12.75 -17.19
CA TYR B 21 -40.91 13.41 -16.34
C TYR B 21 -39.51 12.91 -16.65
N LEU B 22 -39.39 11.61 -16.91
CA LEU B 22 -38.11 10.95 -17.24
C LEU B 22 -37.41 11.48 -18.50
N GLU B 23 -38.12 12.25 -19.33
CA GLU B 23 -37.46 13.01 -20.40
C GLU B 23 -36.53 14.04 -19.76
N ASN B 24 -36.95 14.67 -18.67
CA ASN B 24 -36.11 15.65 -17.96
C ASN B 24 -34.93 15.00 -17.21
N ALA B 25 -35.19 13.87 -16.54
CA ALA B 25 -34.16 13.07 -15.94
C ALA B 25 -33.04 12.77 -16.92
N ARG B 26 -33.37 12.50 -18.17
CA ARG B 26 -32.33 11.96 -19.07
C ARG B 26 -31.48 13.13 -19.62
N GLU B 27 -32.09 14.32 -19.74
CA GLU B 27 -31.42 15.54 -20.23
C GLU B 27 -30.45 16.22 -19.25
N VAL B 28 -30.87 16.32 -17.99
CA VAL B 28 -29.99 16.67 -16.90
C VAL B 28 -28.77 15.72 -16.76
N LEU B 29 -29.00 14.42 -16.73
CA LEU B 29 -27.94 13.43 -16.79
C LEU B 29 -27.08 13.49 -18.05
N ARG B 30 -27.66 13.83 -19.18
CA ARG B 30 -26.88 13.90 -20.43
C ARG B 30 -26.03 15.13 -20.35
N SER B 31 -26.69 16.27 -20.18
CA SER B 31 -26.01 17.57 -20.07
C SER B 31 -25.18 17.72 -18.78
N GLY B 32 -25.44 16.89 -17.78
CA GLY B 32 -24.77 16.98 -16.48
C GLY B 32 -25.12 18.24 -15.70
N GLU B 33 -26.25 18.87 -16.06
CA GLU B 33 -26.67 20.09 -15.38
C GLU B 33 -28.17 20.29 -15.50
N ALA B 34 -28.73 21.02 -14.56
CA ALA B 34 -30.13 21.40 -14.59
C ALA B 34 -30.19 22.91 -14.39
N ARG B 35 -31.30 23.50 -14.84
CA ARG B 35 -31.44 24.96 -14.90
C ARG B 35 -32.34 25.45 -13.78
N CYS B 36 -31.99 26.61 -13.23
CA CYS B 36 -32.75 27.19 -12.13
C CYS B 36 -34.22 27.43 -12.50
N LEU B 37 -35.09 27.22 -11.51
CA LEU B 37 -36.53 27.35 -11.67
C LEU B 37 -36.93 28.54 -10.80
N GLY B 38 -37.53 29.55 -11.43
CA GLY B 38 -38.16 30.66 -10.71
C GLY B 38 -39.33 30.20 -9.85
N ASN B 39 -40.11 29.25 -10.38
CA ASN B 39 -41.30 28.73 -9.72
C ASN B 39 -41.24 27.20 -9.73
N PRO B 40 -40.30 26.61 -8.96
CA PRO B 40 -40.05 25.15 -9.01
C PRO B 40 -41.29 24.26 -8.82
N ARG B 41 -42.25 24.71 -8.03
CA ARG B 41 -43.45 23.92 -7.77
C ARG B 41 -44.38 23.90 -8.99
N SER B 42 -44.38 24.97 -9.79
CA SER B 42 -45.03 24.99 -11.11
C SER B 42 -44.34 24.09 -12.14
N GLU B 43 -43.18 23.51 -11.77
CA GLU B 43 -42.50 22.48 -12.56
C GLU B 43 -42.36 21.25 -11.69
N PRO B 44 -43.49 20.60 -11.37
CA PRO B 44 -43.34 19.45 -10.51
C PRO B 44 -42.49 18.36 -11.20
N GLU B 45 -42.74 18.16 -12.50
CA GLU B 45 -42.16 17.03 -13.22
C GLU B 45 -40.65 17.11 -13.24
N TYR B 46 -40.13 18.32 -13.44
CA TYR B 46 -38.70 18.60 -13.32
C TYR B 46 -38.16 18.31 -11.91
N VAL B 47 -38.83 18.81 -10.88
CA VAL B 47 -38.38 18.51 -9.51
C VAL B 47 -38.23 16.99 -9.28
N LYS B 48 -39.18 16.24 -9.80
CA LYS B 48 -39.15 14.78 -9.65
C LYS B 48 -38.07 14.10 -10.51
N ALA B 49 -37.69 14.70 -11.63
CA ALA B 49 -36.54 14.21 -12.39
C ALA B 49 -35.24 14.42 -11.60
N LEU B 50 -35.13 15.54 -10.88
CA LEU B 50 -33.98 15.78 -10.04
C LEU B 50 -33.92 14.77 -8.88
N TYR B 51 -35.03 14.49 -8.23
CA TYR B 51 -35.05 13.49 -7.16
C TYR B 51 -34.85 12.05 -7.67
N VAL B 52 -35.42 11.73 -8.83
CA VAL B 52 -35.36 10.36 -9.35
C VAL B 52 -33.94 9.99 -9.74
N ILE B 53 -33.13 10.95 -10.21
CA ILE B 53 -31.73 10.73 -10.43
C ILE B 53 -30.82 10.82 -9.17
N GLY B 54 -31.35 11.27 -8.02
CA GLY B 54 -30.60 11.35 -6.78
C GLY B 54 -30.05 12.70 -6.34
N ALA B 55 -30.57 13.79 -6.89
CA ALA B 55 -30.17 15.14 -6.42
C ALA B 55 -30.76 15.27 -5.02
N SER B 56 -30.08 16.00 -4.15
CA SER B 56 -30.57 16.36 -2.82
C SER B 56 -30.98 17.82 -2.76
N ARG B 57 -30.71 18.55 -3.84
CA ARG B 57 -30.95 19.97 -3.93
C ARG B 57 -31.61 20.30 -5.27
N ILE B 58 -32.41 21.37 -5.29
CA ILE B 58 -32.96 21.87 -6.56
C ILE B 58 -32.40 23.25 -6.94
N PRO B 59 -32.12 23.47 -8.23
CA PRO B 59 -31.70 24.79 -8.67
C PRO B 59 -32.89 25.77 -8.67
N VAL B 60 -32.86 26.73 -7.75
CA VAL B 60 -33.84 27.81 -7.66
C VAL B 60 -33.18 29.11 -8.11
N GLY B 61 -33.98 29.99 -8.71
CA GLY B 61 -33.50 31.28 -9.19
C GLY B 61 -33.89 31.54 -10.63
N ASP B 62 -33.37 32.63 -11.17
CA ASP B 62 -33.76 33.11 -12.49
C ASP B 62 -32.50 33.27 -13.37
N GLY B 63 -32.29 32.31 -14.27
CA GLY B 63 -31.19 32.36 -15.25
C GLY B 63 -30.03 31.41 -15.04
N CYS B 64 -29.67 31.15 -13.78
CA CYS B 64 -28.56 30.25 -13.43
C CYS B 64 -28.76 28.79 -13.86
N SER B 65 -27.70 27.99 -13.66
CA SER B 65 -27.74 26.53 -13.75
C SER B 65 -26.77 25.89 -12.74
N HIS B 66 -26.98 24.60 -12.47
CA HIS B 66 -26.22 23.89 -11.47
C HIS B 66 -25.89 22.47 -11.92
N THR B 67 -24.67 22.04 -11.60
CA THR B 67 -24.13 20.73 -11.96
C THR B 67 -24.74 19.64 -11.08
N LEU B 68 -24.76 18.43 -11.62
CA LEU B 68 -25.01 17.22 -10.83
C LEU B 68 -24.32 17.21 -9.44
N GLU B 69 -23.05 17.62 -9.39
CA GLU B 69 -22.32 17.71 -8.11
C GLU B 69 -22.88 18.75 -7.16
N GLU B 70 -23.23 19.92 -7.68
CA GLU B 70 -23.80 20.97 -6.85
C GLU B 70 -25.19 20.60 -6.35
N LEU B 71 -25.89 19.80 -7.15
CA LEU B 71 -27.24 19.29 -6.84
C LEU B 71 -27.26 18.08 -5.90
N GLY B 72 -26.07 17.59 -5.54
CA GLY B 72 -25.90 16.50 -4.59
C GLY B 72 -25.98 15.11 -5.18
N VAL B 73 -26.00 14.97 -6.52
CA VAL B 73 -26.14 13.64 -7.15
C VAL B 73 -25.01 12.66 -6.76
N PHE B 74 -23.80 13.19 -6.56
CA PHE B 74 -22.62 12.41 -6.14
C PHE B 74 -22.42 12.29 -4.62
N ASP B 75 -23.35 12.80 -3.83
CA ASP B 75 -23.16 12.91 -2.38
C ASP B 75 -23.68 11.66 -1.68
N ILE B 76 -23.31 10.49 -2.22
CA ILE B 76 -23.72 9.20 -1.69
C ILE B 76 -22.43 8.60 -1.16
N SER B 77 -22.28 8.69 0.15
CA SER B 77 -21.09 8.28 0.87
C SER B 77 -21.52 7.53 2.09
N VAL B 78 -20.93 6.36 2.30
CA VAL B 78 -21.14 5.62 3.53
C VAL B 78 -20.46 6.45 4.65
N PRO B 79 -21.02 6.46 5.88
CA PRO B 79 -20.29 7.22 6.92
C PRO B 79 -19.00 6.51 7.36
N GLY B 80 -17.94 7.29 7.58
CA GLY B 80 -16.64 6.81 7.98
C GLY B 80 -16.64 5.90 9.20
N GLU B 81 -17.52 6.15 10.16
CA GLU B 81 -17.63 5.37 11.41
C GLU B 81 -18.74 4.30 11.47
N MET B 82 -19.71 4.30 10.54
CA MET B 82 -20.64 3.15 10.32
C MET B 82 -21.57 2.84 11.49
N VAL B 83 -22.03 3.93 12.12
CA VAL B 83 -22.96 3.97 13.22
C VAL B 83 -24.32 4.52 12.71
N PHE B 84 -25.39 3.74 12.87
CA PHE B 84 -26.72 4.10 12.40
C PHE B 84 -27.66 4.19 13.59
N PRO B 85 -28.39 5.33 13.73
CA PRO B 85 -29.30 5.51 14.90
C PRO B 85 -30.60 4.77 14.81
N SER B 86 -30.90 4.16 13.66
CA SER B 86 -32.06 3.30 13.58
C SER B 86 -31.86 2.30 12.46
N PRO B 87 -32.64 1.22 12.48
CA PRO B 87 -32.63 0.38 11.30
C PRO B 87 -32.96 1.09 9.95
N LEU B 88 -33.91 2.02 9.92
CA LEU B 88 -34.20 2.68 8.61
C LEU B 88 -33.10 3.63 8.25
N ASP B 89 -32.54 4.28 9.27
CA ASP B 89 -31.34 5.07 9.01
C ASP B 89 -30.16 4.21 8.43
N PHE B 90 -29.99 2.97 8.91
CA PHE B 90 -29.04 1.98 8.30
C PHE B 90 -29.33 1.65 6.83
N PHE B 91 -30.55 1.22 6.53
CA PHE B 91 -30.94 0.95 5.14
C PHE B 91 -30.66 2.16 4.28
N GLU B 92 -31.00 3.33 4.79
CA GLU B 92 -30.85 4.57 3.99
C GLU B 92 -29.39 5.02 3.82
N ARG B 93 -28.61 5.04 4.91
CA ARG B 93 -27.27 5.65 4.87
C ARG B 93 -26.07 4.70 4.72
N GLY B 94 -26.29 3.38 4.81
CA GLY B 94 -25.24 2.39 4.60
C GLY B 94 -25.18 2.04 3.12
N LYS B 95 -24.92 3.04 2.28
CA LYS B 95 -24.90 2.87 0.85
C LYS B 95 -23.77 3.82 0.35
N PRO B 96 -23.12 3.55 -0.78
CA PRO B 96 -23.54 2.53 -1.73
C PRO B 96 -23.23 1.12 -1.26
N THR B 97 -24.02 0.19 -1.71
CA THR B 97 -23.60 -1.21 -1.53
C THR B 97 -22.23 -1.44 -2.25
N PRO B 98 -21.57 -2.59 -1.99
CA PRO B 98 -20.21 -2.77 -2.48
C PRO B 98 -20.01 -3.02 -3.98
N LEU B 99 -19.10 -2.25 -4.57
CA LEU B 99 -18.50 -2.60 -5.88
C LEU B 99 -17.07 -3.22 -5.72
N VAL B 100 -16.93 -4.52 -6.01
CA VAL B 100 -15.72 -5.29 -5.74
C VAL B 100 -15.20 -5.87 -7.07
N ARG B 101 -13.96 -5.54 -7.48
CA ARG B 101 -13.37 -6.13 -8.70
C ARG B 101 -13.27 -7.65 -8.57
N SER B 102 -13.64 -8.36 -9.62
CA SER B 102 -13.48 -9.82 -9.65
C SER B 102 -12.14 -10.20 -10.31
N ARG B 103 -11.56 -11.33 -9.87
CA ARG B 103 -10.39 -11.93 -10.53
C ARG B 103 -10.74 -12.81 -11.75
N LEU B 104 -12.04 -13.03 -12.01
CA LEU B 104 -12.47 -13.73 -13.23
C LEU B 104 -11.94 -13.11 -14.51
N GLN B 105 -11.43 -13.95 -15.41
CA GLN B 105 -10.90 -13.47 -16.67
C GLN B 105 -11.86 -13.82 -17.78
N LEU B 106 -12.47 -12.78 -18.34
CA LEU B 106 -13.26 -12.93 -19.54
C LEU B 106 -12.37 -12.63 -20.74
N PRO B 107 -12.77 -13.06 -21.94
CA PRO B 107 -12.02 -12.69 -23.13
C PRO B 107 -12.32 -11.26 -23.59
N ASN B 108 -11.41 -10.72 -24.39
CA ASN B 108 -11.58 -9.45 -25.08
C ASN B 108 -11.76 -8.25 -24.13
N GLY B 109 -10.85 -8.11 -23.17
CA GLY B 109 -10.72 -6.86 -22.39
C GLY B 109 -11.84 -6.50 -21.41
N VAL B 110 -12.66 -7.48 -21.06
CA VAL B 110 -13.92 -7.27 -20.33
C VAL B 110 -13.73 -7.51 -18.84
N ARG B 111 -13.52 -6.42 -18.11
CA ARG B 111 -13.16 -6.49 -16.68
C ARG B 111 -14.44 -6.51 -15.87
N VAL B 112 -14.61 -7.53 -15.03
CA VAL B 112 -15.84 -7.73 -14.27
C VAL B 112 -15.76 -7.11 -12.88
N TRP B 113 -16.79 -6.35 -12.49
CA TRP B 113 -16.97 -5.86 -11.09
C TRP B 113 -18.33 -6.34 -10.58
N LEU B 114 -18.39 -6.86 -9.37
CA LEU B 114 -19.65 -7.34 -8.81
C LEU B 114 -20.12 -6.29 -7.83
N LYS B 115 -21.39 -5.89 -8.00
CA LYS B 115 -22.10 -5.03 -7.04
C LYS B 115 -22.96 -5.99 -6.23
N LEU B 116 -22.66 -6.07 -4.95
CA LEU B 116 -23.22 -7.07 -4.05
C LEU B 116 -24.45 -6.44 -3.33
N GLU B 117 -25.66 -6.84 -3.77
CA GLU B 117 -26.92 -6.31 -3.18
C GLU B 117 -27.39 -7.08 -1.95
N TRP B 118 -26.69 -8.16 -1.62
CA TRP B 118 -27.04 -8.86 -0.39
C TRP B 118 -26.74 -8.08 0.87
N TYR B 119 -25.97 -6.99 0.69
CA TYR B 119 -25.66 -5.97 1.69
C TYR B 119 -26.81 -5.02 2.12
N ASN B 120 -27.97 -5.14 1.50
CA ASN B 120 -29.21 -4.59 2.05
C ASN B 120 -29.60 -5.30 3.34
N PRO B 121 -30.02 -4.54 4.38
CA PRO B 121 -30.07 -5.12 5.72
C PRO B 121 -31.18 -6.11 6.05
N PHE B 122 -32.20 -6.27 5.18
CA PHE B 122 -33.48 -6.97 5.52
C PHE B 122 -33.71 -8.33 4.80
N SER B 123 -33.77 -8.28 3.47
CA SER B 123 -33.92 -9.48 2.64
C SER B 123 -32.56 -10.04 2.25
N LEU B 124 -31.49 -9.30 2.56
CA LEU B 124 -30.17 -9.56 2.04
C LEU B 124 -30.33 -9.79 0.54
N SER B 125 -30.97 -8.81 -0.10
CA SER B 125 -31.27 -8.86 -1.53
C SER B 125 -31.50 -7.48 -2.13
N VAL B 126 -31.54 -7.45 -3.45
CA VAL B 126 -31.80 -6.20 -4.16
C VAL B 126 -33.25 -5.72 -3.96
N ALA B 127 -34.13 -6.57 -3.43
CA ALA B 127 -35.54 -6.21 -3.23
C ALA B 127 -35.84 -5.33 -2.00
N ASP B 128 -34.88 -5.14 -1.11
CA ASP B 128 -35.06 -4.13 -0.06
C ASP B 128 -35.31 -2.73 -0.59
N ARG B 129 -34.71 -2.42 -1.73
CA ARG B 129 -34.79 -1.06 -2.27
C ARG B 129 -36.22 -0.68 -2.74
N PRO B 130 -36.88 -1.53 -3.56
CA PRO B 130 -38.26 -1.25 -3.85
C PRO B 130 -39.17 -1.19 -2.63
N ALA B 131 -39.08 -2.25 -1.80
CA ALA B 131 -39.90 -2.42 -0.58
C ALA B 131 -39.95 -1.09 0.17
N VAL B 132 -38.82 -0.63 0.71
CA VAL B 132 -38.67 0.75 1.36
C VAL B 132 -39.27 1.94 0.54
N GLU B 133 -39.12 2.02 -0.79
CA GLU B 133 -39.67 3.21 -1.54
C GLU B 133 -41.21 3.15 -1.69
N ILE B 134 -41.72 1.96 -2.01
CA ILE B 134 -43.08 1.75 -2.11
C ILE B 134 -43.79 1.99 -0.78
N ILE B 135 -43.29 1.41 0.32
CA ILE B 135 -43.94 1.63 1.65
C ILE B 135 -43.80 3.06 2.19
N SER B 136 -42.58 3.55 2.35
CA SER B 136 -42.44 4.96 2.68
C SER B 136 -43.44 5.82 1.89
N ARG B 137 -43.51 5.69 0.57
CA ARG B 137 -44.38 6.65 -0.17
C ARG B 137 -45.89 6.50 0.08
N LEU B 138 -46.31 5.27 0.29
CA LEU B 138 -47.68 4.96 0.69
C LEU B 138 -47.96 5.37 2.16
N SER B 139 -46.90 5.62 2.96
CA SER B 139 -46.97 5.69 4.45
C SER B 139 -47.64 6.91 5.07
N ARG B 140 -47.80 7.97 4.27
CA ARG B 140 -48.59 9.15 4.65
C ARG B 140 -50.07 8.94 4.25
N ARG B 141 -50.31 8.21 3.15
CA ARG B 141 -51.63 8.11 2.52
C ARG B 141 -52.51 6.89 2.90
N VAL B 142 -51.94 5.88 3.56
CA VAL B 142 -52.68 4.67 3.98
C VAL B 142 -52.63 4.59 5.49
N GLU B 143 -53.69 4.07 6.12
CA GLU B 143 -53.80 4.08 7.60
C GLU B 143 -52.93 3.00 8.27
N LYS B 144 -52.20 3.43 9.31
CA LYS B 144 -51.31 2.52 10.03
C LYS B 144 -52.19 1.36 10.43
N GLY B 145 -51.59 0.16 10.41
CA GLY B 145 -52.25 -1.05 10.84
C GLY B 145 -52.91 -1.81 9.72
N SER B 146 -53.16 -1.15 8.58
CA SER B 146 -53.64 -1.82 7.36
C SER B 146 -52.68 -2.89 6.90
N LEU B 147 -53.22 -3.89 6.23
CA LEU B 147 -52.41 -4.94 5.62
C LEU B 147 -51.95 -4.44 4.24
N VAL B 148 -50.64 -4.58 3.98
CA VAL B 148 -50.08 -4.61 2.63
C VAL B 148 -49.67 -5.99 2.21
N ALA B 149 -49.69 -6.22 0.89
CA ALA B 149 -49.54 -7.55 0.36
C ALA B 149 -49.00 -7.52 -1.05
N ASP B 150 -48.27 -8.55 -1.45
CA ASP B 150 -47.91 -8.75 -2.85
C ASP B 150 -47.50 -10.19 -3.09
N ALA B 151 -47.45 -10.54 -4.37
CA ALA B 151 -46.89 -11.81 -4.87
C ALA B 151 -45.39 -11.64 -5.00
N THR B 152 -44.62 -12.61 -4.47
CA THR B 152 -43.14 -12.59 -4.54
C THR B 152 -42.62 -13.93 -5.04
N SER B 153 -41.38 -13.93 -5.56
CA SER B 153 -40.60 -15.16 -5.77
C SER B 153 -39.86 -15.58 -4.51
N SER B 154 -39.72 -14.65 -3.56
CA SER B 154 -39.13 -14.85 -2.21
C SER B 154 -38.62 -13.53 -1.63
N ASN B 155 -37.61 -12.96 -2.28
CA ASN B 155 -36.94 -11.80 -1.71
C ASN B 155 -37.87 -10.63 -1.36
N PHE B 156 -38.75 -10.24 -2.29
CA PHE B 156 -39.54 -9.03 -2.14
C PHE B 156 -40.55 -9.17 -1.01
N GLY B 157 -41.10 -10.35 -0.87
CA GLY B 157 -41.94 -10.65 0.32
C GLY B 157 -41.24 -10.54 1.64
N VAL B 158 -39.94 -10.91 1.68
CA VAL B 158 -39.15 -10.77 2.91
C VAL B 158 -38.86 -9.29 3.15
N ALA B 159 -38.34 -8.57 2.15
CA ALA B 159 -38.19 -7.12 2.28
C ALA B 159 -39.49 -6.51 2.79
N LEU B 160 -40.58 -6.72 2.04
CA LEU B 160 -41.88 -6.13 2.39
C LEU B 160 -42.31 -6.41 3.84
N SER B 161 -42.20 -7.68 4.28
CA SER B 161 -42.50 -8.04 5.69
C SER B 161 -41.67 -7.31 6.75
N ALA B 162 -40.37 -7.13 6.48
CA ALA B 162 -39.48 -6.33 7.32
C ALA B 162 -39.82 -4.84 7.30
N VAL B 163 -39.95 -4.27 6.11
CA VAL B 163 -40.23 -2.83 6.01
C VAL B 163 -41.59 -2.50 6.59
N ALA B 164 -42.60 -3.35 6.34
CA ALA B 164 -43.94 -3.16 6.93
C ALA B 164 -43.92 -3.10 8.46
N ARG B 165 -43.00 -3.83 9.07
CA ARG B 165 -42.76 -3.76 10.51
C ARG B 165 -42.20 -2.40 10.91
N LEU B 166 -41.28 -1.90 10.12
CA LEU B 166 -40.67 -0.62 10.42
C LEU B 166 -41.59 0.58 10.19
N TYR B 167 -42.66 0.42 9.39
CA TYR B 167 -43.61 1.52 9.13
C TYR B 167 -44.96 1.39 9.82
N GLY B 168 -45.19 0.37 10.64
CA GLY B 168 -46.52 0.11 11.23
C GLY B 168 -47.63 -0.46 10.40
N TYR B 169 -47.35 -1.54 9.66
CA TYR B 169 -48.31 -2.15 8.75
C TYR B 169 -48.14 -3.66 8.93
N ARG B 170 -49.19 -4.46 8.76
CA ARG B 170 -49.00 -5.92 8.80
C ARG B 170 -48.66 -6.29 7.36
N ALA B 171 -47.99 -7.41 7.10
CA ALA B 171 -47.81 -7.85 5.71
C ALA B 171 -48.46 -9.19 5.62
N ARG B 172 -48.93 -9.50 4.42
CA ARG B 172 -49.20 -10.86 4.02
C ARG B 172 -48.40 -11.00 2.75
N VAL B 173 -47.86 -12.19 2.46
CA VAL B 173 -47.19 -12.47 1.20
C VAL B 173 -47.83 -13.68 0.49
N TYR B 174 -47.79 -13.67 -0.84
CA TYR B 174 -48.22 -14.78 -1.70
C TYR B 174 -47.05 -15.34 -2.51
N LEU B 175 -46.84 -16.65 -2.40
CA LEU B 175 -45.75 -17.33 -3.11
C LEU B 175 -46.25 -18.53 -3.89
N PRO B 176 -45.53 -18.89 -4.99
CA PRO B 176 -45.75 -20.15 -5.69
C PRO B 176 -45.10 -21.32 -4.95
N GLY B 177 -45.55 -22.53 -5.27
CA GLY B 177 -44.93 -23.75 -4.72
C GLY B 177 -43.45 -23.91 -5.02
N ALA B 178 -42.98 -23.43 -6.18
CA ALA B 178 -41.58 -23.55 -6.61
C ALA B 178 -40.59 -22.52 -6.02
N ALA B 179 -41.07 -21.65 -5.11
CA ALA B 179 -40.21 -20.67 -4.42
C ALA B 179 -39.35 -21.30 -3.34
N GLU B 180 -38.20 -20.68 -3.08
CA GLU B 180 -37.28 -21.16 -2.05
C GLU B 180 -37.91 -21.10 -0.67
N GLU B 181 -37.40 -21.97 0.19
CA GLU B 181 -37.95 -22.12 1.52
C GLU B 181 -37.73 -20.92 2.43
N PHE B 182 -36.62 -20.19 2.31
CA PHE B 182 -36.49 -18.93 3.08
C PHE B 182 -37.65 -17.94 2.76
N GLY B 183 -38.07 -17.91 1.50
CA GLY B 183 -39.23 -17.16 1.04
C GLY B 183 -40.54 -17.46 1.74
N LYS B 184 -40.79 -18.73 2.01
CA LYS B 184 -42.03 -19.15 2.71
C LYS B 184 -41.93 -18.98 4.23
N LEU B 185 -40.70 -18.97 4.73
CA LEU B 185 -40.45 -19.06 6.16
C LEU B 185 -40.13 -17.71 6.79
N LEU B 186 -39.27 -16.91 6.15
CA LEU B 186 -38.78 -15.72 6.83
C LEU B 186 -39.86 -14.67 7.07
N PRO B 187 -40.84 -14.51 6.14
CA PRO B 187 -41.96 -13.60 6.42
C PRO B 187 -42.74 -13.98 7.69
N ARG B 188 -42.91 -15.25 7.96
CA ARG B 188 -43.49 -15.64 9.26
C ARG B 188 -42.65 -15.18 10.45
N LEU B 189 -41.33 -15.33 10.36
CA LEU B 189 -40.41 -14.82 11.42
C LEU B 189 -40.58 -13.30 11.62
N LEU B 190 -40.77 -12.59 10.52
CA LEU B 190 -40.98 -11.14 10.57
C LEU B 190 -42.43 -10.72 10.89
N GLY B 191 -43.30 -11.68 11.21
CA GLY B 191 -44.68 -11.43 11.62
C GLY B 191 -45.74 -11.29 10.54
N ALA B 192 -45.36 -11.58 9.28
CA ALA B 192 -46.25 -11.52 8.17
C ALA B 192 -46.95 -12.88 7.97
N GLN B 193 -48.15 -12.81 7.37
CA GLN B 193 -48.94 -13.98 6.94
C GLN B 193 -48.34 -14.44 5.63
N VAL B 194 -48.44 -15.75 5.35
CA VAL B 194 -47.84 -16.37 4.15
C VAL B 194 -48.88 -17.29 3.53
N ILE B 195 -48.93 -17.30 2.20
CA ILE B 195 -49.86 -18.14 1.46
C ILE B 195 -49.05 -18.75 0.33
N VAL B 196 -48.89 -20.07 0.35
CA VAL B 196 -48.20 -20.79 -0.72
C VAL B 196 -49.26 -21.38 -1.63
N ASP B 197 -49.08 -21.25 -2.94
CA ASP B 197 -49.88 -22.02 -3.91
C ASP B 197 -48.97 -23.10 -4.52
N PRO B 198 -49.26 -24.39 -4.24
CA PRO B 198 -48.55 -25.49 -4.91
C PRO B 198 -48.75 -25.52 -6.45
N GLU B 199 -49.93 -25.13 -6.93
CA GLU B 199 -50.27 -25.21 -8.36
C GLU B 199 -49.47 -24.28 -9.28
N ALA B 200 -49.07 -23.11 -8.76
CA ALA B 200 -48.65 -21.96 -9.58
C ALA B 200 -47.25 -22.10 -10.22
N PRO B 201 -47.17 -22.12 -11.56
CA PRO B 201 -45.86 -22.25 -12.21
C PRO B 201 -44.93 -21.02 -12.12
N SER B 202 -45.44 -19.87 -11.67
CA SER B 202 -44.61 -18.67 -11.48
C SER B 202 -45.28 -17.66 -10.53
N THR B 203 -44.56 -16.57 -10.25
CA THR B 203 -45.14 -15.50 -9.42
C THR B 203 -46.08 -14.60 -10.25
N VAL B 204 -45.75 -14.29 -11.52
CA VAL B 204 -46.75 -13.60 -12.40
C VAL B 204 -48.08 -14.35 -12.49
N HIS B 205 -48.06 -15.68 -12.41
CA HIS B 205 -49.31 -16.44 -12.34
C HIS B 205 -50.16 -16.14 -11.10
N LEU B 206 -49.53 -15.72 -10.00
CA LEU B 206 -50.26 -15.37 -8.77
C LEU B 206 -51.07 -14.08 -8.79
N LEU B 207 -50.75 -13.17 -9.70
CA LEU B 207 -51.29 -11.80 -9.62
C LEU B 207 -52.84 -11.68 -9.63
N PRO B 208 -53.53 -12.41 -10.53
CA PRO B 208 -55.01 -12.44 -10.50
C PRO B 208 -55.63 -12.76 -9.13
N ARG B 209 -55.04 -13.72 -8.42
CA ARG B 209 -55.49 -14.08 -7.07
C ARG B 209 -55.24 -12.98 -6.05
N VAL B 210 -54.07 -12.33 -6.15
CA VAL B 210 -53.70 -11.26 -5.21
C VAL B 210 -54.61 -10.06 -5.45
N MET B 211 -54.79 -9.70 -6.72
CA MET B 211 -55.76 -8.66 -7.14
C MET B 211 -57.20 -8.90 -6.64
N LYS B 212 -57.71 -10.10 -6.94
CA LYS B 212 -59.02 -10.53 -6.43
C LYS B 212 -59.12 -10.44 -4.90
N ASP B 213 -58.19 -11.07 -4.17
CA ASP B 213 -58.17 -11.05 -2.67
C ASP B 213 -58.03 -9.60 -2.14
N SER B 214 -57.28 -8.75 -2.85
CA SER B 214 -57.19 -7.32 -2.50
C SER B 214 -58.57 -6.64 -2.59
N LYS B 215 -59.28 -6.87 -3.70
CA LYS B 215 -60.67 -6.46 -3.82
C LYS B 215 -61.59 -6.89 -2.68
N ASN B 216 -61.55 -8.17 -2.31
CA ASN B 216 -62.48 -8.72 -1.31
C ASN B 216 -62.25 -8.17 0.08
N GLU B 217 -61.03 -8.40 0.60
CA GLU B 217 -60.66 -8.14 1.98
C GLU B 217 -60.22 -6.69 2.18
N GLY B 218 -59.86 -6.01 1.10
CA GLY B 218 -59.43 -4.63 1.19
C GLY B 218 -58.11 -4.51 1.91
N PHE B 219 -57.09 -5.09 1.28
CA PHE B 219 -55.73 -4.77 1.64
C PHE B 219 -55.12 -4.03 0.45
N VAL B 220 -54.04 -3.31 0.75
CA VAL B 220 -53.29 -2.56 -0.27
C VAL B 220 -52.38 -3.56 -0.98
N HIS B 221 -52.70 -3.91 -2.23
CA HIS B 221 -51.83 -4.72 -3.04
C HIS B 221 -50.77 -3.79 -3.66
N VAL B 222 -49.51 -3.93 -3.26
CA VAL B 222 -48.46 -2.90 -3.57
C VAL B 222 -47.82 -3.11 -4.96
N ASN B 223 -48.00 -4.30 -5.51
CA ASN B 223 -47.77 -4.61 -6.92
C ASN B 223 -46.44 -4.11 -7.51
N GLN B 224 -45.38 -4.80 -7.09
CA GLN B 224 -44.00 -4.60 -7.55
C GLN B 224 -43.82 -4.69 -9.06
N TYR B 225 -44.72 -5.38 -9.73
CA TYR B 225 -44.72 -5.42 -11.18
C TYR B 225 -45.17 -4.14 -11.84
N TYR B 226 -45.97 -3.33 -11.13
CA TYR B 226 -46.62 -2.14 -11.69
C TYR B 226 -46.37 -0.85 -10.92
N ASN B 227 -45.69 -0.93 -9.77
CA ASN B 227 -45.47 0.23 -8.95
C ASN B 227 -44.27 1.01 -9.52
N ASP B 228 -44.51 2.24 -9.94
CA ASP B 228 -43.38 3.09 -10.36
C ASP B 228 -42.30 3.32 -9.28
N ALA B 229 -42.67 3.29 -7.99
CA ALA B 229 -41.68 3.38 -6.88
C ALA B 229 -40.67 2.22 -6.85
N ASN B 230 -40.95 1.13 -7.56
CA ASN B 230 -39.97 0.11 -7.74
C ASN B 230 -38.87 0.65 -8.65
N PHE B 231 -39.20 0.99 -9.89
CA PHE B 231 -38.25 1.69 -10.84
C PHE B 231 -37.48 2.88 -10.23
N GLU B 232 -38.22 3.74 -9.54
CA GLU B 232 -37.64 4.94 -8.89
C GLU B 232 -36.68 4.61 -7.74
N ALA B 233 -36.96 3.60 -6.91
CA ALA B 233 -35.99 3.14 -5.93
C ALA B 233 -34.68 2.77 -6.58
N HIS B 234 -34.70 2.26 -7.82
CA HIS B 234 -33.51 1.80 -8.44
C HIS B 234 -32.78 2.92 -9.22
N MET B 235 -33.51 3.91 -9.61
CA MET B 235 -32.93 5.10 -10.26
C MET B 235 -32.13 5.77 -9.17
N ARG B 236 -32.77 6.23 -8.10
CA ARG B 236 -32.03 7.00 -7.10
C ARG B 236 -31.06 6.20 -6.21
N GLY B 237 -31.28 4.89 -6.10
CA GLY B 237 -30.44 3.96 -5.37
C GLY B 237 -29.36 3.29 -6.21
N THR B 238 -29.73 2.19 -6.87
CA THR B 238 -28.81 1.24 -7.49
C THR B 238 -28.10 1.72 -8.74
N ALA B 239 -28.81 2.51 -9.53
CA ALA B 239 -28.28 3.00 -10.78
C ALA B 239 -27.38 4.19 -10.57
N ARG B 240 -27.85 5.14 -9.76
CA ARG B 240 -27.07 6.31 -9.41
C ARG B 240 -25.77 5.91 -8.68
N GLU B 241 -25.86 4.97 -7.76
CA GLU B 241 -24.66 4.35 -7.17
C GLU B 241 -23.78 3.74 -8.24
N ILE B 242 -24.34 2.96 -9.19
CA ILE B 242 -23.48 2.42 -10.22
C ILE B 242 -22.68 3.55 -10.90
N PHE B 243 -23.35 4.68 -11.14
CA PHE B 243 -22.80 5.88 -11.83
C PHE B 243 -21.77 6.68 -11.00
N VAL B 244 -22.16 7.06 -9.78
CA VAL B 244 -21.21 7.58 -8.79
C VAL B 244 -19.98 6.65 -8.53
N GLN B 245 -20.19 5.33 -8.27
CA GLN B 245 -19.11 4.48 -8.02
C GLN B 245 -18.16 4.42 -9.22
N SER B 246 -18.72 4.47 -10.43
CA SER B 246 -17.96 4.37 -11.67
C SER B 246 -17.04 5.60 -11.85
N ARG B 247 -17.52 6.77 -11.44
CA ARG B 247 -16.76 8.02 -11.59
C ARG B 247 -15.72 8.15 -10.48
N ARG B 248 -16.16 8.11 -9.22
CA ARG B 248 -15.22 8.16 -8.10
C ARG B 248 -14.17 7.01 -8.11
N GLY B 249 -14.61 5.80 -8.42
CA GLY B 249 -13.71 4.67 -8.56
C GLY B 249 -12.75 4.74 -9.76
N GLY B 250 -13.09 5.54 -10.76
CA GLY B 250 -12.27 5.65 -11.98
C GLY B 250 -12.44 4.46 -12.91
N LEU B 251 -13.55 3.74 -12.75
CA LEU B 251 -13.92 2.70 -13.70
C LEU B 251 -14.18 3.29 -15.09
N ALA B 252 -13.56 2.68 -16.11
CA ALA B 252 -13.99 2.89 -17.50
C ALA B 252 -15.30 2.10 -17.70
N LEU B 253 -16.42 2.66 -17.23
CA LEU B 253 -17.70 1.94 -17.32
C LEU B 253 -18.15 1.89 -18.78
N ARG B 254 -18.11 0.69 -19.35
CA ARG B 254 -18.50 0.47 -20.76
C ARG B 254 -19.82 -0.29 -20.92
N GLY B 255 -20.20 -1.07 -19.92
CA GLY B 255 -21.46 -1.72 -19.92
C GLY B 255 -21.80 -2.27 -18.56
N VAL B 256 -23.07 -2.50 -18.33
CA VAL B 256 -23.54 -3.17 -17.10
C VAL B 256 -24.13 -4.47 -17.57
N ALA B 257 -24.19 -5.46 -16.68
CA ALA B 257 -24.97 -6.67 -16.92
C ALA B 257 -25.81 -6.99 -15.70
N GLY B 258 -26.86 -7.78 -15.91
CA GLY B 258 -27.76 -8.18 -14.84
C GLY B 258 -28.99 -8.91 -15.28
N SER B 259 -29.85 -9.27 -14.33
CA SER B 259 -31.00 -10.12 -14.59
C SER B 259 -32.35 -9.41 -14.43
N LEU B 260 -33.44 -10.14 -14.68
CA LEU B 260 -34.79 -9.57 -14.71
C LEU B 260 -35.90 -10.41 -14.04
N GLY B 261 -36.47 -9.85 -12.96
CA GLY B 261 -37.74 -10.35 -12.34
C GLY B 261 -38.89 -9.40 -12.64
N THR B 262 -39.03 -8.36 -11.84
CA THR B 262 -39.91 -7.25 -12.19
C THR B 262 -39.28 -6.37 -13.30
N SER B 263 -37.98 -6.48 -13.49
CA SER B 263 -37.25 -5.66 -14.49
C SER B 263 -36.94 -4.25 -13.99
N GLY B 264 -37.24 -3.96 -12.72
CA GLY B 264 -36.98 -2.65 -12.15
C GLY B 264 -35.52 -2.31 -12.01
N HIS B 265 -34.70 -3.24 -11.50
CA HIS B 265 -33.32 -2.88 -11.19
C HIS B 265 -32.48 -2.65 -12.46
N MET B 266 -32.51 -3.56 -13.42
CA MET B 266 -31.76 -3.32 -14.67
C MET B 266 -32.34 -2.25 -15.59
N SER B 267 -33.68 -2.14 -15.65
CA SER B 267 -34.37 -1.09 -16.43
C SER B 267 -33.85 0.25 -15.96
N ALA B 268 -33.88 0.46 -14.64
CA ALA B 268 -33.27 1.66 -14.02
C ALA B 268 -31.78 1.80 -14.38
N ALA B 269 -31.03 0.72 -14.18
CA ALA B 269 -29.58 0.74 -14.39
C ALA B 269 -29.27 1.25 -15.78
N ALA B 270 -29.97 0.67 -16.75
CA ALA B 270 -29.78 0.99 -18.17
C ALA B 270 -30.22 2.41 -18.51
N PHE B 271 -31.45 2.75 -18.12
CA PHE B 271 -32.04 4.04 -18.40
C PHE B 271 -31.12 5.15 -17.91
N TYR B 272 -30.73 5.07 -16.64
CA TYR B 272 -29.83 6.06 -15.99
C TYR B 272 -28.52 6.17 -16.82
N LEU B 273 -27.80 5.06 -16.93
CA LEU B 273 -26.43 5.12 -17.45
C LEU B 273 -26.39 5.49 -18.90
N GLN B 274 -27.37 4.98 -19.65
CA GLN B 274 -27.52 5.32 -21.07
C GLN B 274 -27.90 6.79 -21.29
N SER B 275 -28.51 7.43 -20.26
CA SER B 275 -28.72 8.87 -20.32
C SER B 275 -27.43 9.69 -20.30
N VAL B 276 -26.49 9.29 -19.45
CA VAL B 276 -25.15 9.89 -19.36
C VAL B 276 -24.40 9.57 -20.68
N ASP B 277 -24.39 8.29 -21.06
CA ASP B 277 -23.68 7.81 -22.27
C ASP B 277 -24.41 6.64 -22.95
N PRO B 278 -25.09 6.93 -24.08
CA PRO B 278 -25.92 5.91 -24.69
C PRO B 278 -25.15 4.70 -25.22
N SER B 279 -23.82 4.83 -25.38
CA SER B 279 -22.92 3.70 -25.73
C SER B 279 -22.66 2.68 -24.61
N ILE B 280 -23.22 2.91 -23.42
CA ILE B 280 -22.99 2.01 -22.32
C ILE B 280 -23.93 0.83 -22.58
N ARG B 281 -23.42 -0.38 -22.46
CA ARG B 281 -24.19 -1.59 -22.82
C ARG B 281 -25.03 -2.12 -21.64
N ALA B 282 -26.10 -2.86 -21.96
CA ALA B 282 -26.97 -3.48 -20.95
C ALA B 282 -27.14 -4.94 -21.29
N VAL B 283 -26.20 -5.75 -20.84
CA VAL B 283 -26.28 -7.19 -21.10
C VAL B 283 -27.23 -7.82 -20.07
N LEU B 284 -28.32 -8.40 -20.54
CA LEU B 284 -29.37 -8.94 -19.68
C LEU B 284 -29.51 -10.44 -19.85
N VAL B 285 -29.91 -11.13 -18.78
CA VAL B 285 -30.04 -12.59 -18.75
C VAL B 285 -31.42 -12.99 -19.22
N GLN B 286 -31.49 -13.97 -20.12
CA GLN B 286 -32.72 -14.69 -20.37
C GLN B 286 -32.53 -16.14 -19.94
N PRO B 287 -33.23 -16.56 -18.87
CA PRO B 287 -33.24 -17.99 -18.60
C PRO B 287 -33.70 -18.73 -19.85
N ALA B 288 -32.94 -19.75 -20.24
CA ALA B 288 -33.30 -20.57 -21.40
C ALA B 288 -34.64 -21.23 -21.13
N GLN B 289 -35.42 -21.47 -22.18
CA GLN B 289 -36.78 -21.98 -22.01
C GLN B 289 -36.75 -23.41 -21.45
N GLY B 290 -37.67 -23.70 -20.53
CA GLY B 290 -37.71 -24.96 -19.79
C GLY B 290 -37.06 -24.94 -18.41
N ASP B 291 -36.27 -23.89 -18.12
CA ASP B 291 -35.57 -23.75 -16.84
C ASP B 291 -36.24 -22.76 -15.91
N SER B 292 -35.76 -22.75 -14.69
CA SER B 292 -36.21 -21.82 -13.65
C SER B 292 -35.01 -21.36 -12.83
N ILE B 293 -34.70 -20.07 -12.92
CA ILE B 293 -33.62 -19.44 -12.16
C ILE B 293 -34.27 -18.62 -11.03
N PRO B 294 -33.95 -18.94 -9.76
CA PRO B 294 -34.63 -18.24 -8.66
C PRO B 294 -34.68 -16.71 -8.75
N GLY B 295 -35.90 -16.18 -8.79
CA GLY B 295 -36.17 -14.73 -8.71
C GLY B 295 -36.12 -13.99 -10.04
N ILE B 296 -35.94 -14.70 -11.13
CA ILE B 296 -35.90 -14.08 -12.43
C ILE B 296 -36.85 -14.87 -13.34
N ALA B 297 -37.08 -14.35 -14.52
CA ALA B 297 -38.10 -14.94 -15.39
C ALA B 297 -37.80 -14.44 -16.76
N ARG B 298 -38.56 -14.95 -17.73
CA ARG B 298 -38.41 -14.57 -19.12
C ARG B 298 -39.17 -13.26 -19.38
N VAL B 299 -38.61 -12.41 -20.25
CA VAL B 299 -39.19 -11.08 -20.57
C VAL B 299 -40.61 -11.16 -21.17
N GLU B 300 -40.89 -12.19 -21.97
CA GLU B 300 -42.20 -12.33 -22.58
C GLU B 300 -43.33 -12.73 -21.59
N THR B 301 -42.99 -13.03 -20.33
CA THR B 301 -44.01 -13.40 -19.34
C THR B 301 -44.70 -12.21 -18.68
N GLY B 302 -44.24 -10.97 -18.93
CA GLY B 302 -44.93 -9.75 -18.47
C GLY B 302 -44.08 -8.80 -17.63
N MET B 303 -43.40 -7.87 -18.29
CA MET B 303 -42.49 -6.91 -17.64
C MET B 303 -42.80 -5.49 -18.08
N LEU B 304 -42.96 -4.60 -17.11
CA LEU B 304 -43.30 -3.20 -17.35
C LEU B 304 -42.15 -2.38 -17.93
N TRP B 305 -41.14 -2.10 -17.13
CA TRP B 305 -40.21 -0.98 -17.41
C TRP B 305 -39.22 -1.24 -18.56
N ILE B 306 -38.76 -2.49 -18.68
CA ILE B 306 -37.94 -2.90 -19.83
C ILE B 306 -38.68 -2.76 -21.17
N ASN B 307 -39.98 -3.08 -21.19
CA ASN B 307 -40.79 -2.97 -22.41
C ASN B 307 -41.25 -1.53 -22.80
N MET B 308 -41.33 -0.61 -21.84
CA MET B 308 -41.90 0.73 -22.08
C MET B 308 -40.92 1.89 -22.28
N LEU B 309 -39.79 1.85 -21.57
CA LEU B 309 -38.81 2.96 -21.58
C LEU B 309 -37.83 2.83 -22.74
N ASP B 310 -37.23 3.95 -23.13
CA ASP B 310 -36.24 3.95 -24.19
C ASP B 310 -34.89 3.48 -23.63
N ILE B 311 -34.70 2.16 -23.68
CA ILE B 311 -33.57 1.42 -23.12
C ILE B 311 -32.96 0.53 -24.23
N SER B 312 -31.63 0.48 -24.30
CA SER B 312 -30.90 -0.43 -25.20
C SER B 312 -30.37 -1.65 -24.44
N TYR B 313 -30.64 -2.84 -24.95
CA TYR B 313 -30.10 -4.07 -24.39
C TYR B 313 -29.80 -5.13 -25.44
N THR B 314 -29.14 -6.19 -24.98
CA THR B 314 -29.13 -7.49 -25.63
C THR B 314 -29.48 -8.53 -24.56
N LEU B 315 -30.24 -9.54 -24.97
CA LEU B 315 -30.68 -10.63 -24.09
C LEU B 315 -29.91 -11.89 -24.45
N ALA B 316 -29.22 -12.47 -23.47
CA ALA B 316 -28.52 -13.74 -23.67
C ALA B 316 -29.35 -14.88 -23.06
N GLU B 317 -29.24 -16.04 -23.69
CA GLU B 317 -29.86 -17.27 -23.19
C GLU B 317 -28.90 -17.89 -22.18
N VAL B 318 -29.42 -18.31 -21.04
CA VAL B 318 -28.62 -18.87 -19.96
C VAL B 318 -29.43 -19.98 -19.28
N THR B 319 -28.87 -21.18 -19.21
CA THR B 319 -29.48 -22.26 -18.44
C THR B 319 -29.11 -22.10 -16.98
N LEU B 320 -29.84 -22.80 -16.12
CA LEU B 320 -29.56 -22.83 -14.68
C LEU B 320 -28.23 -23.51 -14.41
N GLU B 321 -27.91 -24.56 -15.18
CA GLU B 321 -26.62 -25.22 -15.10
C GLU B 321 -25.51 -24.19 -15.29
N GLU B 322 -25.64 -23.43 -16.38
CA GLU B 322 -24.72 -22.37 -16.69
C GLU B 322 -24.66 -21.35 -15.55
N ALA B 323 -25.81 -20.88 -15.07
CA ALA B 323 -25.84 -19.94 -13.93
C ALA B 323 -24.99 -20.46 -12.77
N MET B 324 -25.29 -21.68 -12.32
CA MET B 324 -24.60 -22.28 -11.18
C MET B 324 -23.11 -22.58 -11.38
N GLU B 325 -22.70 -22.82 -12.62
CA GLU B 325 -21.29 -22.91 -12.99
C GLU B 325 -20.50 -21.61 -12.72
N ALA B 326 -21.05 -20.47 -13.14
CA ALA B 326 -20.53 -19.14 -12.78
C ALA B 326 -20.52 -18.89 -11.28
N VAL B 327 -21.57 -19.36 -10.60
CA VAL B 327 -21.54 -19.35 -9.14
C VAL B 327 -20.21 -20.01 -8.70
N VAL B 328 -19.95 -21.22 -9.18
CA VAL B 328 -18.74 -21.96 -8.80
C VAL B 328 -17.45 -21.25 -9.20
N GLU B 329 -17.41 -20.66 -10.39
CA GLU B 329 -16.24 -19.90 -10.83
C GLU B 329 -15.97 -18.64 -10.00
N VAL B 330 -17.04 -18.00 -9.51
CA VAL B 330 -16.93 -16.80 -8.63
C VAL B 330 -16.41 -17.15 -7.22
N ALA B 331 -17.01 -18.17 -6.63
CA ALA B 331 -16.49 -18.76 -5.40
C ALA B 331 -15.01 -19.17 -5.43
N ARG B 332 -14.60 -19.84 -6.50
CA ARG B 332 -13.26 -20.35 -6.64
C ARG B 332 -12.25 -19.34 -7.13
N SER B 333 -12.67 -18.36 -7.91
CA SER B 333 -11.81 -17.23 -8.23
C SER B 333 -11.74 -16.32 -7.02
N ASP B 334 -12.90 -15.82 -6.60
CA ASP B 334 -13.00 -14.65 -5.72
C ASP B 334 -13.35 -14.91 -4.26
N GLY B 335 -13.68 -16.14 -3.90
CA GLY B 335 -14.11 -16.44 -2.54
C GLY B 335 -15.36 -15.73 -2.05
N LEU B 336 -16.24 -15.40 -3.00
CA LEU B 336 -17.56 -14.79 -2.76
C LEU B 336 -18.57 -15.76 -3.34
N VAL B 337 -19.60 -16.05 -2.56
CA VAL B 337 -20.69 -16.96 -2.92
C VAL B 337 -21.95 -16.16 -3.33
N ILE B 338 -22.14 -16.03 -4.65
CA ILE B 338 -23.21 -15.27 -5.27
C ILE B 338 -24.44 -16.16 -5.61
N GLY B 339 -25.56 -15.50 -5.85
CA GLY B 339 -26.89 -16.11 -6.02
C GLY B 339 -26.89 -16.73 -7.41
N PRO B 340 -27.83 -17.67 -7.70
CA PRO B 340 -28.07 -18.15 -9.09
C PRO B 340 -28.35 -17.07 -10.14
N SER B 341 -29.19 -16.07 -9.83
CA SER B 341 -29.46 -14.94 -10.74
C SER B 341 -28.18 -14.17 -10.97
N GLY B 342 -27.43 -13.97 -9.87
CA GLY B 342 -26.08 -13.37 -9.92
C GLY B 342 -25.16 -14.16 -10.83
N GLY B 343 -25.13 -15.47 -10.64
CA GLY B 343 -24.36 -16.33 -11.54
C GLY B 343 -24.79 -16.27 -13.00
N ALA B 344 -26.10 -16.21 -13.24
CA ALA B 344 -26.64 -16.05 -14.60
C ALA B 344 -26.21 -14.70 -15.16
N ALA B 345 -26.30 -13.69 -14.31
CA ALA B 345 -25.82 -12.37 -14.67
C ALA B 345 -24.42 -12.48 -15.27
N VAL B 346 -23.45 -12.97 -14.48
CA VAL B 346 -22.05 -13.16 -14.91
C VAL B 346 -21.92 -14.02 -16.19
N LYS B 347 -22.65 -15.12 -16.27
CA LYS B 347 -22.58 -15.97 -17.46
C LYS B 347 -22.93 -15.21 -18.75
N ALA B 348 -23.97 -14.36 -18.70
CA ALA B 348 -24.38 -13.54 -19.85
C ALA B 348 -23.29 -12.55 -20.28
N LEU B 349 -22.55 -11.99 -19.33
CA LEU B 349 -21.43 -11.10 -19.64
C LEU B 349 -20.25 -11.86 -20.24
N ALA B 350 -20.12 -13.13 -19.84
CA ALA B 350 -19.13 -14.04 -20.42
C ALA B 350 -19.46 -14.34 -21.88
N LYS B 351 -20.70 -14.77 -22.12
CA LYS B 351 -21.16 -15.11 -23.47
C LYS B 351 -20.99 -13.98 -24.49
N LYS B 352 -21.45 -12.78 -24.11
CA LYS B 352 -21.25 -11.57 -24.92
C LYS B 352 -19.80 -11.23 -25.14
N ALA B 353 -19.01 -11.31 -24.07
CA ALA B 353 -17.59 -10.99 -24.13
C ALA B 353 -16.84 -11.99 -25.05
N ALA B 354 -17.23 -13.26 -25.01
CA ALA B 354 -16.67 -14.29 -25.88
C ALA B 354 -16.82 -14.03 -27.37
N GLU B 355 -17.97 -13.51 -27.78
CA GLU B 355 -18.30 -13.28 -29.20
C GLU B 355 -17.89 -11.89 -29.73
N GLY B 356 -16.88 -11.28 -29.13
CA GLY B 356 -16.35 -9.98 -29.58
C GLY B 356 -17.31 -8.80 -29.51
N ASP B 357 -18.42 -8.97 -28.78
CA ASP B 357 -19.57 -8.06 -28.90
C ASP B 357 -19.52 -6.84 -27.98
N LEU B 358 -18.50 -6.71 -27.14
CA LEU B 358 -18.45 -5.62 -26.17
C LEU B 358 -17.11 -4.89 -26.19
N GLU B 359 -17.13 -3.68 -25.65
CA GLU B 359 -15.99 -2.77 -25.70
C GLU B 359 -15.05 -3.13 -24.54
N PRO B 360 -13.71 -3.18 -24.77
CA PRO B 360 -12.75 -3.29 -23.66
C PRO B 360 -12.98 -2.26 -22.57
N GLY B 361 -12.97 -2.70 -21.31
CA GLY B 361 -13.16 -1.82 -20.17
C GLY B 361 -13.78 -2.53 -18.97
N ASP B 362 -14.30 -1.72 -18.05
CA ASP B 362 -15.00 -2.17 -16.83
C ASP B 362 -16.53 -2.31 -17.01
N TYR B 363 -17.07 -3.42 -16.49
CA TYR B 363 -18.49 -3.83 -16.57
C TYR B 363 -19.03 -4.25 -15.20
N VAL B 364 -20.19 -3.70 -14.80
CA VAL B 364 -20.78 -3.87 -13.46
C VAL B 364 -21.97 -4.83 -13.46
N VAL B 365 -21.80 -5.96 -12.78
CA VAL B 365 -22.78 -7.02 -12.68
C VAL B 365 -23.45 -6.83 -11.36
N VAL B 366 -24.71 -6.40 -11.41
CA VAL B 366 -25.53 -6.20 -10.22
C VAL B 366 -25.87 -7.64 -9.84
N VAL B 367 -25.49 -8.02 -8.61
CA VAL B 367 -25.62 -9.40 -8.12
C VAL B 367 -26.80 -9.39 -7.15
N PRO B 368 -27.88 -10.09 -7.51
CA PRO B 368 -29.05 -9.72 -6.74
C PRO B 368 -28.93 -10.13 -5.27
N ASP B 369 -28.28 -11.26 -5.01
CA ASP B 369 -28.32 -11.83 -3.67
C ASP B 369 -27.24 -12.91 -3.37
N THR B 370 -27.17 -13.30 -2.12
CA THR B 370 -26.13 -14.19 -1.68
C THR B 370 -26.56 -15.62 -2.03
N GLY B 371 -25.58 -16.45 -2.33
CA GLY B 371 -25.77 -17.86 -2.58
C GLY B 371 -25.82 -18.66 -1.30
N PHE B 372 -25.60 -18.04 -0.13
CA PHE B 372 -25.80 -18.72 1.16
C PHE B 372 -27.26 -19.22 1.29
N LYS B 373 -28.21 -18.49 0.70
CA LYS B 373 -29.66 -18.82 0.76
C LYS B 373 -30.08 -20.07 -0.05
N TYR B 374 -29.30 -20.43 -1.07
CA TYR B 374 -29.66 -21.54 -2.00
C TYR B 374 -28.81 -22.80 -1.79
N LEU B 375 -28.84 -23.37 -0.59
CA LEU B 375 -27.95 -24.52 -0.34
C LEU B 375 -28.25 -25.78 -1.17
N SER B 376 -29.46 -26.00 -1.66
CA SER B 376 -29.70 -27.16 -2.55
C SER B 376 -29.14 -27.00 -3.94
N LEU B 377 -29.27 -25.83 -4.57
CA LEU B 377 -28.73 -25.62 -5.93
C LEU B 377 -27.19 -25.64 -5.98
N VAL B 378 -26.57 -25.27 -4.88
CA VAL B 378 -25.11 -25.33 -4.73
C VAL B 378 -24.69 -26.80 -4.69
N GLN B 379 -25.34 -27.56 -3.81
CA GLN B 379 -25.13 -29.00 -3.74
C GLN B 379 -25.18 -29.67 -5.11
N ASN B 380 -26.29 -29.46 -5.83
CA ASN B 380 -26.47 -30.07 -7.15
C ASN B 380 -25.43 -29.56 -8.15
N ALA B 381 -25.04 -28.30 -8.05
CA ALA B 381 -24.00 -27.70 -8.92
C ALA B 381 -22.60 -28.34 -8.76
N LEU B 382 -22.27 -28.74 -7.54
CA LEU B 382 -21.06 -29.52 -7.30
C LEU B 382 -21.20 -30.92 -7.89
N GLU B 383 -22.37 -31.55 -7.69
CA GLU B 383 -22.76 -32.84 -8.28
C GLU B 383 -21.88 -34.01 -7.80
N ALA C 2 -11.49 13.73 11.27
CA ALA C 2 -10.59 12.55 11.47
C ALA C 2 -9.59 12.51 10.31
N LEU C 3 -8.99 11.33 10.06
CA LEU C 3 -8.00 11.21 9.00
C LEU C 3 -8.33 10.07 8.03
N ALA C 4 -8.16 10.34 6.74
CA ALA C 4 -8.38 9.34 5.69
C ALA C 4 -7.15 9.26 4.82
N ASP C 5 -6.87 8.07 4.31
CA ASP C 5 -5.73 7.89 3.43
C ASP C 5 -5.98 8.73 2.18
N ILE C 6 -5.02 9.59 1.79
CA ILE C 6 -5.24 10.43 0.62
C ILE C 6 -5.34 9.63 -0.69
N SER C 7 -4.77 8.43 -0.73
CA SER C 7 -4.57 7.72 -2.01
C SER C 7 -5.82 7.17 -2.70
N GLY C 8 -6.98 7.21 -2.02
CA GLY C 8 -8.26 7.03 -2.68
C GLY C 8 -8.87 8.27 -3.33
N TYR C 9 -8.11 9.37 -3.40
CA TYR C 9 -8.63 10.66 -3.85
C TYR C 9 -7.73 11.32 -4.92
N LEU C 10 -6.77 10.56 -5.46
CA LEU C 10 -5.76 11.11 -6.36
C LEU C 10 -6.27 11.35 -7.79
N ASP C 11 -7.46 10.85 -8.11
CA ASP C 11 -8.18 11.28 -9.34
C ASP C 11 -8.22 12.81 -9.54
N VAL C 12 -8.19 13.59 -8.45
CA VAL C 12 -8.07 15.06 -8.56
C VAL C 12 -6.79 15.56 -9.25
N LEU C 13 -5.72 14.76 -9.25
CA LEU C 13 -4.52 15.09 -10.05
C LEU C 13 -4.80 15.18 -11.57
N ASP C 14 -5.67 14.32 -12.08
CA ASP C 14 -6.08 14.34 -13.50
C ASP C 14 -7.15 15.39 -13.84
N SER C 15 -8.00 15.72 -12.86
CA SER C 15 -9.12 16.64 -13.09
C SER C 15 -8.73 18.11 -12.81
N VAL C 16 -8.06 18.37 -11.69
CA VAL C 16 -7.80 19.75 -11.28
C VAL C 16 -6.78 20.38 -12.23
N ARG C 17 -7.04 21.63 -12.62
CA ARG C 17 -6.22 22.30 -13.62
C ARG C 17 -5.80 23.65 -13.12
N GLY C 18 -4.69 24.15 -13.65
CA GLY C 18 -4.23 25.49 -13.34
C GLY C 18 -3.67 25.63 -11.94
N PHE C 19 -3.29 26.86 -11.60
CA PHE C 19 -2.43 27.12 -10.44
C PHE C 19 -3.16 27.71 -9.21
N SER C 20 -4.50 27.84 -9.24
CA SER C 20 -5.25 28.45 -8.12
C SER C 20 -5.27 27.58 -6.84
N TYR C 21 -5.22 26.25 -7.00
CA TYR C 21 -5.06 25.32 -5.84
C TYR C 21 -3.88 25.73 -4.95
N LEU C 22 -2.81 26.20 -5.58
CA LEU C 22 -1.64 26.66 -4.85
C LEU C 22 -1.87 27.75 -3.80
N GLU C 23 -3.03 28.39 -3.77
CA GLU C 23 -3.31 29.35 -2.68
C GLU C 23 -3.60 28.57 -1.40
N ASN C 24 -4.30 27.42 -1.54
CA ASN C 24 -4.49 26.47 -0.43
C ASN C 24 -3.17 25.86 0.08
N ALA C 25 -2.27 25.43 -0.81
CA ALA C 25 -1.02 24.87 -0.39
C ALA C 25 -0.21 25.90 0.36
N ARG C 26 -0.26 27.14 -0.11
CA ARG C 26 0.51 28.18 0.49
C ARG C 26 0.05 28.38 1.92
N GLU C 27 -1.27 28.43 2.07
CA GLU C 27 -1.93 28.77 3.35
C GLU C 27 -1.93 27.64 4.38
N VAL C 28 -1.98 26.41 3.94
CA VAL C 28 -1.71 25.28 4.82
C VAL C 28 -0.23 25.23 5.31
N LEU C 29 0.72 25.54 4.43
CA LEU C 29 2.14 25.63 4.83
C LEU C 29 2.45 26.83 5.76
N ARG C 30 1.73 27.93 5.61
CA ARG C 30 2.00 29.11 6.43
C ARG C 30 1.55 28.88 7.88
N SER C 31 0.36 28.29 8.01
CA SER C 31 -0.37 28.12 9.26
C SER C 31 -0.05 26.78 9.95
N GLY C 32 0.51 25.86 9.18
CA GLY C 32 0.97 24.60 9.70
C GLY C 32 -0.20 23.65 9.91
N GLU C 33 -1.36 23.97 9.33
CA GLU C 33 -2.64 23.24 9.57
C GLU C 33 -3.69 23.38 8.44
N ALA C 34 -4.58 22.39 8.36
CA ALA C 34 -5.68 22.31 7.36
C ALA C 34 -7.01 22.06 8.05
N ARG C 35 -8.04 22.79 7.63
CA ARG C 35 -9.41 22.50 8.09
C ARG C 35 -9.93 21.17 7.53
N CYS C 36 -10.76 20.48 8.30
CA CYS C 36 -11.45 19.29 7.77
C CYS C 36 -12.39 19.59 6.60
N LEU C 37 -12.48 18.64 5.67
CA LEU C 37 -13.42 18.73 4.56
C LEU C 37 -14.63 17.86 4.89
N GLY C 38 -15.83 18.44 4.81
CA GLY C 38 -17.07 17.70 5.11
C GLY C 38 -17.32 16.74 3.96
N ASN C 39 -17.04 17.22 2.77
CA ASN C 39 -17.09 16.39 1.58
C ASN C 39 -15.80 16.65 0.84
N PRO C 40 -14.78 15.78 1.05
CA PRO C 40 -13.46 15.98 0.44
C PRO C 40 -13.51 15.91 -1.08
N ARG C 41 -14.35 15.02 -1.61
CA ARG C 41 -14.63 14.93 -3.05
C ARG C 41 -15.22 16.23 -3.64
N SER C 42 -15.85 17.07 -2.81
CA SER C 42 -16.36 18.37 -3.30
C SER C 42 -15.33 19.49 -3.29
N GLU C 43 -14.15 19.27 -2.71
CA GLU C 43 -13.09 20.28 -2.71
C GLU C 43 -11.84 19.69 -3.32
N PRO C 44 -11.92 19.34 -4.62
CA PRO C 44 -10.73 18.71 -5.20
C PRO C 44 -9.50 19.65 -5.16
N GLU C 45 -9.72 20.97 -5.25
CA GLU C 45 -8.60 21.96 -5.27
C GLU C 45 -7.74 21.79 -4.03
N TYR C 46 -8.43 21.74 -2.88
CA TYR C 46 -7.83 21.49 -1.56
C TYR C 46 -7.17 20.11 -1.44
N VAL C 47 -7.81 19.07 -1.97
CA VAL C 47 -7.21 17.75 -2.01
C VAL C 47 -5.94 17.77 -2.86
N LYS C 48 -5.93 18.49 -3.97
CA LYS C 48 -4.65 18.61 -4.71
C LYS C 48 -3.55 19.42 -3.97
N ALA C 49 -3.94 20.49 -3.29
CA ALA C 49 -3.01 21.23 -2.46
C ALA C 49 -2.35 20.37 -1.38
N LEU C 50 -3.06 19.42 -0.81
CA LEU C 50 -2.46 18.55 0.15
C LEU C 50 -1.48 17.57 -0.52
N TYR C 51 -1.88 16.95 -1.60
CA TYR C 51 -1.02 15.99 -2.26
C TYR C 51 0.29 16.69 -2.57
N VAL C 52 0.16 17.87 -3.12
CA VAL C 52 1.30 18.58 -3.63
C VAL C 52 2.32 18.94 -2.52
N ILE C 53 1.88 19.33 -1.31
CA ILE C 53 2.80 19.64 -0.21
C ILE C 53 3.40 18.39 0.49
N GLY C 54 2.84 17.19 0.28
CA GLY C 54 3.38 16.00 0.86
C GLY C 54 2.44 15.14 1.68
N ALA C 55 1.18 15.54 1.79
CA ALA C 55 0.32 14.94 2.79
C ALA C 55 -0.13 13.61 2.22
N SER C 56 -0.10 12.59 3.07
CA SER C 56 -0.51 11.23 2.73
C SER C 56 -1.90 10.98 3.33
N ARG C 57 -2.48 11.99 4.01
CA ARG C 57 -3.73 11.81 4.72
C ARG C 57 -4.51 13.11 4.71
N ILE C 58 -5.81 13.00 4.42
CA ILE C 58 -6.69 14.17 4.29
C ILE C 58 -7.49 14.35 5.57
N PRO C 59 -7.76 15.61 5.94
CA PRO C 59 -8.64 15.85 7.07
C PRO C 59 -10.11 15.76 6.61
N VAL C 60 -10.91 15.03 7.37
CA VAL C 60 -12.31 14.71 7.06
C VAL C 60 -13.14 15.05 8.30
N GLY C 61 -14.38 15.50 8.08
CA GLY C 61 -15.30 15.86 9.16
C GLY C 61 -15.73 17.32 9.11
N ASP C 62 -16.44 17.73 10.16
CA ASP C 62 -16.98 19.08 10.32
C ASP C 62 -16.40 19.69 11.59
N GLY C 63 -15.90 20.92 11.50
CA GLY C 63 -15.38 21.64 12.68
C GLY C 63 -13.92 21.38 13.06
N CYS C 64 -13.43 20.17 12.82
CA CYS C 64 -12.05 19.78 13.15
C CYS C 64 -11.00 20.45 12.25
N SER C 65 -9.76 20.50 12.76
CA SER C 65 -8.56 20.80 11.96
C SER C 65 -7.43 19.86 12.35
N HIS C 66 -6.45 19.70 11.45
CA HIS C 66 -5.33 18.80 11.68
C HIS C 66 -4.02 19.47 11.29
N THR C 67 -2.93 19.02 11.91
CA THR C 67 -1.60 19.62 11.70
C THR C 67 -0.90 19.02 10.47
N LEU C 68 0.12 19.69 9.93
CA LEU C 68 1.03 19.11 8.88
C LEU C 68 1.54 17.73 9.24
N GLU C 69 1.96 17.58 10.50
CA GLU C 69 2.41 16.31 10.98
C GLU C 69 1.30 15.26 10.98
N GLU C 70 0.10 15.62 11.42
CA GLU C 70 -1.01 14.64 11.44
C GLU C 70 -1.44 14.18 10.04
N LEU C 71 -1.17 15.01 9.04
CA LEU C 71 -1.48 14.76 7.61
C LEU C 71 -0.35 14.10 6.82
N GLY C 72 0.72 13.84 7.55
CA GLY C 72 1.77 12.96 7.21
C GLY C 72 2.81 13.60 6.34
N VAL C 73 2.90 14.94 6.41
CA VAL C 73 3.92 15.73 5.68
C VAL C 73 5.35 15.43 6.21
N PHE C 74 5.46 15.14 7.50
CA PHE C 74 6.69 14.74 8.16
C PHE C 74 6.82 13.22 8.38
N ASP C 75 6.08 12.40 7.63
CA ASP C 75 6.17 10.94 7.82
C ASP C 75 7.51 10.40 7.29
N ILE C 76 8.07 9.45 8.01
CA ILE C 76 9.33 8.81 7.65
C ILE C 76 8.99 7.71 6.63
N SER C 77 9.55 7.80 5.43
CA SER C 77 9.23 6.88 4.32
C SER C 77 10.21 5.68 4.22
N VAL C 78 11.48 5.97 4.50
CA VAL C 78 12.56 5.03 4.41
C VAL C 78 12.59 3.95 5.53
N PRO C 79 12.55 2.67 5.13
CA PRO C 79 12.97 1.61 6.05
C PRO C 79 14.43 1.81 6.44
N GLY C 80 14.69 1.88 7.75
CA GLY C 80 16.03 1.98 8.31
C GLY C 80 17.09 1.05 7.74
N GLU C 81 16.74 -0.22 7.53
CA GLU C 81 17.72 -1.17 7.01
C GLU C 81 17.99 -1.02 5.53
N MET C 82 17.21 -0.21 4.83
CA MET C 82 17.49 0.18 3.43
C MET C 82 17.36 -0.99 2.50
N VAL C 83 16.37 -1.83 2.79
CA VAL C 83 15.91 -2.92 1.93
C VAL C 83 14.58 -2.55 1.24
N PHE C 84 14.46 -2.84 -0.08
CA PHE C 84 13.29 -2.44 -0.89
C PHE C 84 12.82 -3.53 -1.88
N PRO C 85 11.49 -3.79 -1.95
CA PRO C 85 10.97 -4.91 -2.76
C PRO C 85 10.97 -4.69 -4.28
N SER C 86 11.41 -3.52 -4.76
CA SER C 86 11.37 -3.19 -6.19
C SER C 86 12.14 -1.91 -6.45
N PRO C 87 12.58 -1.70 -7.70
CA PRO C 87 13.14 -0.41 -8.05
C PRO C 87 12.20 0.83 -7.87
N LEU C 88 10.87 0.69 -7.98
CA LEU C 88 9.95 1.85 -7.84
C LEU C 88 9.64 2.10 -6.38
N ASP C 89 9.53 1.01 -5.62
CA ASP C 89 9.43 1.13 -4.18
C ASP C 89 10.69 1.78 -3.57
N PHE C 90 11.88 1.39 -4.04
CA PHE C 90 13.13 2.07 -3.68
C PHE C 90 13.11 3.57 -4.01
N PHE C 91 12.65 3.92 -5.22
CA PHE C 91 12.61 5.36 -5.60
C PHE C 91 11.75 6.23 -4.69
N GLU C 92 10.63 5.67 -4.23
CA GLU C 92 9.55 6.43 -3.58
C GLU C 92 9.80 6.53 -2.09
N ARG C 93 10.10 5.39 -1.49
CA ARG C 93 10.45 5.35 -0.08
C ARG C 93 11.93 5.68 0.20
N GLY C 94 12.81 5.57 -0.81
CA GLY C 94 14.25 5.77 -0.60
C GLY C 94 14.48 7.26 -0.66
N LYS C 95 13.91 7.96 0.31
CA LYS C 95 13.87 9.43 0.30
C LYS C 95 13.83 9.80 1.77
N PRO C 96 14.19 11.03 2.15
CA PRO C 96 14.76 12.07 1.29
C PRO C 96 16.14 11.79 0.65
N THR C 97 16.55 12.55 -0.36
CA THR C 97 17.94 12.52 -0.76
C THR C 97 18.78 13.17 0.36
N PRO C 98 20.08 12.84 0.43
CA PRO C 98 20.93 13.30 1.51
C PRO C 98 21.17 14.78 1.48
N LEU C 99 21.26 15.34 2.68
CA LEU C 99 21.52 16.77 2.86
C LEU C 99 22.72 16.85 3.75
N VAL C 100 23.83 17.30 3.17
CA VAL C 100 25.16 17.09 3.66
C VAL C 100 25.91 18.42 3.73
N ARG C 101 26.19 18.87 4.93
CA ARG C 101 27.13 20.00 5.15
C ARG C 101 28.46 19.88 4.39
N SER C 102 28.79 20.89 3.60
CA SER C 102 30.08 20.97 3.02
C SER C 102 31.09 21.49 4.06
N ARG C 103 32.36 21.19 3.85
CA ARG C 103 33.42 21.73 4.69
C ARG C 103 33.92 23.08 4.16
N LEU C 104 33.47 23.47 2.96
CA LEU C 104 33.70 24.82 2.44
C LEU C 104 33.05 25.86 3.33
N GLN C 105 33.73 26.98 3.49
CA GLN C 105 33.20 28.12 4.22
C GLN C 105 33.09 29.26 3.23
N LEU C 106 32.01 30.02 3.33
CA LEU C 106 31.74 31.11 2.41
C LEU C 106 31.67 32.39 3.22
N PRO C 107 31.91 33.54 2.56
CA PRO C 107 31.94 34.81 3.29
C PRO C 107 30.68 35.14 4.08
N ASN C 108 30.83 36.06 5.01
CA ASN C 108 29.69 36.73 5.65
C ASN C 108 28.61 35.79 6.18
N GLY C 109 29.04 34.70 6.80
CA GLY C 109 28.15 33.81 7.60
C GLY C 109 27.52 32.60 6.91
N VAL C 110 27.67 32.51 5.60
CA VAL C 110 26.96 31.52 4.78
C VAL C 110 27.56 30.11 4.96
N ARG C 111 26.90 29.31 5.79
CA ARG C 111 27.20 27.88 5.93
C ARG C 111 26.35 27.10 4.94
N VAL C 112 26.92 26.04 4.36
CA VAL C 112 26.35 25.41 3.16
C VAL C 112 26.10 23.91 3.30
N TRP C 113 24.91 23.47 2.92
CA TRP C 113 24.55 22.04 2.96
C TRP C 113 24.12 21.68 1.55
N LEU C 114 24.73 20.63 0.98
CA LEU C 114 24.38 20.16 -0.34
C LEU C 114 23.30 19.10 -0.18
N LYS C 115 22.29 19.16 -1.06
CA LYS C 115 21.32 18.07 -1.21
C LYS C 115 21.71 17.31 -2.49
N LEU C 116 21.97 16.02 -2.38
CA LEU C 116 22.65 15.26 -3.45
C LEU C 116 21.66 14.47 -4.28
N GLU C 117 21.16 15.10 -5.34
CA GLU C 117 20.09 14.57 -6.14
C GLU C 117 20.59 13.42 -7.07
N TRP C 118 21.87 13.09 -7.06
CA TRP C 118 22.31 11.88 -7.81
C TRP C 118 21.88 10.63 -7.10
N TYR C 119 21.44 10.76 -5.85
CA TYR C 119 21.01 9.60 -5.07
C TYR C 119 19.61 9.08 -5.48
N ASN C 120 19.23 9.30 -6.73
CA ASN C 120 18.06 8.70 -7.32
C ASN C 120 18.57 7.59 -8.22
N PRO C 121 17.88 6.45 -8.23
CA PRO C 121 18.45 5.21 -8.76
C PRO C 121 18.42 4.96 -10.27
N PHE C 122 17.75 5.79 -11.06
CA PHE C 122 17.57 5.49 -12.50
C PHE C 122 18.58 6.28 -13.34
N SER C 123 18.44 7.61 -13.31
CA SER C 123 19.31 8.52 -14.08
C SER C 123 20.54 9.08 -13.31
N LEU C 124 20.60 8.83 -12.00
CA LEU C 124 21.59 9.32 -11.10
C LEU C 124 21.49 10.85 -11.04
N SER C 125 20.25 11.29 -10.82
CA SER C 125 19.87 12.71 -10.89
C SER C 125 18.49 13.15 -10.37
N VAL C 126 18.39 14.47 -10.38
CA VAL C 126 17.16 15.20 -10.03
C VAL C 126 15.95 14.87 -10.91
N ALA C 127 16.21 14.38 -12.14
CA ALA C 127 15.23 14.19 -13.17
C ALA C 127 14.44 12.93 -12.95
N ASP C 128 14.93 12.02 -12.10
CA ASP C 128 14.14 10.81 -11.73
C ASP C 128 12.73 11.16 -11.26
N ARG C 129 12.64 12.26 -10.52
CA ARG C 129 11.40 12.72 -9.93
C ARG C 129 10.30 13.08 -10.97
N PRO C 130 10.56 14.04 -11.89
CA PRO C 130 9.57 14.30 -12.91
C PRO C 130 9.26 13.07 -13.79
N ALA C 131 10.23 12.22 -14.05
CA ALA C 131 9.93 11.00 -14.87
C ALA C 131 8.86 10.25 -14.11
N VAL C 132 9.22 9.77 -12.94
CA VAL C 132 8.29 8.94 -12.15
C VAL C 132 6.88 9.56 -12.16
N GLU C 133 6.80 10.84 -11.81
CA GLU C 133 5.51 11.53 -11.70
C GLU C 133 4.70 11.53 -13.00
N ILE C 134 5.42 11.74 -14.09
CA ILE C 134 4.82 11.97 -15.38
C ILE C 134 4.27 10.65 -15.90
N ILE C 135 5.03 9.58 -15.75
CA ILE C 135 4.58 8.28 -16.28
C ILE C 135 3.47 7.77 -15.37
N SER C 136 3.71 7.75 -14.06
CA SER C 136 2.66 7.43 -13.08
C SER C 136 1.30 8.06 -13.41
N ARG C 137 1.28 9.35 -13.71
CA ARG C 137 -0.01 10.04 -13.88
C ARG C 137 -0.67 9.78 -15.24
N LEU C 138 0.16 9.51 -16.22
CA LEU C 138 -0.23 9.00 -17.53
C LEU C 138 -0.78 7.54 -17.49
N SER C 139 -0.39 6.78 -16.47
CA SER C 139 -0.59 5.33 -16.42
C SER C 139 -2.05 4.86 -16.30
N ARG C 140 -2.93 5.76 -15.86
CA ARG C 140 -4.38 5.51 -15.83
C ARG C 140 -4.92 5.41 -17.25
N ARG C 141 -4.51 6.36 -18.10
CA ARG C 141 -5.22 6.73 -19.31
C ARG C 141 -4.58 6.26 -20.63
N VAL C 142 -3.34 5.79 -20.57
CA VAL C 142 -2.57 5.47 -21.76
C VAL C 142 -2.35 3.97 -21.85
N GLU C 143 -2.65 3.41 -23.02
CA GLU C 143 -2.54 1.98 -23.26
C GLU C 143 -1.09 1.54 -23.04
N LYS C 144 -0.89 0.47 -22.28
CA LYS C 144 0.45 -0.11 -22.17
C LYS C 144 0.93 -0.49 -23.57
N GLY C 145 2.23 -0.31 -23.82
CA GLY C 145 2.78 -0.54 -25.14
C GLY C 145 2.97 0.74 -25.94
N SER C 146 2.27 1.81 -25.59
CA SER C 146 2.34 3.10 -26.30
C SER C 146 3.65 3.79 -26.10
N LEU C 147 3.95 4.72 -27.01
CA LEU C 147 5.24 5.38 -27.08
C LEU C 147 5.16 6.75 -26.45
N VAL C 148 6.21 7.07 -25.72
CA VAL C 148 6.29 8.35 -25.00
C VAL C 148 7.60 8.97 -25.38
N ALA C 149 7.66 10.29 -25.45
CA ALA C 149 8.85 10.99 -25.90
C ALA C 149 8.99 12.35 -25.30
N ASP C 150 10.23 12.77 -25.08
CA ASP C 150 10.54 14.15 -24.78
C ASP C 150 11.83 14.61 -25.40
N ALA C 151 11.97 15.93 -25.45
CA ALA C 151 13.25 16.59 -25.60
C ALA C 151 13.93 16.58 -24.22
N THR C 152 15.22 16.31 -24.19
CA THR C 152 16.03 16.31 -22.95
C THR C 152 17.45 16.86 -23.18
N SER C 153 18.10 17.24 -22.08
CA SER C 153 19.53 17.58 -22.03
C SER C 153 20.41 16.36 -21.86
N SER C 154 19.82 15.27 -21.36
CA SER C 154 20.44 13.94 -21.20
C SER C 154 19.70 13.17 -20.10
N ASN C 155 19.67 13.79 -18.91
CA ASN C 155 19.11 13.13 -17.71
C ASN C 155 17.66 12.70 -17.74
N PHE C 156 16.78 13.60 -18.16
CA PHE C 156 15.36 13.31 -18.18
C PHE C 156 15.14 12.19 -19.19
N GLY C 157 15.83 12.27 -20.34
CA GLY C 157 15.83 11.13 -21.26
C GLY C 157 16.02 9.81 -20.54
N VAL C 158 17.14 9.71 -19.80
CA VAL C 158 17.60 8.45 -19.19
C VAL C 158 16.56 8.02 -18.16
N ALA C 159 16.14 8.94 -17.30
CA ALA C 159 15.04 8.62 -16.39
C ALA C 159 13.76 8.12 -17.10
N LEU C 160 13.36 8.85 -18.15
CA LEU C 160 12.13 8.52 -18.88
C LEU C 160 12.20 7.09 -19.44
N SER C 161 13.34 6.74 -20.03
CA SER C 161 13.52 5.40 -20.59
C SER C 161 13.36 4.34 -19.50
N ALA C 162 13.88 4.62 -18.30
CA ALA C 162 13.87 3.63 -17.24
C ALA C 162 12.46 3.48 -16.71
N VAL C 163 11.81 4.60 -16.40
CA VAL C 163 10.45 4.53 -15.81
C VAL C 163 9.41 4.01 -16.82
N ALA C 164 9.47 4.49 -18.06
CA ALA C 164 8.55 4.04 -19.11
C ALA C 164 8.51 2.52 -19.23
N ARG C 165 9.67 1.89 -19.12
CA ARG C 165 9.79 0.45 -19.26
C ARG C 165 9.14 -0.25 -18.09
N LEU C 166 9.54 0.14 -16.88
CA LEU C 166 9.01 -0.41 -15.62
C LEU C 166 7.47 -0.38 -15.57
N TYR C 167 6.87 0.65 -16.17
CA TYR C 167 5.41 0.81 -16.31
C TYR C 167 4.83 0.08 -17.56
N GLY C 168 5.68 -0.38 -18.49
CA GLY C 168 5.22 -1.08 -19.73
C GLY C 168 4.95 -0.20 -20.93
N TYR C 169 5.78 0.83 -21.12
CA TYR C 169 5.65 1.67 -22.29
C TYR C 169 6.96 1.53 -23.04
N ARG C 170 6.97 1.99 -24.27
CA ARG C 170 8.22 2.20 -25.02
C ARG C 170 8.57 3.66 -24.89
N ALA C 171 9.83 4.06 -25.12
CA ALA C 171 10.20 5.52 -25.04
C ALA C 171 11.02 5.92 -26.22
N ARG C 172 10.95 7.20 -26.59
CA ARG C 172 11.90 7.79 -27.53
C ARG C 172 12.47 9.01 -26.87
N VAL C 173 13.74 9.29 -27.12
CA VAL C 173 14.38 10.46 -26.54
C VAL C 173 15.01 11.28 -27.65
N TYR C 174 14.82 12.61 -27.56
CA TYR C 174 15.38 13.59 -28.47
C TYR C 174 16.42 14.41 -27.72
N LEU C 175 17.61 14.55 -28.30
CA LEU C 175 18.69 15.33 -27.69
C LEU C 175 19.33 16.27 -28.71
N PRO C 176 19.87 17.40 -28.25
CA PRO C 176 20.68 18.22 -29.15
C PRO C 176 22.09 17.68 -29.36
N GLY C 177 22.87 18.37 -30.18
CA GLY C 177 24.21 17.94 -30.56
C GLY C 177 25.20 17.91 -29.40
N ALA C 178 25.09 18.88 -28.51
CA ALA C 178 26.06 19.01 -27.42
C ALA C 178 25.71 18.19 -26.17
N ALA C 179 24.87 17.15 -26.31
CA ALA C 179 24.44 16.30 -25.19
C ALA C 179 25.57 15.41 -24.69
N GLU C 180 25.60 15.18 -23.38
CA GLU C 180 26.56 14.25 -22.82
C GLU C 180 26.35 12.88 -23.41
N GLU C 181 27.42 12.09 -23.43
CA GLU C 181 27.38 10.80 -24.12
C GLU C 181 26.51 9.80 -23.34
N PHE C 182 26.33 10.05 -22.03
CA PHE C 182 25.48 9.21 -21.18
C PHE C 182 24.00 9.34 -21.56
N GLY C 183 23.62 10.54 -21.98
CA GLY C 183 22.26 10.81 -22.41
C GLY C 183 21.98 10.32 -23.81
N LYS C 184 23.02 10.26 -24.64
CA LYS C 184 22.89 9.70 -25.99
C LYS C 184 22.83 8.18 -25.92
N LEU C 185 23.56 7.57 -24.97
CA LEU C 185 23.84 6.12 -24.97
C LEU C 185 23.00 5.24 -24.01
N LEU C 186 22.74 5.69 -22.79
CA LEU C 186 21.99 4.86 -21.78
C LEU C 186 20.48 4.58 -22.00
N PRO C 187 19.75 5.46 -22.71
CA PRO C 187 18.38 5.12 -23.10
C PRO C 187 18.32 3.87 -23.99
N ARG C 188 19.28 3.75 -24.90
CA ARG C 188 19.43 2.52 -25.74
C ARG C 188 19.66 1.27 -24.88
N LEU C 189 20.49 1.40 -23.85
CA LEU C 189 20.67 0.33 -22.86
C LEU C 189 19.33 -0.02 -22.18
N LEU C 190 18.56 1.02 -21.89
CA LEU C 190 17.24 0.91 -21.26
C LEU C 190 16.07 0.51 -22.19
N GLY C 191 16.32 0.37 -23.50
CA GLY C 191 15.31 -0.07 -24.49
C GLY C 191 14.63 1.03 -25.30
N ALA C 192 15.19 2.23 -25.26
CA ALA C 192 14.55 3.41 -25.81
C ALA C 192 15.26 3.82 -27.09
N GLN C 193 14.48 4.41 -27.99
CA GLN C 193 14.92 4.93 -29.28
C GLN C 193 15.55 6.29 -28.99
N VAL C 194 16.55 6.67 -29.77
CA VAL C 194 17.32 7.89 -29.51
C VAL C 194 17.40 8.61 -30.84
N ILE C 195 17.07 9.89 -30.82
CA ILE C 195 17.20 10.74 -32.00
C ILE C 195 18.07 11.87 -31.52
N VAL C 196 19.25 12.05 -32.13
CA VAL C 196 20.10 13.20 -31.81
C VAL C 196 19.98 14.22 -32.95
N ASP C 197 19.86 15.51 -32.64
CA ASP C 197 19.90 16.55 -33.68
C ASP C 197 21.11 17.46 -33.50
N PRO C 198 22.15 17.29 -34.34
CA PRO C 198 23.33 18.17 -34.29
C PRO C 198 23.10 19.68 -34.55
N GLU C 199 21.99 20.05 -35.19
CA GLU C 199 21.65 21.47 -35.39
C GLU C 199 21.34 22.23 -34.10
N ALA C 200 20.57 21.59 -33.22
CA ALA C 200 19.87 22.27 -32.13
C ALA C 200 20.79 22.93 -31.10
N PRO C 201 20.91 24.29 -31.10
CA PRO C 201 21.82 24.95 -30.16
C PRO C 201 21.43 24.84 -28.67
N SER C 202 20.17 24.53 -28.40
CA SER C 202 19.75 24.08 -27.05
C SER C 202 18.71 22.96 -27.19
N THR C 203 18.15 22.51 -26.07
CA THR C 203 17.12 21.47 -26.06
C THR C 203 15.75 22.03 -26.44
N VAL C 204 15.50 23.30 -26.06
CA VAL C 204 14.29 24.04 -26.50
C VAL C 204 14.11 24.07 -28.03
N HIS C 205 15.23 24.09 -28.76
CA HIS C 205 15.22 24.04 -30.23
C HIS C 205 14.71 22.71 -30.82
N LEU C 206 14.53 21.68 -30.00
CA LEU C 206 13.96 20.40 -30.44
C LEU C 206 12.45 20.30 -30.27
N LEU C 207 11.86 21.10 -29.38
CA LEU C 207 10.44 20.96 -29.02
C LEU C 207 9.49 21.01 -30.23
N PRO C 208 9.70 21.99 -31.14
CA PRO C 208 8.87 22.02 -32.36
C PRO C 208 8.93 20.76 -33.20
N ARG C 209 10.11 20.15 -33.32
CA ARG C 209 10.28 18.90 -34.06
C ARG C 209 9.60 17.73 -33.35
N VAL C 210 9.66 17.74 -32.02
CA VAL C 210 9.03 16.70 -31.19
C VAL C 210 7.51 16.76 -31.28
N MET C 211 6.93 17.95 -31.14
CA MET C 211 5.48 18.16 -31.32
C MET C 211 5.03 17.73 -32.72
N LYS C 212 5.75 18.17 -33.75
CA LYS C 212 5.51 17.74 -35.13
C LYS C 212 5.49 16.20 -35.24
N ASP C 213 6.52 15.56 -34.69
CA ASP C 213 6.67 14.12 -34.79
C ASP C 213 5.53 13.40 -34.09
N SER C 214 5.06 14.00 -32.99
CA SER C 214 3.98 13.49 -32.15
C SER C 214 2.62 13.57 -32.87
N LYS C 215 2.38 14.71 -33.52
CA LYS C 215 1.22 14.86 -34.39
C LYS C 215 1.21 13.76 -35.44
N ASN C 216 2.31 13.57 -36.16
CA ASN C 216 2.37 12.58 -37.26
C ASN C 216 2.24 11.13 -36.82
N GLU C 217 3.08 10.72 -35.88
CA GLU C 217 3.17 9.33 -35.47
C GLU C 217 2.22 9.00 -34.31
N GLY C 218 1.65 10.02 -33.67
CA GLY C 218 0.73 9.77 -32.53
C GLY C 218 1.41 9.10 -31.34
N PHE C 219 2.43 9.74 -30.81
CA PHE C 219 3.04 9.33 -29.54
C PHE C 219 2.74 10.43 -28.53
N VAL C 220 2.91 10.10 -27.26
CA VAL C 220 2.66 11.06 -26.16
C VAL C 220 3.87 11.94 -25.92
N HIS C 221 3.72 13.25 -26.04
CA HIS C 221 4.80 14.16 -25.77
C HIS C 221 4.61 14.54 -24.32
N VAL C 222 5.49 14.04 -23.45
CA VAL C 222 5.26 14.23 -22.01
C VAL C 222 5.59 15.67 -21.62
N ASN C 223 6.36 16.34 -22.48
CA ASN C 223 6.65 17.79 -22.42
C ASN C 223 6.92 18.18 -20.97
N GLN C 224 8.14 17.85 -20.54
CA GLN C 224 8.66 18.19 -19.21
C GLN C 224 8.72 19.69 -18.96
N TYR C 225 8.91 20.47 -20.03
CA TYR C 225 8.92 21.94 -19.95
C TYR C 225 7.59 22.55 -19.56
N TYR C 226 6.52 21.78 -19.74
CA TYR C 226 5.19 22.27 -19.59
C TYR C 226 4.34 21.42 -18.66
N ASN C 227 4.75 20.19 -18.39
CA ASN C 227 3.88 19.24 -17.68
C ASN C 227 3.91 19.63 -16.22
N ASP C 228 2.77 20.01 -15.65
CA ASP C 228 2.71 20.36 -14.22
C ASP C 228 3.07 19.22 -13.25
N ALA C 229 2.99 17.97 -13.71
CA ALA C 229 3.58 16.84 -12.99
C ALA C 229 5.10 17.02 -12.74
N ASN C 230 5.83 17.78 -13.59
CA ASN C 230 7.21 18.15 -13.27
C ASN C 230 7.21 18.86 -11.88
N PHE C 231 6.71 20.09 -11.88
CA PHE C 231 6.65 20.96 -10.71
C PHE C 231 6.13 20.25 -9.48
N GLU C 232 4.96 19.65 -9.61
CA GLU C 232 4.34 18.87 -8.53
C GLU C 232 5.23 17.75 -8.00
N ALA C 233 6.05 17.13 -8.87
CA ALA C 233 6.97 16.10 -8.40
C ALA C 233 7.99 16.70 -7.40
N HIS C 234 8.48 17.89 -7.68
CA HIS C 234 9.46 18.52 -6.86
C HIS C 234 8.81 19.00 -5.53
N MET C 235 7.59 19.52 -5.63
CA MET C 235 6.85 20.10 -4.47
C MET C 235 6.71 19.02 -3.41
N ARG C 236 6.21 17.88 -3.84
CA ARG C 236 6.09 16.73 -2.92
C ARG C 236 7.42 16.02 -2.60
N GLY C 237 8.46 16.14 -3.46
CA GLY C 237 9.76 15.52 -3.23
C GLY C 237 10.85 16.38 -2.63
N THR C 238 11.75 16.81 -3.48
CA THR C 238 12.67 17.88 -3.23
C THR C 238 12.28 18.93 -2.13
N ALA C 239 11.19 19.69 -2.35
CA ALA C 239 10.89 20.92 -1.60
C ALA C 239 10.33 20.64 -0.22
N ARG C 240 9.38 19.70 -0.15
CA ARG C 240 9.01 19.14 1.13
C ARG C 240 10.24 18.58 1.85
N GLU C 241 11.20 17.96 1.13
CA GLU C 241 12.32 17.42 1.82
C GLU C 241 13.23 18.50 2.30
N ILE C 242 13.53 19.50 1.48
CA ILE C 242 14.35 20.59 1.99
C ILE C 242 13.74 21.08 3.31
N PHE C 243 12.42 21.24 3.34
CA PHE C 243 11.73 21.74 4.55
C PHE C 243 11.80 20.81 5.76
N VAL C 244 11.64 19.51 5.52
CA VAL C 244 11.64 18.51 6.60
C VAL C 244 13.09 18.19 7.06
N GLN C 245 13.98 18.03 6.11
CA GLN C 245 15.41 18.01 6.42
C GLN C 245 15.90 19.24 7.20
N SER C 246 15.31 20.41 6.96
CA SER C 246 15.69 21.68 7.66
C SER C 246 15.14 21.83 9.08
N ARG C 247 13.95 21.29 9.33
CA ARG C 247 13.33 21.37 10.65
C ARG C 247 14.03 20.36 11.53
N ARG C 248 13.99 19.10 11.12
CA ARG C 248 14.49 18.01 11.97
C ARG C 248 16.01 18.00 12.15
N GLY C 249 16.75 18.49 11.16
CA GLY C 249 18.21 18.68 11.26
C GLY C 249 18.65 19.92 12.05
N GLY C 250 17.70 20.79 12.39
CA GLY C 250 17.98 22.00 13.17
C GLY C 250 18.83 23.04 12.44
N LEU C 251 18.65 23.15 11.12
CA LEU C 251 19.23 24.27 10.37
C LEU C 251 18.47 25.53 10.75
N ALA C 252 19.10 26.67 10.49
CA ALA C 252 18.47 27.98 10.61
C ALA C 252 18.41 28.49 9.18
N LEU C 253 17.42 27.98 8.46
CA LEU C 253 17.39 28.08 7.01
C LEU C 253 17.10 29.50 6.53
N ARG C 254 18.10 30.11 5.90
CA ARG C 254 17.97 31.43 5.29
C ARG C 254 17.76 31.40 3.79
N GLY C 255 18.16 30.34 3.12
CA GLY C 255 17.89 30.31 1.72
C GLY C 255 18.29 29.02 1.09
N VAL C 256 17.85 28.90 -0.15
CA VAL C 256 18.22 27.82 -1.03
C VAL C 256 18.79 28.43 -2.29
N ALA C 257 19.71 27.71 -2.91
CA ALA C 257 20.27 28.11 -4.18
C ALA C 257 20.16 26.93 -5.11
N GLY C 258 20.17 27.20 -6.41
CA GLY C 258 20.08 26.10 -7.36
C GLY C 258 19.89 26.55 -8.78
N SER C 259 19.88 25.57 -9.68
CA SER C 259 19.92 25.81 -11.12
C SER C 259 18.57 25.57 -11.85
N LEU C 260 18.53 25.87 -13.15
CA LEU C 260 17.28 25.97 -13.93
C LEU C 260 17.39 25.38 -15.33
N GLY C 261 16.62 24.33 -15.55
CA GLY C 261 16.38 23.73 -16.86
C GLY C 261 14.96 24.01 -17.28
N THR C 262 14.02 23.17 -16.80
CA THR C 262 12.61 23.43 -16.92
C THR C 262 12.13 24.41 -15.81
N SER C 263 13.02 24.72 -14.85
CA SER C 263 12.68 25.35 -13.56
C SER C 263 11.85 24.49 -12.59
N GLY C 264 11.59 23.24 -12.94
CA GLY C 264 10.72 22.39 -12.13
C GLY C 264 11.13 22.40 -10.67
N HIS C 265 12.33 21.91 -10.39
CA HIS C 265 12.77 21.66 -9.03
C HIS C 265 12.99 22.93 -8.25
N MET C 266 13.64 23.93 -8.84
CA MET C 266 13.88 25.16 -8.07
C MET C 266 12.66 26.02 -7.78
N SER C 267 11.74 26.08 -8.74
CA SER C 267 10.47 26.80 -8.57
C SER C 267 9.68 26.22 -7.40
N ALA C 268 9.67 24.89 -7.29
CA ALA C 268 9.04 24.20 -6.15
C ALA C 268 9.70 24.59 -4.84
N ALA C 269 11.04 24.52 -4.81
CA ALA C 269 11.85 24.79 -3.63
C ALA C 269 11.52 26.15 -3.05
N ALA C 270 11.44 27.13 -3.94
CA ALA C 270 11.19 28.53 -3.58
C ALA C 270 9.72 28.76 -3.19
N PHE C 271 8.82 28.18 -3.98
CA PHE C 271 7.42 28.30 -3.67
C PHE C 271 7.07 27.63 -2.34
N TYR C 272 7.67 26.46 -2.06
CA TYR C 272 7.35 25.66 -0.89
C TYR C 272 7.77 26.42 0.39
N LEU C 273 9.05 26.78 0.50
CA LEU C 273 9.62 27.33 1.74
C LEU C 273 9.23 28.77 1.99
N GLN C 274 9.04 29.54 0.93
CA GLN C 274 8.46 30.89 1.04
C GLN C 274 7.01 30.89 1.58
N SER C 275 6.28 29.80 1.34
CA SER C 275 4.94 29.66 1.91
C SER C 275 5.03 29.56 3.43
N VAL C 276 6.06 28.87 3.92
CA VAL C 276 6.35 28.78 5.36
C VAL C 276 6.94 30.12 5.83
N ASP C 277 7.93 30.65 5.10
CA ASP C 277 8.59 31.91 5.52
C ASP C 277 8.96 32.76 4.29
N PRO C 278 8.19 33.83 4.01
CA PRO C 278 8.42 34.62 2.78
C PRO C 278 9.82 35.26 2.67
N SER C 279 10.61 35.27 3.75
CA SER C 279 11.98 35.84 3.78
C SER C 279 13.09 34.85 3.43
N ILE C 280 12.72 33.62 3.14
CA ILE C 280 13.71 32.61 2.77
C ILE C 280 14.10 32.94 1.33
N ARG C 281 15.40 32.92 1.08
CA ARG C 281 15.98 33.35 -0.18
C ARG C 281 16.03 32.20 -1.21
N ALA C 282 16.08 32.60 -2.47
CA ALA C 282 16.32 31.69 -3.59
C ALA C 282 17.38 32.34 -4.49
N VAL C 283 18.56 31.72 -4.57
CA VAL C 283 19.65 32.20 -5.40
C VAL C 283 19.82 31.29 -6.60
N LEU C 284 19.51 31.81 -7.79
CA LEU C 284 19.39 30.97 -8.98
C LEU C 284 20.48 31.29 -10.00
N VAL C 285 21.06 30.22 -10.56
CA VAL C 285 22.12 30.29 -11.60
C VAL C 285 21.67 30.88 -12.94
N GLN C 286 22.40 31.89 -13.41
CA GLN C 286 22.25 32.42 -14.77
C GLN C 286 23.48 31.98 -15.55
N PRO C 287 23.34 30.96 -16.42
CA PRO C 287 24.46 30.62 -17.30
C PRO C 287 24.93 31.86 -18.07
N ALA C 288 26.19 32.26 -17.87
CA ALA C 288 26.69 33.51 -18.44
C ALA C 288 26.46 33.51 -19.93
N GLN C 289 26.11 34.68 -20.47
CA GLN C 289 25.66 34.81 -21.85
C GLN C 289 26.78 34.33 -22.79
N GLY C 290 26.47 33.32 -23.60
CA GLY C 290 27.45 32.67 -24.46
C GLY C 290 27.89 31.27 -24.02
N ASP C 291 27.73 30.94 -22.73
CA ASP C 291 28.16 29.63 -22.20
C ASP C 291 27.02 28.60 -22.16
N SER C 292 27.42 27.33 -22.03
CA SER C 292 26.48 26.21 -21.88
C SER C 292 26.89 25.29 -20.73
N ILE C 293 26.17 25.40 -19.62
CA ILE C 293 26.37 24.56 -18.44
C ILE C 293 25.36 23.41 -18.58
N PRO C 294 25.82 22.15 -18.60
CA PRO C 294 24.93 21.01 -18.85
C PRO C 294 23.61 20.91 -18.03
N GLY C 295 22.51 20.66 -18.73
CA GLY C 295 21.18 20.52 -18.11
C GLY C 295 20.51 21.82 -17.70
N ILE C 296 21.11 22.96 -18.00
CA ILE C 296 20.53 24.22 -17.58
C ILE C 296 20.56 25.30 -18.67
N ALA C 297 19.85 26.39 -18.42
CA ALA C 297 19.69 27.48 -19.40
C ALA C 297 19.35 28.79 -18.69
N ARG C 298 19.21 29.87 -19.45
CA ARG C 298 18.92 31.20 -18.88
C ARG C 298 17.42 31.38 -18.61
N VAL C 299 17.10 32.26 -17.65
CA VAL C 299 15.74 32.46 -17.14
C VAL C 299 14.76 32.96 -18.20
N GLU C 300 15.21 33.95 -18.97
CA GLU C 300 14.40 34.54 -20.04
C GLU C 300 14.07 33.61 -21.22
N THR C 301 14.78 32.49 -21.37
CA THR C 301 14.72 31.67 -22.60
C THR C 301 13.58 30.62 -22.68
N GLY C 302 12.59 30.71 -21.79
CA GLY C 302 11.39 29.83 -21.85
C GLY C 302 11.34 28.77 -20.76
N MET C 303 10.88 29.19 -19.58
CA MET C 303 10.75 28.33 -18.39
C MET C 303 9.44 28.67 -17.72
N LEU C 304 8.58 27.67 -17.48
CA LEU C 304 7.19 27.93 -17.10
C LEU C 304 7.09 28.50 -15.69
N TRP C 305 7.41 27.66 -14.72
CA TRP C 305 6.98 27.85 -13.35
C TRP C 305 7.66 29.04 -12.66
N ILE C 306 8.96 29.19 -12.83
CA ILE C 306 9.68 30.30 -12.20
C ILE C 306 9.06 31.65 -12.61
N ASN C 307 8.65 31.76 -13.88
CA ASN C 307 8.14 32.99 -14.44
C ASN C 307 6.63 33.21 -14.16
N MET C 308 5.85 32.12 -14.11
CA MET C 308 4.39 32.22 -13.92
C MET C 308 3.96 32.33 -12.44
N LEU C 309 4.72 31.72 -11.53
CA LEU C 309 4.32 31.63 -10.10
C LEU C 309 4.77 32.82 -9.26
N ASP C 310 4.10 33.02 -8.11
CA ASP C 310 4.43 34.05 -7.10
C ASP C 310 5.63 33.57 -6.24
N ILE C 311 6.82 33.85 -6.74
CA ILE C 311 8.08 33.42 -6.13
C ILE C 311 9.08 34.58 -6.16
N SER C 312 9.93 34.61 -5.16
CA SER C 312 11.03 35.55 -5.09
C SER C 312 12.35 34.84 -5.34
N TYR C 313 13.27 35.55 -5.99
CA TYR C 313 14.59 35.03 -6.23
C TYR C 313 15.47 36.16 -6.62
N THR C 314 16.77 35.87 -6.60
CA THR C 314 17.79 36.81 -7.00
C THR C 314 18.76 36.07 -7.90
N LEU C 315 18.89 36.52 -9.14
CA LEU C 315 19.76 35.86 -10.10
C LEU C 315 21.22 36.18 -9.83
N ALA C 316 22.10 35.33 -10.36
CA ALA C 316 23.53 35.53 -10.28
C ALA C 316 24.18 34.90 -11.49
N GLU C 317 24.98 35.68 -12.20
CA GLU C 317 25.65 35.23 -13.41
C GLU C 317 26.79 34.32 -13.01
N VAL C 318 26.94 33.22 -13.74
CA VAL C 318 27.96 32.23 -13.48
C VAL C 318 28.38 31.68 -14.83
N THR C 319 29.68 31.70 -15.10
CA THR C 319 30.23 31.13 -16.32
C THR C 319 30.46 29.64 -16.15
N LEU C 320 30.67 28.98 -17.27
CA LEU C 320 31.12 27.59 -17.31
C LEU C 320 32.49 27.38 -16.63
N GLU C 321 33.43 28.31 -16.80
CA GLU C 321 34.72 28.22 -16.15
C GLU C 321 34.55 28.21 -14.63
N GLU C 322 33.81 29.19 -14.16
CA GLU C 322 33.48 29.28 -12.74
C GLU C 322 32.74 28.03 -12.25
N ALA C 323 31.79 27.52 -13.02
CA ALA C 323 30.97 26.39 -12.53
C ALA C 323 31.89 25.20 -12.23
N MET C 324 32.79 24.92 -13.17
CA MET C 324 33.76 23.85 -13.03
C MET C 324 34.80 24.12 -11.93
N GLU C 325 35.15 25.38 -11.71
CA GLU C 325 36.01 25.76 -10.57
C GLU C 325 35.37 25.46 -9.21
N ALA C 326 34.06 25.59 -9.12
CA ALA C 326 33.32 25.15 -7.93
C ALA C 326 33.24 23.62 -7.84
N VAL C 327 33.35 22.94 -8.98
CA VAL C 327 33.39 21.46 -8.99
C VAL C 327 34.77 21.01 -8.43
N VAL C 328 35.81 21.76 -8.76
CA VAL C 328 37.14 21.55 -8.18
C VAL C 328 37.14 21.92 -6.69
N GLU C 329 36.60 23.08 -6.34
CA GLU C 329 36.59 23.48 -4.94
C GLU C 329 35.94 22.38 -4.09
N VAL C 330 34.74 21.96 -4.48
CA VAL C 330 33.91 21.06 -3.70
C VAL C 330 34.56 19.68 -3.57
N ALA C 331 34.96 19.07 -4.69
CA ALA C 331 35.76 17.83 -4.68
C ALA C 331 36.91 17.83 -3.63
N ARG C 332 37.74 18.86 -3.70
CA ARG C 332 38.94 19.00 -2.88
C ARG C 332 38.72 19.34 -1.43
N SER C 333 37.53 19.88 -1.14
CA SER C 333 37.10 20.19 0.22
C SER C 333 36.29 19.04 0.86
N ASP C 334 35.48 18.34 0.05
CA ASP C 334 34.46 17.40 0.53
C ASP C 334 34.62 15.93 0.10
N GLY C 335 35.43 15.63 -0.91
CA GLY C 335 35.48 14.27 -1.46
C GLY C 335 34.26 13.90 -2.31
N LEU C 336 33.49 14.91 -2.70
CA LEU C 336 32.19 14.76 -3.41
C LEU C 336 32.38 15.29 -4.80
N VAL C 337 32.19 14.45 -5.81
CA VAL C 337 32.22 14.87 -7.20
C VAL C 337 30.81 15.27 -7.72
N ILE C 338 30.54 16.59 -7.72
CA ILE C 338 29.28 17.16 -8.20
C ILE C 338 29.33 17.55 -9.67
N GLY C 339 28.17 17.55 -10.29
CA GLY C 339 28.03 17.91 -11.73
C GLY C 339 28.18 19.42 -11.94
N PRO C 340 28.37 19.87 -13.21
CA PRO C 340 28.53 21.31 -13.48
C PRO C 340 27.43 22.25 -12.99
N SER C 341 26.16 21.82 -13.02
CA SER C 341 25.04 22.66 -12.58
C SER C 341 25.13 22.89 -11.06
N GLY C 342 25.50 21.85 -10.33
CA GLY C 342 25.75 21.97 -8.90
C GLY C 342 26.94 22.86 -8.61
N GLY C 343 28.03 22.62 -9.35
CA GLY C 343 29.14 23.60 -9.40
C GLY C 343 28.65 25.03 -9.48
N ALA C 344 27.95 25.33 -10.58
CA ALA C 344 27.32 26.64 -10.80
C ALA C 344 26.43 27.11 -9.65
N ALA C 345 25.60 26.20 -9.14
CA ALA C 345 24.73 26.55 -8.04
C ALA C 345 25.59 27.08 -6.89
N VAL C 346 26.66 26.34 -6.55
CA VAL C 346 27.53 26.67 -5.42
C VAL C 346 28.14 28.05 -5.72
N LYS C 347 28.56 28.24 -6.97
CA LYS C 347 29.18 29.48 -7.39
C LYS C 347 28.28 30.71 -7.28
N ALA C 348 27.00 30.57 -7.60
CA ALA C 348 26.01 31.65 -7.39
C ALA C 348 25.89 32.05 -5.92
N LEU C 349 25.81 31.03 -5.08
CA LEU C 349 25.67 31.25 -3.64
C LEU C 349 26.87 32.00 -3.03
N ALA C 350 28.06 31.73 -3.56
CA ALA C 350 29.32 32.36 -3.09
C ALA C 350 29.49 33.78 -3.64
N LYS C 351 29.13 33.98 -4.90
CA LYS C 351 29.06 35.31 -5.47
C LYS C 351 28.14 36.21 -4.63
N LYS C 352 26.94 35.71 -4.31
CA LYS C 352 26.00 36.43 -3.43
C LYS C 352 26.36 36.49 -1.93
N ALA C 353 27.24 35.62 -1.46
CA ALA C 353 27.77 35.73 -0.09
C ALA C 353 28.83 36.83 -0.05
N ALA C 354 29.64 36.89 -1.09
CA ALA C 354 30.74 37.85 -1.21
C ALA C 354 30.32 39.31 -1.47
N GLU C 355 29.02 39.57 -1.69
CA GLU C 355 28.48 40.94 -1.86
C GLU C 355 27.78 41.46 -0.60
N GLY C 356 27.96 40.79 0.55
CA GLY C 356 27.32 41.18 1.81
C GLY C 356 25.79 41.08 1.84
N ASP C 357 25.25 40.38 0.86
CA ASP C 357 23.84 40.39 0.54
C ASP C 357 23.03 39.50 1.48
N LEU C 358 23.55 38.30 1.74
CA LEU C 358 22.80 37.27 2.46
C LEU C 358 22.86 37.42 3.97
N GLU C 359 21.80 36.92 4.63
CA GLU C 359 21.74 36.83 6.09
C GLU C 359 22.54 35.59 6.50
N PRO C 360 23.47 35.71 7.47
CA PRO C 360 24.13 34.52 8.00
C PRO C 360 23.16 33.43 8.44
N GLY C 361 23.58 32.17 8.28
CA GLY C 361 22.71 31.02 8.55
C GLY C 361 22.99 29.89 7.57
N ASP C 362 22.10 28.92 7.54
CA ASP C 362 22.27 27.72 6.71
C ASP C 362 21.64 27.94 5.33
N TYR C 363 22.26 27.35 4.30
CA TYR C 363 21.91 27.52 2.90
C TYR C 363 22.07 26.21 2.14
N VAL C 364 21.02 25.83 1.41
CA VAL C 364 20.92 24.50 0.77
C VAL C 364 21.09 24.62 -0.74
N VAL C 365 22.09 23.94 -1.28
CA VAL C 365 22.37 24.02 -2.68
C VAL C 365 21.85 22.67 -3.19
N VAL C 366 20.87 22.68 -4.08
CA VAL C 366 20.43 21.44 -4.77
C VAL C 366 21.50 21.17 -5.82
N VAL C 367 22.12 20.00 -5.71
CA VAL C 367 23.11 19.51 -6.64
C VAL C 367 22.31 18.54 -7.49
N PRO C 368 22.07 18.90 -8.75
CA PRO C 368 21.24 18.05 -9.61
C PRO C 368 21.76 16.64 -9.85
N ASP C 369 23.07 16.49 -9.99
CA ASP C 369 23.68 15.18 -10.31
C ASP C 369 25.19 15.04 -9.96
N THR C 370 25.79 13.92 -10.35
CA THR C 370 27.19 13.59 -10.01
C THR C 370 28.10 13.96 -11.19
N GLY C 371 29.26 14.51 -10.85
CA GLY C 371 30.33 14.83 -11.81
C GLY C 371 30.99 13.63 -12.46
N PHE C 372 30.77 12.41 -11.94
CA PHE C 372 31.30 11.22 -12.63
C PHE C 372 30.90 11.16 -14.10
N LYS C 373 29.72 11.71 -14.40
CA LYS C 373 29.17 11.74 -15.75
C LYS C 373 29.81 12.71 -16.74
N TYR C 374 30.60 13.69 -16.27
CA TYR C 374 31.12 14.77 -17.13
C TYR C 374 32.64 14.78 -17.29
N LEU C 375 33.22 13.63 -17.65
CA LEU C 375 34.67 13.46 -17.61
C LEU C 375 35.44 14.31 -18.62
N SER C 376 34.86 14.65 -19.78
CA SER C 376 35.57 15.54 -20.72
C SER C 376 35.66 16.99 -20.16
N LEU C 377 34.64 17.43 -19.46
CA LEU C 377 34.62 18.78 -18.86
C LEU C 377 35.59 18.92 -17.70
N VAL C 378 35.63 17.88 -16.85
CA VAL C 378 36.54 17.83 -15.72
C VAL C 378 37.99 17.94 -16.23
N GLN C 379 38.28 17.31 -17.37
CA GLN C 379 39.60 17.45 -17.99
C GLN C 379 39.93 18.89 -18.42
N ASN C 380 38.93 19.65 -18.90
CA ASN C 380 39.11 21.08 -19.23
C ASN C 380 39.23 21.98 -18.01
N ALA C 381 38.54 21.62 -16.92
CA ALA C 381 38.80 22.27 -15.63
C ALA C 381 40.29 22.13 -15.26
N LEU C 382 40.82 20.92 -15.43
CA LEU C 382 42.23 20.62 -15.13
C LEU C 382 43.18 20.95 -16.30
N GLU C 383 42.62 21.41 -17.43
CA GLU C 383 43.27 22.34 -18.40
C GLU C 383 44.58 21.85 -19.02
N ALA D 2 26.47 -6.34 32.61
CA ALA D 2 26.41 -4.92 32.13
C ALA D 2 26.90 -4.78 30.69
N LEU D 3 26.77 -3.56 30.17
CA LEU D 3 27.27 -3.18 28.85
C LEU D 3 28.12 -1.92 28.97
N ALA D 4 29.04 -1.74 28.04
CA ALA D 4 29.84 -0.53 27.95
C ALA D 4 30.07 -0.17 26.50
N ASP D 5 30.24 1.12 26.25
CA ASP D 5 30.43 1.64 24.91
C ASP D 5 31.78 1.15 24.38
N ILE D 6 31.77 0.55 23.19
CA ILE D 6 32.99 0.03 22.58
C ILE D 6 34.00 1.13 22.22
N SER D 7 33.51 2.36 22.02
CA SER D 7 34.36 3.51 21.66
C SER D 7 35.32 3.95 22.78
N GLY D 8 35.09 3.47 24.01
CA GLY D 8 36.08 3.57 25.09
C GLY D 8 37.20 2.54 25.08
N TYR D 9 37.13 1.57 24.17
CA TYR D 9 38.02 0.41 24.12
C TYR D 9 38.75 0.24 22.78
N LEU D 10 38.78 1.29 21.95
CA LEU D 10 39.17 1.14 20.53
C LEU D 10 40.67 1.08 20.21
N ASP D 11 41.56 1.43 21.15
CA ASP D 11 43.03 1.31 20.86
C ASP D 11 43.55 -0.15 20.82
N VAL D 12 42.69 -1.14 21.06
CA VAL D 12 42.99 -2.52 20.63
C VAL D 12 43.30 -2.61 19.13
N LEU D 13 42.65 -1.77 18.32
CA LEU D 13 42.93 -1.65 16.87
C LEU D 13 44.34 -1.18 16.51
N ASP D 14 45.01 -0.48 17.43
CA ASP D 14 46.41 -0.11 17.26
C ASP D 14 47.43 -1.20 17.66
N SER D 15 46.95 -2.29 18.26
CA SER D 15 47.81 -3.27 18.95
C SER D 15 47.55 -4.72 18.55
N VAL D 16 46.28 -5.13 18.44
CA VAL D 16 45.95 -6.47 17.92
C VAL D 16 46.61 -6.67 16.56
N ARG D 17 47.22 -7.83 16.39
CA ARG D 17 47.72 -8.29 15.10
C ARG D 17 47.19 -9.69 14.94
N GLY D 18 47.27 -10.23 13.72
CA GLY D 18 46.93 -11.63 13.50
C GLY D 18 45.46 -11.93 13.36
N PHE D 19 45.14 -13.07 12.78
CA PHE D 19 43.75 -13.46 12.50
C PHE D 19 43.13 -14.25 13.63
N SER D 20 43.90 -14.59 14.68
CA SER D 20 43.38 -15.42 15.79
C SER D 20 42.11 -14.87 16.48
N TYR D 21 42.03 -13.53 16.55
CA TYR D 21 40.80 -12.86 17.02
C TYR D 21 39.52 -13.23 16.20
N LEU D 22 39.67 -13.64 14.94
CA LEU D 22 38.53 -14.01 14.11
C LEU D 22 37.78 -15.21 14.61
N GLU D 23 38.48 -16.10 15.30
CA GLU D 23 37.89 -17.27 15.97
C GLU D 23 36.81 -16.85 16.94
N ASN D 24 37.04 -15.71 17.61
CA ASN D 24 36.08 -15.11 18.52
C ASN D 24 34.92 -14.54 17.72
N ALA D 25 35.22 -13.91 16.59
CA ALA D 25 34.22 -13.35 15.71
C ALA D 25 33.32 -14.47 15.21
N ARG D 26 33.90 -15.50 14.60
CA ARG D 26 33.07 -16.62 14.14
C ARG D 26 32.19 -17.12 15.30
N GLU D 27 32.78 -17.61 16.38
CA GLU D 27 31.98 -18.13 17.51
C GLU D 27 30.92 -17.16 18.07
N VAL D 28 31.21 -15.86 18.10
CA VAL D 28 30.20 -14.87 18.58
C VAL D 28 29.04 -14.76 17.61
N LEU D 29 29.34 -14.63 16.31
CA LEU D 29 28.29 -14.64 15.32
C LEU D 29 27.45 -15.91 15.40
N ARG D 30 28.09 -17.10 15.43
CA ARG D 30 27.35 -18.39 15.41
C ARG D 30 26.39 -18.58 16.58
N SER D 31 26.86 -18.20 17.77
CA SER D 31 26.07 -18.37 19.01
C SER D 31 25.10 -17.22 19.26
N GLY D 32 25.41 -16.04 18.72
CA GLY D 32 24.53 -14.88 18.84
C GLY D 32 24.62 -14.20 20.18
N GLU D 33 25.76 -14.34 20.84
CA GLU D 33 26.02 -13.67 22.11
C GLU D 33 27.50 -13.62 22.44
N ALA D 34 27.87 -12.66 23.28
CA ALA D 34 29.20 -12.55 23.82
C ALA D 34 29.12 -12.72 25.33
N ARG D 35 30.08 -13.48 25.88
CA ARG D 35 30.21 -13.65 27.33
C ARG D 35 30.78 -12.34 27.86
N CYS D 36 30.35 -11.94 29.05
CA CYS D 36 30.94 -10.76 29.68
C CYS D 36 32.44 -10.96 29.90
N LEU D 37 33.18 -9.88 29.69
CA LEU D 37 34.56 -9.78 30.08
C LEU D 37 34.60 -9.19 31.49
N GLY D 38 35.34 -9.84 32.40
CA GLY D 38 35.59 -9.31 33.73
C GLY D 38 36.27 -7.95 33.64
N ASN D 39 37.54 -7.96 33.22
CA ASN D 39 38.23 -6.76 32.74
C ASN D 39 38.41 -6.92 31.22
N PRO D 40 37.63 -6.16 30.42
CA PRO D 40 37.74 -6.26 28.95
C PRO D 40 39.12 -5.92 28.43
N ARG D 41 39.70 -4.82 28.93
CA ARG D 41 41.07 -4.38 28.58
C ARG D 41 42.17 -5.45 28.64
N SER D 42 41.96 -6.54 29.39
CA SER D 42 42.88 -7.68 29.41
C SER D 42 42.79 -8.64 28.21
N GLU D 43 41.74 -8.57 27.39
CA GLU D 43 41.51 -9.55 26.32
C GLU D 43 41.29 -8.91 24.94
N PRO D 44 42.27 -8.15 24.44
CA PRO D 44 42.08 -7.30 23.23
C PRO D 44 41.54 -7.99 21.96
N GLU D 45 41.75 -9.31 21.83
CA GLU D 45 41.24 -10.11 20.70
C GLU D 45 39.72 -10.20 20.77
N TYR D 46 39.18 -10.27 21.99
CA TYR D 46 37.73 -10.30 22.16
C TYR D 46 37.15 -8.93 21.82
N VAL D 47 37.89 -7.85 22.09
CA VAL D 47 37.38 -6.51 21.78
C VAL D 47 37.45 -6.24 20.27
N LYS D 48 38.53 -6.64 19.62
CA LYS D 48 38.62 -6.37 18.21
C LYS D 48 37.51 -7.13 17.56
N ALA D 49 37.42 -8.41 17.89
CA ALA D 49 36.40 -9.25 17.32
C ALA D 49 35.04 -8.59 17.23
N LEU D 50 34.60 -7.93 18.31
CA LEU D 50 33.32 -7.35 18.40
C LEU D 50 33.31 -6.08 17.52
N TYR D 51 34.39 -5.35 17.53
CA TYR D 51 34.41 -4.13 16.73
C TYR D 51 34.14 -4.57 15.30
N VAL D 52 34.92 -5.54 14.85
CA VAL D 52 34.89 -6.04 13.48
C VAL D 52 33.50 -6.57 13.04
N ILE D 53 32.67 -7.09 13.98
CA ILE D 53 31.31 -7.58 13.65
C ILE D 53 30.18 -6.53 13.72
N GLY D 54 30.49 -5.34 14.24
CA GLY D 54 29.61 -4.20 14.17
C GLY D 54 29.15 -3.66 15.51
N ALA D 55 29.63 -4.23 16.62
CA ALA D 55 29.11 -3.88 17.92
C ALA D 55 29.54 -2.47 18.21
N SER D 56 28.62 -1.68 18.72
CA SER D 56 28.94 -0.40 19.34
C SER D 56 29.01 -0.56 20.86
N ARG D 57 28.77 -1.79 21.36
CA ARG D 57 28.88 -2.13 22.78
C ARG D 57 29.66 -3.43 23.06
N ILE D 58 30.35 -3.47 24.20
CA ILE D 58 31.03 -4.69 24.68
C ILE D 58 30.49 -5.09 26.07
N PRO D 59 30.45 -6.41 26.37
CA PRO D 59 29.86 -6.88 27.62
C PRO D 59 30.87 -6.91 28.77
N VAL D 60 30.45 -6.38 29.93
CA VAL D 60 31.34 -6.01 31.03
C VAL D 60 30.77 -6.52 32.37
N GLY D 61 31.40 -7.52 32.96
CA GLY D 61 30.99 -8.00 34.29
C GLY D 61 31.40 -9.42 34.63
N ASP D 62 30.72 -9.97 35.65
CA ASP D 62 30.98 -11.33 36.14
C ASP D 62 29.78 -12.24 35.87
N GLY D 63 30.02 -13.34 35.16
CA GLY D 63 29.02 -14.40 34.94
C GLY D 63 27.77 -13.98 34.20
N CYS D 64 27.92 -13.05 33.26
CA CYS D 64 26.82 -12.60 32.40
C CYS D 64 27.20 -12.78 30.93
N SER D 65 26.18 -12.68 30.08
CA SER D 65 26.38 -12.65 28.63
C SER D 65 25.26 -11.85 28.00
N HIS D 66 25.55 -11.28 26.83
CA HIS D 66 24.59 -10.46 26.10
C HIS D 66 24.56 -10.86 24.63
N THR D 67 23.47 -10.50 23.97
CA THR D 67 23.17 -10.86 22.58
C THR D 67 23.77 -9.87 21.59
N LEU D 68 23.73 -10.24 20.30
CA LEU D 68 24.14 -9.33 19.23
C LEU D 68 23.25 -8.08 19.18
N GLU D 69 21.95 -8.23 19.45
CA GLU D 69 21.03 -7.09 19.56
C GLU D 69 21.56 -6.13 20.60
N GLU D 70 21.72 -6.62 21.83
CA GLU D 70 22.25 -5.84 22.94
C GLU D 70 23.58 -5.16 22.68
N LEU D 71 24.46 -5.83 21.91
CA LEU D 71 25.80 -5.33 21.59
C LEU D 71 25.78 -4.28 20.48
N GLY D 72 24.63 -4.14 19.82
CA GLY D 72 24.41 -3.09 18.84
C GLY D 72 24.65 -3.53 17.42
N VAL D 73 24.91 -4.80 17.15
CA VAL D 73 25.24 -5.23 15.77
C VAL D 73 24.09 -4.85 14.84
N PHE D 74 22.85 -4.98 15.32
CA PHE D 74 21.67 -4.58 14.55
C PHE D 74 21.38 -3.05 14.57
N ASP D 75 21.96 -2.30 15.50
CA ASP D 75 21.87 -0.82 15.48
C ASP D 75 22.63 -0.23 14.28
N ILE D 76 22.10 -0.45 13.09
CA ILE D 76 22.59 0.16 11.86
C ILE D 76 21.34 0.52 11.06
N SER D 77 21.04 1.81 11.08
CA SER D 77 19.84 2.36 10.47
C SER D 77 20.16 3.74 9.95
N VAL D 78 19.71 4.00 8.74
CA VAL D 78 19.89 5.31 8.14
C VAL D 78 19.01 6.32 8.94
N PRO D 79 19.46 7.59 9.11
CA PRO D 79 18.52 8.54 9.73
C PRO D 79 17.31 8.83 8.83
N GLY D 80 16.18 9.11 9.47
CA GLY D 80 14.93 9.30 8.77
C GLY D 80 14.97 10.42 7.76
N GLU D 81 15.74 11.46 8.07
CA GLU D 81 15.71 12.74 7.39
C GLU D 81 16.85 12.85 6.40
N MET D 82 17.82 11.93 6.44
CA MET D 82 19.04 11.99 5.61
C MET D 82 19.77 13.32 5.74
N VAL D 83 19.97 13.75 6.99
CA VAL D 83 20.75 14.96 7.26
C VAL D 83 22.08 14.59 7.98
N PHE D 84 23.19 15.07 7.42
CA PHE D 84 24.55 14.69 7.80
C PHE D 84 25.46 15.92 7.91
N PRO D 85 25.89 16.30 9.16
CA PRO D 85 26.74 17.51 9.38
C PRO D 85 28.18 17.54 8.82
N SER D 86 28.59 16.50 8.09
CA SER D 86 29.85 16.52 7.35
C SER D 86 29.88 15.40 6.31
N PRO D 87 30.81 15.49 5.34
CA PRO D 87 31.12 14.37 4.41
C PRO D 87 31.53 13.01 5.06
N LEU D 88 32.40 13.04 6.07
CA LEU D 88 32.78 11.81 6.77
C LEU D 88 31.61 11.18 7.54
N ASP D 89 30.87 12.00 8.26
CA ASP D 89 29.63 11.56 8.91
C ASP D 89 28.63 10.95 7.91
N PHE D 90 28.52 11.55 6.73
CA PHE D 90 27.68 11.03 5.64
C PHE D 90 28.12 9.60 5.26
N PHE D 91 29.42 9.41 5.14
CA PHE D 91 29.93 8.06 4.84
C PHE D 91 29.48 7.05 5.89
N GLU D 92 29.57 7.45 7.16
CA GLU D 92 29.35 6.52 8.27
C GLU D 92 27.87 6.19 8.42
N ARG D 93 27.04 7.22 8.56
CA ARG D 93 25.60 7.05 8.81
C ARG D 93 24.76 6.86 7.55
N GLY D 94 25.27 7.22 6.36
CA GLY D 94 24.55 7.10 5.08
C GLY D 94 24.55 5.67 4.60
N LYS D 95 24.12 4.81 5.51
CA LYS D 95 24.36 3.38 5.37
C LYS D 95 23.20 2.79 6.15
N PRO D 96 22.77 1.55 5.83
CA PRO D 96 23.43 0.71 4.79
C PRO D 96 23.29 1.23 3.38
N THR D 97 24.14 0.74 2.47
CA THR D 97 23.78 0.88 1.05
C THR D 97 22.55 0.03 0.67
N PRO D 98 21.71 0.55 -0.28
CA PRO D 98 20.41 -0.01 -0.60
C PRO D 98 20.53 -1.45 -1.05
N LEU D 99 19.70 -2.32 -0.51
CA LEU D 99 19.49 -3.66 -1.02
C LEU D 99 18.12 -3.72 -1.71
N VAL D 100 18.07 -4.09 -2.98
CA VAL D 100 16.82 -3.94 -3.76
C VAL D 100 16.53 -5.27 -4.43
N ARG D 101 15.31 -5.74 -4.28
CA ARG D 101 14.88 -6.92 -4.99
C ARG D 101 14.77 -6.65 -6.48
N SER D 102 15.37 -7.53 -7.27
CA SER D 102 15.25 -7.49 -8.70
C SER D 102 14.04 -8.30 -9.15
N ARG D 103 13.41 -7.84 -10.25
CA ARG D 103 12.40 -8.64 -10.94
C ARG D 103 13.03 -9.62 -11.93
N LEU D 104 14.37 -9.68 -12.01
CA LEU D 104 15.07 -10.52 -12.98
C LEU D 104 14.86 -11.99 -12.60
N GLN D 105 14.38 -12.78 -13.57
CA GLN D 105 13.86 -14.12 -13.32
C GLN D 105 14.94 -15.17 -13.52
N LEU D 106 15.25 -15.91 -12.45
CA LEU D 106 16.28 -16.94 -12.45
C LEU D 106 15.66 -18.30 -12.20
N PRO D 107 16.23 -19.35 -12.80
CA PRO D 107 15.60 -20.64 -12.61
C PRO D 107 15.62 -21.14 -11.17
N ASN D 108 14.75 -22.10 -10.89
CA ASN D 108 14.85 -22.95 -9.71
C ASN D 108 14.68 -22.25 -8.37
N GLY D 109 13.89 -21.18 -8.36
CA GLY D 109 13.54 -20.48 -7.13
C GLY D 109 14.60 -19.56 -6.56
N VAL D 110 15.62 -19.23 -7.36
CA VAL D 110 16.67 -18.33 -6.90
C VAL D 110 16.16 -16.90 -7.12
N ARG D 111 15.87 -16.22 -6.00
CA ARG D 111 15.34 -14.86 -6.02
C ARG D 111 16.45 -13.85 -5.73
N VAL D 112 16.49 -12.79 -6.54
CA VAL D 112 17.68 -11.96 -6.61
C VAL D 112 17.44 -10.59 -5.97
N TRP D 113 18.42 -10.14 -5.20
CA TRP D 113 18.38 -8.85 -4.52
C TRP D 113 19.73 -8.24 -4.85
N LEU D 114 19.79 -6.92 -4.94
CA LEU D 114 20.99 -6.25 -5.47
C LEU D 114 21.46 -5.23 -4.44
N LYS D 115 22.62 -5.45 -3.85
CA LYS D 115 23.27 -4.49 -2.94
C LYS D 115 24.06 -3.44 -3.69
N LEU D 116 23.62 -2.17 -3.56
CA LEU D 116 24.00 -1.09 -4.50
C LEU D 116 25.19 -0.27 -4.01
N GLU D 117 26.36 -0.89 -4.13
CA GLU D 117 27.59 -0.32 -3.57
C GLU D 117 28.04 0.99 -4.22
N TRP D 118 27.41 1.45 -5.32
CA TRP D 118 27.60 2.85 -5.76
C TRP D 118 27.00 3.90 -4.82
N TYR D 119 26.17 3.50 -3.87
CA TYR D 119 25.61 4.52 -2.91
C TYR D 119 26.65 5.12 -1.94
N ASN D 120 27.86 4.57 -1.95
CA ASN D 120 29.02 5.14 -1.26
C ASN D 120 29.35 6.45 -1.94
N PRO D 121 29.49 7.55 -1.15
CA PRO D 121 29.60 8.90 -1.70
C PRO D 121 30.84 9.38 -2.41
N PHE D 122 32.03 8.86 -2.18
CA PHE D 122 33.23 9.55 -2.75
C PHE D 122 33.56 8.99 -4.13
N SER D 123 33.75 7.67 -4.20
CA SER D 123 34.15 6.98 -5.44
C SER D 123 33.03 6.30 -6.23
N LEU D 124 31.80 6.45 -5.73
CA LEU D 124 30.60 5.83 -6.31
C LEU D 124 30.81 4.31 -6.43
N SER D 125 31.44 3.76 -5.40
CA SER D 125 31.79 2.35 -5.35
C SER D 125 32.08 1.76 -3.97
N VAL D 126 31.93 0.44 -3.89
CA VAL D 126 32.48 -0.39 -2.83
C VAL D 126 33.89 -0.01 -2.27
N ALA D 127 34.86 0.38 -3.11
CA ALA D 127 36.17 0.77 -2.66
C ALA D 127 36.20 1.93 -1.63
N ASP D 128 35.09 2.64 -1.43
CA ASP D 128 35.09 3.77 -0.42
C ASP D 128 35.42 3.20 0.95
N ARG D 129 34.79 2.09 1.31
CA ARG D 129 34.83 1.55 2.66
C ARG D 129 36.25 1.21 3.23
N PRO D 130 37.06 0.40 2.50
CA PRO D 130 38.40 0.09 2.89
C PRO D 130 39.24 1.34 2.76
N ALA D 131 38.83 2.34 1.99
CA ALA D 131 39.64 3.59 1.96
C ALA D 131 39.43 4.40 3.26
N VAL D 132 38.22 4.33 3.82
CA VAL D 132 37.90 5.13 4.99
C VAL D 132 38.58 4.50 6.14
N GLU D 133 38.25 3.22 6.38
CA GLU D 133 38.98 2.39 7.33
C GLU D 133 40.50 2.53 7.29
N ILE D 134 41.13 2.33 6.12
CA ILE D 134 42.57 2.33 6.05
C ILE D 134 43.14 3.68 6.55
N ILE D 135 42.59 4.78 6.04
CA ILE D 135 43.05 6.14 6.41
C ILE D 135 42.70 6.52 7.87
N SER D 136 41.70 5.85 8.42
CA SER D 136 41.19 6.09 9.78
C SER D 136 42.04 5.39 10.85
N ARG D 137 42.57 4.24 10.47
CA ARG D 137 43.52 3.48 11.27
C ARG D 137 44.85 4.19 11.36
N LEU D 138 45.05 5.10 10.40
CA LEU D 138 46.31 5.68 10.04
C LEU D 138 46.47 7.10 10.60
N SER D 139 45.35 7.80 10.83
CA SER D 139 45.42 9.13 11.44
C SER D 139 45.82 9.11 12.92
N ARG D 140 45.97 7.93 13.51
CA ARG D 140 46.53 7.79 14.86
C ARG D 140 48.06 7.82 14.91
N ARG D 141 48.73 7.52 13.79
CA ARG D 141 50.21 7.46 13.74
C ARG D 141 50.93 8.37 12.72
N VAL D 142 50.25 8.72 11.62
CA VAL D 142 50.95 9.31 10.45
C VAL D 142 50.75 10.80 10.44
N GLU D 143 51.84 11.58 10.55
CA GLU D 143 51.70 13.04 10.57
C GLU D 143 50.99 13.48 9.30
N LYS D 144 50.48 14.71 9.33
CA LYS D 144 49.61 15.18 8.28
C LYS D 144 50.41 16.03 7.31
N GLY D 145 49.92 16.08 6.07
CA GLY D 145 50.72 16.46 4.93
C GLY D 145 51.55 15.30 4.41
N SER D 146 51.41 14.10 5.01
CA SER D 146 52.12 12.91 4.54
C SER D 146 51.53 12.42 3.21
N LEU D 147 52.38 11.81 2.41
CA LEU D 147 51.97 11.32 1.10
C LEU D 147 51.54 9.87 1.26
N VAL D 148 50.37 9.51 0.71
CA VAL D 148 49.84 8.13 0.75
C VAL D 148 49.60 7.61 -0.66
N ALA D 149 49.61 6.30 -0.85
CA ALA D 149 49.59 5.75 -2.21
C ALA D 149 49.18 4.32 -2.27
N ASP D 150 48.67 3.93 -3.42
CA ASP D 150 48.54 2.53 -3.72
C ASP D 150 48.50 2.37 -5.20
N ALA D 151 48.43 1.12 -5.63
CA ALA D 151 47.99 0.85 -7.00
C ALA D 151 46.53 0.46 -6.97
N THR D 152 45.89 0.62 -8.13
CA THR D 152 44.46 0.42 -8.26
C THR D 152 43.96 0.21 -9.70
N SER D 153 42.92 -0.59 -9.82
CA SER D 153 42.12 -0.66 -11.07
C SER D 153 41.49 0.68 -11.43
N SER D 154 41.12 1.48 -10.42
CA SER D 154 40.50 2.81 -10.64
C SER D 154 39.79 3.37 -9.38
N ASN D 155 39.04 2.52 -8.69
CA ASN D 155 38.03 2.92 -7.70
C ASN D 155 38.59 3.25 -6.33
N PHE D 156 39.52 2.42 -5.86
CA PHE D 156 40.34 2.76 -4.70
C PHE D 156 41.17 4.02 -4.97
N GLY D 157 41.74 4.16 -6.16
CA GLY D 157 42.47 5.39 -6.45
C GLY D 157 41.66 6.63 -6.11
N VAL D 158 40.46 6.68 -6.67
CA VAL D 158 39.50 7.79 -6.46
C VAL D 158 39.14 7.95 -4.98
N ALA D 159 38.75 6.84 -4.36
CA ALA D 159 38.36 6.85 -2.95
C ALA D 159 39.50 7.20 -2.00
N LEU D 160 40.71 6.74 -2.33
CA LEU D 160 41.90 7.07 -1.54
C LEU D 160 42.18 8.58 -1.66
N SER D 161 42.00 9.11 -2.86
CA SER D 161 42.23 10.54 -3.12
C SER D 161 41.29 11.42 -2.29
N ALA D 162 39.99 11.09 -2.33
CA ALA D 162 38.96 11.86 -1.62
C ALA D 162 39.15 11.74 -0.12
N VAL D 163 39.42 10.52 0.31
CA VAL D 163 39.59 10.23 1.73
C VAL D 163 40.91 10.82 2.26
N ALA D 164 41.98 10.76 1.48
CA ALA D 164 43.19 11.51 1.82
C ALA D 164 42.79 12.94 2.19
N ARG D 165 42.09 13.61 1.26
CA ARG D 165 41.68 15.02 1.44
C ARG D 165 40.86 15.31 2.71
N LEU D 166 40.10 14.33 3.17
CA LEU D 166 39.25 14.47 4.36
C LEU D 166 39.98 14.25 5.70
N TYR D 167 41.18 13.68 5.62
CA TYR D 167 42.01 13.44 6.78
C TYR D 167 43.38 14.13 6.67
N GLY D 168 43.53 15.12 5.80
CA GLY D 168 44.77 15.92 5.72
C GLY D 168 46.01 15.30 5.07
N TYR D 169 45.85 14.16 4.39
CA TYR D 169 46.98 13.52 3.73
C TYR D 169 47.11 14.06 2.33
N ARG D 170 48.15 13.60 1.64
CA ARG D 170 48.34 13.83 0.20
C ARG D 170 48.35 12.46 -0.43
N ALA D 171 48.06 12.39 -1.73
CA ALA D 171 47.73 11.08 -2.32
C ALA D 171 48.40 10.79 -3.68
N ARG D 172 48.73 9.52 -3.94
CA ARG D 172 49.29 9.14 -5.24
C ARG D 172 48.67 7.84 -5.68
N VAL D 173 48.23 7.78 -6.92
CA VAL D 173 47.56 6.60 -7.41
C VAL D 173 48.32 6.05 -8.62
N TYR D 174 48.56 4.74 -8.59
CA TYR D 174 49.17 4.00 -9.68
C TYR D 174 48.12 3.13 -10.36
N LEU D 175 48.08 3.25 -11.68
CA LEU D 175 47.08 2.58 -12.50
C LEU D 175 47.80 1.95 -13.67
N PRO D 176 47.40 0.72 -14.05
CA PRO D 176 47.87 0.16 -15.31
C PRO D 176 47.23 0.85 -16.50
N GLY D 177 47.89 0.77 -17.65
CA GLY D 177 47.43 1.40 -18.88
C GLY D 177 45.94 1.27 -19.17
N ALA D 178 45.44 0.05 -19.07
CA ALA D 178 44.05 -0.27 -19.41
C ALA D 178 43.01 0.16 -18.36
N ALA D 179 43.41 0.91 -17.33
CA ALA D 179 42.45 1.46 -16.35
C ALA D 179 41.53 2.48 -17.03
N GLU D 180 40.33 2.63 -16.48
CA GLU D 180 39.34 3.56 -17.01
C GLU D 180 39.79 5.00 -16.91
N GLU D 181 39.16 5.85 -17.73
CA GLU D 181 39.48 7.27 -17.76
C GLU D 181 39.09 7.97 -16.47
N PHE D 182 38.01 7.53 -15.85
CA PHE D 182 37.59 8.10 -14.57
C PHE D 182 38.67 7.89 -13.48
N GLY D 183 39.33 6.73 -13.52
CA GLY D 183 40.42 6.39 -12.61
C GLY D 183 41.67 7.22 -12.79
N LYS D 184 41.93 7.67 -14.02
CA LYS D 184 43.08 8.53 -14.34
C LYS D 184 42.81 10.02 -14.08
N LEU D 185 41.58 10.46 -14.27
CA LEU D 185 41.22 11.86 -14.21
C LEU D 185 40.73 12.32 -12.84
N LEU D 186 39.86 11.53 -12.23
CA LEU D 186 39.20 11.99 -11.01
C LEU D 186 40.07 12.13 -9.74
N PRO D 187 41.13 11.33 -9.59
CA PRO D 187 42.08 11.63 -8.52
C PRO D 187 42.73 13.00 -8.72
N ARG D 188 42.99 13.39 -9.97
CA ARG D 188 43.56 14.70 -10.28
C ARG D 188 42.61 15.83 -9.89
N LEU D 189 41.32 15.64 -10.18
CA LEU D 189 40.29 16.57 -9.67
C LEU D 189 40.37 16.69 -8.15
N LEU D 190 40.55 15.55 -7.50
CA LEU D 190 40.61 15.47 -6.03
C LEU D 190 41.94 15.94 -5.41
N GLY D 191 42.92 16.36 -6.22
CA GLY D 191 44.19 16.91 -5.73
C GLY D 191 45.26 15.87 -5.44
N ALA D 192 45.25 14.80 -6.23
CA ALA D 192 46.11 13.65 -6.12
C ALA D 192 47.03 13.55 -7.36
N GLN D 193 48.20 12.93 -7.19
CA GLN D 193 49.13 12.63 -8.30
C GLN D 193 48.73 11.32 -8.91
N VAL D 194 48.82 11.23 -10.23
CA VAL D 194 48.40 10.03 -10.96
C VAL D 194 49.58 9.56 -11.77
N ILE D 195 50.05 8.32 -11.51
CA ILE D 195 51.04 7.66 -12.37
C ILE D 195 50.33 6.52 -13.10
N VAL D 196 50.49 6.50 -14.43
CA VAL D 196 49.90 5.48 -15.29
C VAL D 196 51.06 4.76 -15.98
N ASP D 197 51.10 3.44 -15.86
CA ASP D 197 52.15 2.62 -16.45
C ASP D 197 51.54 1.84 -17.62
N PRO D 198 51.73 2.32 -18.88
CA PRO D 198 51.03 1.68 -20.01
C PRO D 198 51.33 0.19 -20.20
N GLU D 199 52.56 -0.22 -19.90
CA GLU D 199 53.00 -1.61 -20.09
C GLU D 199 52.68 -2.55 -18.91
N ALA D 200 52.16 -2.01 -17.80
CA ALA D 200 51.72 -2.82 -16.66
C ALA D 200 50.38 -3.51 -16.99
N PRO D 201 50.40 -4.84 -17.21
CA PRO D 201 49.20 -5.52 -17.73
C PRO D 201 48.01 -5.63 -16.76
N SER D 202 48.27 -5.59 -15.46
CA SER D 202 47.25 -5.68 -14.41
C SER D 202 47.64 -4.76 -13.26
N THR D 203 46.77 -4.66 -12.25
CA THR D 203 47.01 -3.76 -11.12
C THR D 203 48.08 -4.35 -10.20
N VAL D 204 48.02 -5.67 -9.94
CA VAL D 204 49.02 -6.37 -9.08
C VAL D 204 50.46 -6.19 -9.58
N HIS D 205 50.68 -6.30 -10.89
CA HIS D 205 52.00 -6.04 -11.50
C HIS D 205 52.66 -4.73 -11.06
N LEU D 206 51.86 -3.71 -10.71
CA LEU D 206 52.39 -2.42 -10.25
C LEU D 206 52.97 -2.42 -8.85
N LEU D 207 52.63 -3.42 -8.03
CA LEU D 207 52.94 -3.42 -6.60
C LEU D 207 54.45 -3.40 -6.26
N PRO D 208 55.29 -4.11 -7.05
CA PRO D 208 56.73 -3.94 -6.92
C PRO D 208 57.21 -2.50 -7.12
N ARG D 209 56.73 -1.84 -8.19
CA ARG D 209 57.12 -0.46 -8.44
C ARG D 209 56.65 0.48 -7.33
N VAL D 210 55.48 0.22 -6.74
CA VAL D 210 54.95 1.13 -5.70
C VAL D 210 55.79 1.05 -4.42
N MET D 211 55.99 -0.18 -3.97
CA MET D 211 56.97 -0.50 -2.92
C MET D 211 58.31 0.18 -3.15
N LYS D 212 58.86 0.04 -4.37
CA LYS D 212 60.17 0.61 -4.74
C LYS D 212 60.22 2.12 -4.47
N ASP D 213 59.21 2.83 -4.97
CA ASP D 213 59.17 4.31 -4.87
C ASP D 213 58.86 4.74 -3.42
N SER D 214 58.16 3.88 -2.69
CA SER D 214 57.84 4.14 -1.29
C SER D 214 59.12 4.19 -0.43
N LYS D 215 60.02 3.24 -0.65
CA LYS D 215 61.28 3.18 0.12
C LYS D 215 62.25 4.28 -0.28
N ASN D 216 62.28 4.65 -1.57
CA ASN D 216 63.09 5.78 -2.03
C ASN D 216 62.53 7.13 -1.59
N GLU D 217 61.22 7.33 -1.74
CA GLU D 217 60.62 8.67 -1.56
C GLU D 217 60.06 8.93 -0.17
N GLY D 218 59.68 7.86 0.53
CA GLY D 218 59.17 7.94 1.91
C GLY D 218 57.66 7.90 2.09
N PHE D 219 56.88 7.75 1.01
CA PHE D 219 55.41 7.74 1.17
C PHE D 219 54.93 6.44 1.80
N VAL D 220 53.66 6.44 2.22
CA VAL D 220 53.03 5.28 2.91
C VAL D 220 52.40 4.42 1.86
N HIS D 221 52.79 3.17 1.77
CA HIS D 221 52.10 2.30 0.85
C HIS D 221 51.00 1.68 1.68
N VAL D 222 49.78 2.21 1.53
CA VAL D 222 48.60 1.68 2.27
C VAL D 222 48.26 0.26 1.86
N ASN D 223 48.66 -0.16 0.67
CA ASN D 223 48.66 -1.59 0.35
C ASN D 223 47.34 -2.28 0.70
N GLN D 224 46.31 -1.98 -0.10
CA GLN D 224 44.94 -2.53 0.02
C GLN D 224 44.92 -4.04 -0.09
N TYR D 225 45.80 -4.61 -0.92
CA TYR D 225 45.82 -6.07 -1.10
C TYR D 225 46.10 -6.85 0.18
N TYR D 226 46.99 -6.29 1.00
CA TYR D 226 47.57 -6.97 2.19
C TYR D 226 47.03 -6.35 3.51
N ASN D 227 46.62 -5.08 3.44
CA ASN D 227 46.30 -4.33 4.65
C ASN D 227 44.96 -4.79 5.22
N ASP D 228 45.01 -5.30 6.43
CA ASP D 228 43.83 -5.91 7.02
C ASP D 228 42.70 -4.94 7.39
N ALA D 229 42.89 -3.60 7.32
CA ALA D 229 41.72 -2.72 7.45
C ALA D 229 40.76 -2.90 6.28
N ASN D 230 41.20 -3.49 5.15
CA ASN D 230 40.36 -3.68 3.99
C ASN D 230 39.30 -4.69 4.41
N PHE D 231 39.70 -5.93 4.67
CA PHE D 231 38.75 -6.99 5.06
C PHE D 231 37.87 -6.52 6.24
N GLU D 232 38.50 -5.88 7.22
CA GLU D 232 37.78 -5.44 8.42
C GLU D 232 36.70 -4.41 8.12
N ALA D 233 36.94 -3.55 7.13
CA ALA D 233 35.94 -2.56 6.67
C ALA D 233 34.73 -3.25 6.15
N HIS D 234 34.94 -4.19 5.23
CA HIS D 234 33.85 -4.89 4.61
C HIS D 234 33.13 -5.83 5.56
N MET D 235 33.77 -6.20 6.68
CA MET D 235 33.21 -7.04 7.77
C MET D 235 32.25 -6.27 8.68
N ARG D 236 32.58 -5.00 8.94
CA ARG D 236 31.69 -4.16 9.71
C ARG D 236 30.70 -3.40 8.84
N GLY D 237 31.01 -3.22 7.55
CA GLY D 237 30.08 -2.61 6.65
C GLY D 237 29.34 -3.61 5.82
N THR D 238 29.92 -3.90 4.67
CA THR D 238 29.25 -4.65 3.67
C THR D 238 28.61 -5.86 4.35
N ALA D 239 29.47 -6.75 4.83
CA ALA D 239 29.04 -8.06 5.37
C ALA D 239 28.07 -7.89 6.51
N ARG D 240 28.44 -7.12 7.54
CA ARG D 240 27.45 -6.85 8.58
C ARG D 240 26.15 -6.32 7.96
N GLU D 241 26.23 -5.48 6.91
CA GLU D 241 24.99 -4.95 6.35
C GLU D 241 24.07 -6.06 5.78
N ILE D 242 24.66 -7.06 5.13
CA ILE D 242 23.85 -8.08 4.47
C ILE D 242 23.16 -8.92 5.57
N PHE D 243 23.95 -9.32 6.54
CA PHE D 243 23.41 -9.97 7.72
C PHE D 243 22.19 -9.18 8.16
N VAL D 244 22.37 -7.90 8.48
CA VAL D 244 21.32 -7.16 9.17
C VAL D 244 20.12 -6.80 8.28
N GLN D 245 20.38 -6.50 7.01
CA GLN D 245 19.35 -6.21 6.03
C GLN D 245 18.50 -7.45 5.80
N SER D 246 19.16 -8.59 5.64
CA SER D 246 18.44 -9.85 5.46
C SER D 246 17.53 -10.18 6.65
N ARG D 247 18.07 -10.37 7.85
CA ARG D 247 17.21 -10.45 9.06
C ARG D 247 16.02 -9.46 8.99
N ARG D 248 16.31 -8.18 8.81
CA ARG D 248 15.32 -7.12 9.03
C ARG D 248 14.32 -6.92 7.90
N GLY D 249 14.73 -7.19 6.66
CA GLY D 249 13.91 -7.04 5.50
C GLY D 249 13.13 -8.29 5.15
N GLY D 250 13.16 -9.31 6.02
CA GLY D 250 12.30 -10.48 5.89
C GLY D 250 12.81 -11.50 4.89
N LEU D 251 14.10 -11.46 4.56
CA LEU D 251 14.67 -12.42 3.58
C LEU D 251 14.95 -13.79 4.23
N ALA D 252 14.97 -14.84 3.41
CA ALA D 252 15.47 -16.16 3.82
C ALA D 252 16.74 -16.34 3.00
N LEU D 253 17.85 -15.89 3.59
CA LEU D 253 19.16 -15.79 2.94
C LEU D 253 19.86 -17.14 2.68
N ARG D 254 20.01 -17.51 1.42
CA ARG D 254 20.72 -18.73 1.07
C ARG D 254 22.08 -18.47 0.40
N GLY D 255 22.41 -17.24 0.01
CA GLY D 255 23.75 -17.02 -0.44
C GLY D 255 24.10 -15.56 -0.74
N VAL D 256 25.39 -15.33 -0.94
CA VAL D 256 25.87 -14.07 -1.58
C VAL D 256 26.62 -14.34 -2.90
N ALA D 257 26.53 -13.43 -3.84
CA ALA D 257 27.32 -13.55 -5.08
C ALA D 257 28.14 -12.30 -5.23
N GLY D 258 29.41 -12.44 -5.58
CA GLY D 258 30.23 -11.27 -5.89
C GLY D 258 31.50 -11.52 -6.64
N SER D 259 32.25 -10.45 -6.80
CA SER D 259 33.46 -10.48 -7.60
C SER D 259 34.70 -10.28 -6.71
N LEU D 260 35.87 -10.61 -7.27
CA LEU D 260 37.10 -10.62 -6.51
C LEU D 260 38.15 -9.66 -7.10
N GLY D 261 38.58 -8.70 -6.28
CA GLY D 261 39.71 -7.81 -6.61
C GLY D 261 40.89 -8.15 -5.73
N THR D 262 40.87 -7.58 -4.53
CA THR D 262 41.76 -7.96 -3.48
C THR D 262 41.20 -9.20 -2.79
N SER D 263 39.87 -9.28 -2.87
CA SER D 263 38.98 -10.21 -2.18
C SER D 263 38.42 -9.52 -0.93
N GLY D 264 38.81 -8.27 -0.70
CA GLY D 264 38.28 -7.50 0.43
C GLY D 264 36.85 -7.92 0.75
N HIS D 265 35.88 -7.52 -0.09
CA HIS D 265 34.46 -7.50 0.35
C HIS D 265 33.82 -8.88 0.39
N MET D 266 34.14 -9.72 -0.59
CA MET D 266 33.53 -11.04 -0.65
C MET D 266 34.09 -12.08 0.30
N SER D 267 35.31 -11.87 0.77
CA SER D 267 35.84 -12.71 1.84
C SER D 267 35.10 -12.34 3.13
N ALA D 268 34.96 -11.04 3.38
CA ALA D 268 34.17 -10.58 4.56
C ALA D 268 32.67 -11.05 4.57
N ALA D 269 31.96 -10.88 3.46
CA ALA D 269 30.53 -11.37 3.37
C ALA D 269 30.53 -12.88 3.54
N ALA D 270 31.40 -13.57 2.82
CA ALA D 270 31.44 -15.04 2.96
C ALA D 270 31.80 -15.52 4.38
N PHE D 271 32.87 -14.98 4.96
CA PHE D 271 33.26 -15.33 6.35
C PHE D 271 32.17 -14.99 7.36
N TYR D 272 31.66 -13.77 7.26
CA TYR D 272 30.77 -13.23 8.32
C TYR D 272 29.49 -14.07 8.40
N LEU D 273 28.90 -14.33 7.25
CA LEU D 273 27.63 -15.07 7.16
C LEU D 273 27.75 -16.60 7.25
N GLN D 274 28.86 -17.17 6.79
CA GLN D 274 29.12 -18.61 7.03
C GLN D 274 29.32 -18.91 8.52
N SER D 275 29.82 -17.92 9.28
CA SER D 275 29.82 -17.98 10.74
C SER D 275 28.42 -18.18 11.35
N VAL D 276 27.48 -17.36 10.89
CA VAL D 276 26.08 -17.37 11.37
C VAL D 276 25.39 -18.64 10.88
N ASP D 277 25.70 -19.02 9.64
CA ASP D 277 25.07 -20.16 8.98
C ASP D 277 26.01 -20.69 7.86
N PRO D 278 26.67 -21.86 8.10
CA PRO D 278 27.60 -22.46 7.12
C PRO D 278 27.01 -22.88 5.77
N SER D 279 25.70 -23.01 5.68
CA SER D 279 25.03 -23.35 4.42
C SER D 279 25.01 -22.19 3.42
N ILE D 280 25.03 -20.95 3.93
CA ILE D 280 25.01 -19.75 3.10
C ILE D 280 26.17 -19.81 2.13
N ARG D 281 25.83 -19.89 0.85
CA ARG D 281 26.78 -20.15 -0.21
C ARG D 281 27.43 -18.83 -0.60
N ALA D 282 28.70 -18.86 -1.01
CA ALA D 282 29.28 -17.67 -1.69
C ALA D 282 29.58 -18.09 -3.13
N VAL D 283 28.96 -17.36 -4.08
CA VAL D 283 29.00 -17.66 -5.50
C VAL D 283 29.90 -16.59 -6.11
N LEU D 284 31.15 -16.95 -6.36
CA LEU D 284 32.19 -16.00 -6.73
C LEU D 284 32.54 -16.08 -8.21
N VAL D 285 33.04 -14.95 -8.76
CA VAL D 285 33.31 -14.77 -10.19
C VAL D 285 34.81 -14.87 -10.54
N GLN D 286 35.10 -15.51 -11.67
CA GLN D 286 36.44 -15.57 -12.27
C GLN D 286 36.37 -14.98 -13.69
N PRO D 287 36.99 -13.82 -13.96
CA PRO D 287 37.01 -13.39 -15.36
C PRO D 287 37.66 -14.47 -16.22
N ALA D 288 37.12 -14.66 -17.42
CA ALA D 288 37.54 -15.74 -18.30
C ALA D 288 39.02 -15.59 -18.64
N GLN D 289 39.69 -16.72 -18.78
CA GLN D 289 41.11 -16.72 -19.09
C GLN D 289 41.32 -16.00 -20.42
N GLY D 290 42.05 -14.88 -20.37
CA GLY D 290 42.23 -13.99 -21.52
C GLY D 290 41.31 -12.77 -21.60
N ASP D 291 40.33 -12.67 -20.68
CA ASP D 291 39.38 -11.55 -20.67
C ASP D 291 39.63 -10.58 -19.52
N SER D 292 39.40 -9.31 -19.80
CA SER D 292 39.44 -8.25 -18.80
C SER D 292 38.01 -7.92 -18.39
N ILE D 293 37.81 -7.73 -17.09
CA ILE D 293 36.59 -7.12 -16.55
C ILE D 293 37.11 -6.09 -15.53
N PRO D 294 36.81 -4.78 -15.73
CA PRO D 294 37.47 -3.83 -14.81
C PRO D 294 37.08 -4.03 -13.35
N GLY D 295 38.06 -3.76 -12.47
CA GLY D 295 37.94 -3.99 -11.04
C GLY D 295 38.39 -5.34 -10.51
N ILE D 296 38.37 -6.38 -11.35
CA ILE D 296 38.35 -7.75 -10.85
C ILE D 296 39.39 -8.69 -11.47
N ALA D 297 39.62 -9.83 -10.81
CA ALA D 297 40.67 -10.79 -11.26
C ALA D 297 40.37 -12.23 -10.92
N ARG D 298 41.20 -13.10 -11.51
CA ARG D 298 41.20 -14.50 -11.21
C ARG D 298 41.90 -14.75 -9.86
N VAL D 299 41.40 -15.73 -9.11
CA VAL D 299 41.94 -16.12 -7.79
C VAL D 299 43.47 -16.36 -7.86
N GLU D 300 43.88 -17.28 -8.72
CA GLU D 300 45.30 -17.60 -8.96
C GLU D 300 46.30 -16.43 -9.11
N THR D 301 45.86 -15.23 -9.52
CA THR D 301 46.77 -14.07 -9.55
C THR D 301 47.14 -13.56 -8.16
N GLY D 302 46.53 -14.14 -7.12
CA GLY D 302 46.94 -13.90 -5.75
C GLY D 302 45.99 -12.92 -5.08
N MET D 303 45.32 -13.41 -4.04
CA MET D 303 44.41 -12.61 -3.22
C MET D 303 44.56 -13.14 -1.80
N LEU D 304 44.56 -12.23 -0.82
CA LEU D 304 44.96 -12.62 0.54
C LEU D 304 43.86 -13.40 1.25
N TRP D 305 42.77 -12.74 1.63
CA TRP D 305 41.82 -13.30 2.61
C TRP D 305 41.05 -14.51 2.05
N ILE D 306 40.67 -14.45 0.78
CA ILE D 306 39.80 -15.49 0.21
C ILE D 306 40.40 -16.88 0.36
N ASN D 307 41.72 -16.98 0.25
CA ASN D 307 42.47 -18.23 0.43
C ASN D 307 42.81 -18.49 1.91
N MET D 308 43.41 -17.51 2.59
CA MET D 308 43.86 -17.70 3.99
C MET D 308 42.75 -17.95 5.02
N LEU D 309 41.51 -17.55 4.74
CA LEU D 309 40.43 -17.67 5.74
C LEU D 309 39.62 -18.96 5.56
N ASP D 310 38.90 -19.35 6.61
CA ASP D 310 38.11 -20.61 6.63
C ASP D 310 36.73 -20.42 5.95
N ILE D 311 36.73 -20.30 4.63
CA ILE D 311 35.55 -19.86 3.83
C ILE D 311 35.19 -20.88 2.73
N SER D 312 33.95 -21.36 2.70
CA SER D 312 33.44 -22.18 1.58
C SER D 312 33.02 -21.23 0.48
N TYR D 313 33.33 -21.57 -0.77
CA TYR D 313 32.87 -20.81 -1.90
C TYR D 313 32.98 -21.60 -3.19
N THR D 314 32.05 -21.26 -4.08
CA THR D 314 31.93 -21.82 -5.41
C THR D 314 32.60 -20.80 -6.31
N LEU D 315 33.16 -21.28 -7.42
CA LEU D 315 33.64 -20.41 -8.50
C LEU D 315 32.75 -20.59 -9.74
N ALA D 316 32.71 -19.53 -10.58
CA ALA D 316 32.07 -19.60 -11.91
C ALA D 316 32.72 -18.62 -12.91
N GLU D 317 33.37 -19.18 -13.94
CA GLU D 317 34.01 -18.43 -15.04
C GLU D 317 33.02 -17.54 -15.83
N VAL D 318 33.37 -16.27 -16.07
CA VAL D 318 32.54 -15.31 -16.82
C VAL D 318 33.38 -14.47 -17.82
N THR D 319 32.93 -14.36 -19.08
CA THR D 319 33.61 -13.50 -20.06
C THR D 319 33.17 -12.07 -19.89
N LEU D 320 33.96 -11.12 -20.41
CA LEU D 320 33.54 -9.73 -20.48
C LEU D 320 32.16 -9.68 -21.12
N GLU D 321 32.03 -10.31 -22.29
CA GLU D 321 30.77 -10.31 -23.04
C GLU D 321 29.58 -10.84 -22.24
N GLU D 322 29.78 -11.91 -21.46
CA GLU D 322 28.69 -12.49 -20.64
C GLU D 322 28.27 -11.64 -19.46
N ALA D 323 29.23 -10.92 -18.89
CA ALA D 323 28.97 -9.93 -17.84
C ALA D 323 28.24 -8.70 -18.40
N MET D 324 28.55 -8.34 -19.63
CA MET D 324 27.84 -7.24 -20.27
C MET D 324 26.39 -7.64 -20.64
N GLU D 325 26.20 -8.83 -21.17
CA GLU D 325 24.83 -9.35 -21.36
C GLU D 325 23.98 -9.31 -20.08
N ALA D 326 24.60 -9.51 -18.92
CA ALA D 326 23.90 -9.39 -17.62
C ALA D 326 23.56 -7.95 -17.22
N VAL D 327 24.42 -7.00 -17.60
CA VAL D 327 24.16 -5.54 -17.38
C VAL D 327 23.02 -5.00 -18.26
N VAL D 328 22.96 -5.44 -19.52
CA VAL D 328 21.85 -5.13 -20.40
C VAL D 328 20.56 -5.69 -19.79
N GLU D 329 20.61 -6.98 -19.44
CA GLU D 329 19.43 -7.65 -18.90
C GLU D 329 18.88 -6.90 -17.70
N VAL D 330 19.71 -6.71 -16.67
CA VAL D 330 19.25 -6.04 -15.43
C VAL D 330 18.72 -4.62 -15.73
N ALA D 331 19.42 -3.87 -16.59
CA ALA D 331 18.98 -2.52 -16.94
C ALA D 331 17.57 -2.51 -17.54
N ARG D 332 17.28 -3.49 -18.37
CA ARG D 332 15.97 -3.60 -19.00
C ARG D 332 14.87 -4.21 -18.09
N SER D 333 15.23 -4.95 -17.05
CA SER D 333 14.24 -5.50 -16.12
C SER D 333 13.92 -4.62 -14.92
N ASP D 334 14.94 -3.90 -14.43
CA ASP D 334 14.83 -3.14 -13.17
C ASP D 334 14.99 -1.64 -13.34
N GLY D 335 15.51 -1.19 -14.49
CA GLY D 335 15.80 0.23 -14.71
C GLY D 335 17.12 0.74 -14.14
N LEU D 336 17.91 -0.18 -13.57
CA LEU D 336 19.14 0.11 -12.84
C LEU D 336 20.33 -0.20 -13.74
N VAL D 337 21.32 0.67 -13.69
CA VAL D 337 22.51 0.55 -14.54
C VAL D 337 23.68 0.03 -13.67
N ILE D 338 23.82 -1.30 -13.53
CA ILE D 338 24.95 -1.87 -12.76
C ILE D 338 26.22 -1.95 -13.63
N GLY D 339 27.38 -1.79 -12.98
CA GLY D 339 28.70 -1.83 -13.65
C GLY D 339 29.10 -3.24 -14.05
N PRO D 340 30.15 -3.36 -14.90
CA PRO D 340 30.65 -4.66 -15.40
C PRO D 340 30.83 -5.75 -14.37
N SER D 341 31.39 -5.43 -13.20
CA SER D 341 31.71 -6.43 -12.17
C SER D 341 30.49 -6.95 -11.43
N GLY D 342 29.39 -6.18 -11.45
CA GLY D 342 28.09 -6.67 -10.96
C GLY D 342 27.42 -7.58 -11.97
N GLY D 343 27.49 -7.19 -13.24
CA GLY D 343 27.03 -8.06 -14.34
C GLY D 343 27.59 -9.44 -14.15
N ALA D 344 28.91 -9.47 -14.04
CA ALA D 344 29.71 -10.64 -13.84
C ALA D 344 29.12 -11.55 -12.75
N ALA D 345 28.85 -10.96 -11.59
CA ALA D 345 28.31 -11.69 -10.42
C ALA D 345 26.84 -12.12 -10.48
N VAL D 346 26.00 -11.30 -11.15
CA VAL D 346 24.61 -11.64 -11.44
C VAL D 346 24.62 -12.87 -12.36
N LYS D 347 25.45 -12.81 -13.42
CA LYS D 347 25.71 -13.95 -14.33
C LYS D 347 26.22 -15.22 -13.65
N ALA D 348 27.20 -15.07 -12.75
CA ALA D 348 27.70 -16.20 -11.95
C ALA D 348 26.59 -16.87 -11.13
N LEU D 349 25.81 -16.05 -10.43
CA LEU D 349 24.64 -16.52 -9.70
C LEU D 349 23.66 -17.30 -10.61
N ALA D 350 23.26 -16.65 -11.70
CA ALA D 350 22.39 -17.23 -12.73
C ALA D 350 22.91 -18.54 -13.31
N LYS D 351 24.22 -18.63 -13.54
CA LYS D 351 24.83 -19.91 -13.96
C LYS D 351 24.67 -21.01 -12.91
N LYS D 352 24.89 -20.65 -11.65
CA LYS D 352 24.85 -21.61 -10.54
C LYS D 352 23.43 -22.01 -10.15
N ALA D 353 22.46 -21.15 -10.39
CA ALA D 353 21.05 -21.51 -10.20
C ALA D 353 20.65 -22.55 -11.24
N ALA D 354 21.05 -22.33 -12.49
CA ALA D 354 20.78 -23.26 -13.60
C ALA D 354 21.35 -24.66 -13.39
N GLU D 355 22.51 -24.77 -12.72
CA GLU D 355 23.08 -26.07 -12.32
C GLU D 355 22.21 -26.85 -11.32
N GLY D 356 21.50 -26.12 -10.45
CA GLY D 356 20.66 -26.73 -9.41
C GLY D 356 21.38 -26.97 -8.10
N ASP D 357 22.51 -26.29 -7.89
CA ASP D 357 23.22 -26.29 -6.60
C ASP D 357 22.40 -25.64 -5.48
N LEU D 358 21.77 -24.52 -5.81
CA LEU D 358 21.35 -23.57 -4.80
C LEU D 358 20.02 -23.93 -4.18
N GLU D 359 19.91 -23.76 -2.86
CA GLU D 359 18.61 -23.87 -2.17
C GLU D 359 17.79 -22.70 -2.68
N PRO D 360 16.49 -22.92 -2.97
CA PRO D 360 15.71 -21.79 -3.42
C PRO D 360 15.67 -20.82 -2.25
N GLY D 361 15.53 -19.55 -2.54
CA GLY D 361 15.52 -18.56 -1.45
C GLY D 361 16.25 -17.33 -1.92
N ASP D 362 16.60 -16.45 -0.99
CA ASP D 362 17.15 -15.16 -1.36
C ASP D 362 18.67 -15.10 -1.42
N TYR D 363 19.10 -14.43 -2.49
CA TYR D 363 20.45 -14.38 -2.85
C TYR D 363 20.71 -12.90 -2.96
N VAL D 364 21.66 -12.41 -2.21
CA VAL D 364 22.13 -11.04 -2.48
C VAL D 364 23.31 -11.11 -3.41
N VAL D 365 23.33 -10.26 -4.45
CA VAL D 365 24.44 -10.05 -5.37
C VAL D 365 25.04 -8.70 -4.97
N VAL D 366 26.35 -8.64 -4.70
CA VAL D 366 27.07 -7.37 -4.44
C VAL D 366 27.46 -6.66 -5.74
N VAL D 367 26.82 -5.53 -5.97
CA VAL D 367 27.01 -4.69 -7.14
C VAL D 367 28.00 -3.60 -6.69
N PRO D 368 29.30 -3.70 -7.09
CA PRO D 368 30.40 -2.82 -6.64
C PRO D 368 30.35 -1.34 -7.06
N ASP D 369 29.81 -1.04 -8.25
CA ASP D 369 29.54 0.35 -8.68
C ASP D 369 28.48 0.46 -9.85
N THR D 370 28.47 1.61 -10.52
CA THR D 370 27.45 2.02 -11.46
C THR D 370 27.98 1.94 -12.88
N GLY D 371 27.15 1.34 -13.74
CA GLY D 371 27.38 1.24 -15.17
C GLY D 371 27.56 2.57 -15.85
N PHE D 372 27.06 3.66 -15.24
CA PHE D 372 27.29 5.01 -15.73
C PHE D 372 28.78 5.32 -15.94
N LYS D 373 29.68 4.65 -15.22
CA LYS D 373 31.13 4.92 -15.35
C LYS D 373 31.85 4.03 -16.36
N TYR D 374 31.11 3.44 -17.30
CA TYR D 374 31.59 2.34 -18.16
C TYR D 374 30.89 2.37 -19.52
N LEU D 375 30.81 3.58 -20.08
CA LEU D 375 29.97 3.88 -21.24
C LEU D 375 30.53 3.16 -22.46
N SER D 376 31.86 3.25 -22.64
CA SER D 376 32.61 2.56 -23.72
C SER D 376 32.28 1.08 -23.83
N LEU D 377 32.13 0.44 -22.68
CA LEU D 377 31.79 -0.98 -22.60
C LEU D 377 30.31 -1.25 -22.90
N VAL D 378 29.47 -0.37 -22.38
CA VAL D 378 28.01 -0.39 -22.62
C VAL D 378 27.71 -0.33 -24.12
N GLN D 379 28.35 0.61 -24.82
CA GLN D 379 28.34 0.70 -26.28
C GLN D 379 28.70 -0.63 -26.95
N ASN D 380 29.82 -1.23 -26.55
CA ASN D 380 30.24 -2.53 -27.10
C ASN D 380 29.24 -3.66 -26.80
N ALA D 381 28.53 -3.55 -25.67
CA ALA D 381 27.47 -4.49 -25.28
C ALA D 381 26.18 -4.34 -26.11
N LEU D 382 25.96 -3.15 -26.65
CA LEU D 382 24.84 -2.90 -27.57
C LEU D 382 25.23 -3.12 -29.05
N GLU D 383 26.50 -3.46 -29.31
CA GLU D 383 27.14 -3.51 -30.64
C GLU D 383 26.64 -2.46 -31.64
#